data_7CCR
#
_entry.id   7CCR
#
_cell.length_a   1.00
_cell.length_b   1.00
_cell.length_c   1.00
_cell.angle_alpha   90.00
_cell.angle_beta   90.00
_cell.angle_gamma   90.00
#
_symmetry.space_group_name_H-M   'P 1'
#
loop_
_entity.id
_entity.type
_entity.pdbx_description
1 polymer 'Histone H3.1'
2 polymer 'Histone H4'
3 polymer 'Histone H2A type 1-B/E'
4 polymer 'Histone H2B type 1-J'
5 polymer 'DNA (147-MER)'
6 polymer 'DNA (147-MER)'
7 polymer 'Cyclic GMP-AMP synthase'
#
loop_
_entity_poly.entity_id
_entity_poly.type
_entity_poly.pdbx_seq_one_letter_code
_entity_poly.pdbx_strand_id
1 'polypeptide(L)'
;PHRYRPGTVALREIRRYQKSTELLIRKLPFQRLVREIAQDFKTDLRFQSSAVMALQEACEAYLVGLFEDTNLCAIHAKRV
TIMPKDIQLARRIRGERA
;
A,E,L,P
2 'polypeptide(L)' RDNIQGITKPAIRRLARRGGVKRISGLIYEETRGVLKVFLENVIRDAVTYTEHAKRKTVTAMDVVYALKRQGRTLYGFGG B,F,M,Q
3 'polypeptide(L)'
;KTRSSRAGLQFPVGRVHRLLRKGNYSERVGAGAPVYLAAVLEYLTAEILELAGNAARDNKKTRIIPRHLQLAIRNDEELN
KLLGRVTIAQGGVLPNIQAVLLP
;
C,G,N,R
4 'polypeptide(L)'
;SRKESYSIYVYKVLKQVHPDTGISSKAMGIMNSFVNDIFERIAGEASRLAHYNKRSTITSREIQTAVRLLLPGELAKHAV
SEGTKAVTKYTSA
;
D,H,O,S
5 'polydeoxyribonucleotide'
;(DA)(DC)(DA)(DG)(DG)(DA)(DT)(DG)(DT)(DA)(DT)(DA)(DT)(DA)(DT)(DC)(DT)(DG)(DA)(DC)
(DA)(DC)(DG)(DT)(DG)(DC)(DC)(DT)(DG)(DG)(DA)(DG)(DA)(DC)(DT)(DA)(DG)(DG)(DG)(DA)
(DG)(DT)(DA)(DA)(DT)(DC)(DC)(DC)(DC)(DT)(DT)(DG)(DG)(DC)(DG)(DG)(DT)(DT)(DA)(DA)
(DA)(DA)(DC)(DG)(DC)(DG)(DG)(DG)(DG)(DG)(DA)(DC)(DA)(DG)(DC)(DG)(DC)(DG)(DT)(DA)
(DC)(DG)(DT)(DG)(DC)(DG)(DT)(DT)(DT)(DA)(DA)(DG)(DC)(DG)(DG)(DT)(DG)(DC)(DT)(DA)
(DG)(DA)(DG)(DC)(DT)(DG)(DT)(DC)(DT)(DA)(DC)(DG)(DA)(DC)(DC)(DA)(DA)(DT)(DT)(DG)
(DA)(DG)(DC)(DG)(DG)(DC)(DC)(DT)(DC)(DG)(DG)(DC)(DA)(DC)(DC)(DG)(DG)(DG)(DA)(DT)
(DT)(DC)(DT)(DC)(DC)(DA)(DG)
;
I,T
6 'polydeoxyribonucleotide'
;(DC)(DT)(DG)(DG)(DA)(DG)(DA)(DA)(DT)(DC)(DC)(DC)(DG)(DG)(DT)(DG)(DC)(DC)(DG)(DA)
(DG)(DG)(DC)(DC)(DG)(DC)(DT)(DC)(DA)(DA)(DT)(DT)(DG)(DG)(DT)(DC)(DG)(DT)(DA)(DG)
(DA)(DC)(DA)(DG)(DC)(DT)(DC)(DT)(DA)(DG)(DC)(DA)(DC)(DC)(DG)(DC)(DT)(DT)(DA)(DA)
(DA)(DC)(DG)(DC)(DA)(DC)(DG)(DT)(DA)(DC)(DG)(DC)(DG)(DC)(DT)(DG)(DT)(DC)(DC)(DC)
(DC)(DC)(DG)(DC)(DG)(DT)(DT)(DT)(DT)(DA)(DA)(DC)(DC)(DG)(DC)(DC)(DA)(DA)(DG)(DG)
(DG)(DG)(DA)(DT)(DT)(DA)(DC)(DT)(DC)(DC)(DC)(DT)(DA)(DG)(DT)(DC)(DT)(DC)(DC)(DA)
(DG)(DG)(DC)(DA)(DC)(DG)(DT)(DG)(DT)(DC)(DA)(DG)(DA)(DT)(DA)(DT)(DA)(DT)(DA)(DC)
(DA)(DT)(DC)(DC)(DT)(DG)(DT)
;
J,U
7 'polypeptide(L)'
;DAAPGASKLRAVLEKLKLSRDDISTAAGMVKGVVDHLLLRLKCDSAFRGVGLLNTGSYYEHVKISAPNEFDVMFKLEVPR
IQLEEYSNTRAYYFVKFKRNPKENPLSQFLEGEILSASKMLSKFRKIIKEEINDIKDTDVIMKRKRGGSPAVTLLISEKI
SVDITLALESKSSWPASTQEGLRIQNWLSAKVRKQLRLKPFYLVPKHAKEGNGFQEETWRLSFSHIEKEILNNHGKSKTC
CENKEEKCCRKDCLKLMKYLLEQLKERFKDKKHLDKFSSYHVKTAFFHVCTQNPQDSQWDRKDLGLCFDNCVTYFLQCLR
TEKLENYFIPEFNLFSSNLIDKRSKEFLTKQIEYERNNEFPVFDEF
;
K,V
#
# COMPACT_ATOMS: atom_id res chain seq x y z
N ARG A 3 19.22 -15.39 64.05
CA ARG A 3 18.16 -15.31 63.05
C ARG A 3 16.91 -14.61 63.58
N TYR A 4 16.46 -13.60 62.86
CA TYR A 4 15.29 -12.85 63.29
C TYR A 4 14.00 -13.61 62.95
N ARG A 5 12.93 -13.21 63.62
CA ARG A 5 11.62 -13.75 63.33
C ARG A 5 11.22 -13.37 61.91
N PRO A 6 10.59 -14.27 61.15
CA PRO A 6 10.25 -13.94 59.77
C PRO A 6 9.13 -12.92 59.69
N GLY A 7 9.53 -11.65 59.74
CA GLY A 7 8.60 -10.54 59.74
C GLY A 7 9.12 -9.37 60.56
N THR A 8 10.08 -9.63 61.45
CA THR A 8 10.66 -8.56 62.26
C THR A 8 11.47 -7.60 61.40
N VAL A 9 12.37 -8.14 60.57
CA VAL A 9 13.13 -7.25 59.70
C VAL A 9 12.27 -6.76 58.57
N ALA A 10 11.14 -7.41 58.31
CA ALA A 10 10.16 -6.88 57.36
C ALA A 10 9.50 -5.63 57.89
N LEU A 11 9.06 -5.64 59.15
CA LEU A 11 8.52 -4.42 59.77
C LEU A 11 9.59 -3.36 59.95
N ARG A 12 10.84 -3.78 60.13
CA ARG A 12 11.94 -2.81 60.19
C ARG A 12 12.14 -2.14 58.85
N GLU A 13 12.02 -2.91 57.77
CA GLU A 13 12.04 -2.33 56.42
C GLU A 13 10.83 -1.43 56.18
N ILE A 14 9.67 -1.78 56.74
CA ILE A 14 8.49 -0.94 56.57
C ILE A 14 8.70 0.41 57.24
N ARG A 15 9.24 0.39 58.46
CA ARG A 15 9.60 1.63 59.15
C ARG A 15 10.69 2.40 58.42
N ARG A 16 11.55 1.69 57.70
CA ARG A 16 12.56 2.37 56.89
C ARG A 16 11.90 3.05 55.70
N TYR A 17 11.22 2.28 54.86
CA TYR A 17 10.77 2.77 53.57
C TYR A 17 9.55 3.67 53.65
N GLN A 18 8.79 3.66 54.75
CA GLN A 18 7.76 4.68 54.87
C GLN A 18 8.38 6.02 55.22
N LYS A 19 9.52 6.01 55.89
CA LYS A 19 10.23 7.24 56.17
C LYS A 19 10.94 7.75 54.93
N SER A 20 11.46 6.85 54.11
CA SER A 20 12.25 7.24 52.96
C SER A 20 11.35 7.74 51.83
N THR A 21 11.93 8.55 50.96
CA THR A 21 11.22 9.19 49.87
C THR A 21 11.74 8.80 48.50
N GLU A 22 12.93 8.24 48.41
CA GLU A 22 13.62 8.08 47.14
C GLU A 22 12.99 6.99 46.30
N LEU A 23 13.41 6.93 45.04
CA LEU A 23 12.89 5.96 44.10
C LEU A 23 13.40 4.58 44.47
N LEU A 24 12.49 3.59 44.49
CA LEU A 24 12.87 2.25 44.88
C LEU A 24 13.11 1.33 43.69
N ILE A 25 12.62 1.71 42.52
CA ILE A 25 12.93 0.98 41.30
C ILE A 25 14.27 1.49 40.78
N ARG A 26 15.09 0.57 40.30
CA ARG A 26 16.38 0.94 39.72
C ARG A 26 16.17 1.74 38.45
N LYS A 27 16.98 2.80 38.29
CA LYS A 27 16.72 3.84 37.29
C LYS A 27 16.79 3.31 35.87
N LEU A 28 17.91 2.70 35.51
CA LEU A 28 18.15 2.30 34.13
C LEU A 28 17.30 1.13 33.62
N PRO A 29 17.01 0.06 34.39
CA PRO A 29 16.02 -0.92 33.89
C PRO A 29 14.64 -0.33 33.73
N PHE A 30 14.25 0.56 34.64
CA PHE A 30 12.96 1.22 34.51
C PHE A 30 12.92 2.11 33.28
N GLN A 31 13.99 2.84 33.04
CA GLN A 31 14.05 3.75 31.89
C GLN A 31 14.08 2.98 30.59
N ARG A 32 14.77 1.84 30.58
CA ARG A 32 14.78 0.99 29.39
C ARG A 32 13.40 0.38 29.16
N LEU A 33 12.68 0.07 30.24
CA LEU A 33 11.30 -0.39 30.13
C LEU A 33 10.40 0.70 29.55
N VAL A 34 10.59 1.95 29.99
CA VAL A 34 9.80 3.06 29.47
C VAL A 34 10.08 3.28 28.00
N ARG A 35 11.35 3.15 27.61
CA ARG A 35 11.70 3.29 26.21
C ARG A 35 11.16 2.14 25.37
N GLU A 36 11.07 0.93 25.94
CA GLU A 36 10.48 -0.19 25.22
C GLU A 36 8.99 0.00 25.01
N ILE A 37 8.28 0.45 26.05
CA ILE A 37 6.85 0.68 25.95
C ILE A 37 6.56 1.83 25.00
N ALA A 38 7.42 2.84 24.97
CA ALA A 38 7.24 3.92 24.00
C ALA A 38 7.60 3.46 22.60
N GLN A 39 8.57 2.55 22.48
CA GLN A 39 8.93 1.99 21.18
C GLN A 39 7.80 1.16 20.62
N ASP A 40 6.95 0.63 21.49
CA ASP A 40 5.74 -0.03 21.04
C ASP A 40 4.79 0.96 20.35
N PHE A 41 4.68 2.18 20.87
CA PHE A 41 3.72 3.12 20.28
C PHE A 41 4.31 3.83 19.07
N LYS A 42 5.34 4.64 19.28
CA LYS A 42 5.99 5.37 18.21
C LYS A 42 7.49 5.12 18.26
N THR A 43 8.06 4.78 17.13
CA THR A 43 9.48 4.47 17.08
C THR A 43 10.33 5.73 17.15
N ASP A 44 11.53 5.57 17.73
CA ASP A 44 12.60 6.57 17.77
C ASP A 44 12.14 7.86 18.46
N LEU A 45 11.85 7.72 19.75
CA LEU A 45 11.48 8.84 20.60
C LEU A 45 12.58 9.17 21.59
N ARG A 46 12.71 10.45 21.90
CA ARG A 46 13.69 10.92 22.87
C ARG A 46 13.00 11.41 24.12
N PHE A 47 13.63 11.17 25.26
CA PHE A 47 13.06 11.44 26.57
C PHE A 47 13.90 12.45 27.33
N GLN A 48 13.26 13.45 27.92
CA GLN A 48 13.92 14.20 28.97
C GLN A 48 14.07 13.29 30.19
N SER A 49 15.24 13.36 30.82
CA SER A 49 15.49 12.54 32.00
C SER A 49 14.59 12.95 33.17
N SER A 50 14.26 14.23 33.25
CA SER A 50 13.29 14.69 34.24
C SER A 50 11.91 14.10 33.99
N ALA A 51 11.57 13.87 32.72
CA ALA A 51 10.30 13.24 32.40
C ALA A 51 10.29 11.79 32.86
N VAL A 52 11.43 11.12 32.73
CA VAL A 52 11.53 9.73 33.16
C VAL A 52 11.47 9.65 34.68
N MET A 53 12.14 10.57 35.36
CA MET A 53 12.09 10.59 36.81
C MET A 53 10.70 10.92 37.34
N ALA A 54 10.00 11.85 36.70
CA ALA A 54 8.66 12.21 37.14
C ALA A 54 7.68 11.07 36.88
N LEU A 55 7.80 10.43 35.73
CA LEU A 55 6.95 9.29 35.43
C LEU A 55 7.25 8.11 36.35
N GLN A 56 8.50 8.00 36.82
CA GLN A 56 8.82 6.97 37.79
C GLN A 56 8.21 7.31 39.14
N GLU A 57 8.21 8.60 39.51
CA GLU A 57 7.53 9.06 40.72
C GLU A 57 6.05 8.71 40.68
N ALA A 58 5.41 8.93 39.54
CA ALA A 58 3.98 8.65 39.42
C ALA A 58 3.69 7.16 39.45
N CYS A 59 4.55 6.37 38.82
CA CYS A 59 4.33 4.93 38.81
C CYS A 59 4.56 4.31 40.17
N GLU A 60 5.59 4.77 40.89
CA GLU A 60 5.82 4.26 42.23
C GLU A 60 4.72 4.71 43.20
N ALA A 61 4.25 5.96 43.08
CA ALA A 61 3.20 6.41 43.99
C ALA A 61 1.89 5.69 43.73
N TYR A 62 1.61 5.40 42.46
CA TYR A 62 0.45 4.61 42.10
C TYR A 62 0.55 3.20 42.65
N LEU A 63 1.74 2.60 42.58
CA LEU A 63 1.87 1.26 43.12
C LEU A 63 1.85 1.23 44.63
N VAL A 64 2.28 2.31 45.28
CA VAL A 64 2.21 2.35 46.74
C VAL A 64 0.76 2.47 47.20
N GLY A 65 -0.03 3.29 46.50
CA GLY A 65 -1.46 3.34 46.79
C GLY A 65 -2.15 2.02 46.53
N LEU A 66 -1.77 1.35 45.43
CA LEU A 66 -2.33 0.05 45.11
C LEU A 66 -1.94 -1.00 46.14
N PHE A 67 -0.72 -0.92 46.67
CA PHE A 67 -0.28 -1.88 47.67
C PHE A 67 -0.93 -1.63 49.01
N GLU A 68 -1.23 -0.37 49.34
CA GLU A 68 -1.99 -0.09 50.54
C GLU A 68 -3.39 -0.66 50.45
N ASP A 69 -4.07 -0.43 49.32
CA ASP A 69 -5.44 -0.94 49.22
C ASP A 69 -5.48 -2.44 49.08
N THR A 70 -4.45 -3.03 48.47
CA THR A 70 -4.37 -4.48 48.35
C THR A 70 -4.11 -5.12 49.71
N ASN A 71 -3.25 -4.49 50.51
CA ASN A 71 -3.00 -4.98 51.86
C ASN A 71 -4.24 -4.87 52.73
N LEU A 72 -5.00 -3.78 52.57
CA LEU A 72 -6.26 -3.63 53.28
C LEU A 72 -7.25 -4.72 52.90
N CYS A 73 -7.32 -5.06 51.62
CA CYS A 73 -8.17 -6.16 51.18
C CYS A 73 -7.71 -7.49 51.78
N ALA A 74 -6.39 -7.72 51.83
CA ALA A 74 -5.90 -8.99 52.33
C ALA A 74 -6.09 -9.12 53.83
N ILE A 75 -6.01 -8.00 54.55
CA ILE A 75 -6.36 -8.00 55.98
C ILE A 75 -7.86 -8.20 56.14
N HIS A 76 -8.64 -7.68 55.20
CA HIS A 76 -10.08 -7.80 55.25
C HIS A 76 -10.55 -9.24 55.09
N ALA A 77 -9.80 -10.04 54.33
CA ALA A 77 -10.08 -11.46 54.21
C ALA A 77 -9.41 -12.28 55.32
N LYS A 78 -9.01 -11.62 56.41
CA LYS A 78 -8.35 -12.24 57.57
C LYS A 78 -7.08 -12.99 57.19
N ARG A 79 -6.35 -12.45 56.22
CA ARG A 79 -5.05 -12.99 55.87
C ARG A 79 -3.99 -11.93 56.08
N VAL A 80 -2.74 -12.35 56.03
CA VAL A 80 -1.60 -11.46 55.94
C VAL A 80 -0.84 -11.64 54.64
N THR A 81 -1.24 -12.62 53.83
CA THR A 81 -0.58 -12.91 52.56
C THR A 81 -1.40 -12.25 51.47
N ILE A 82 -0.75 -11.50 50.64
CA ILE A 82 -1.44 -10.88 49.52
C ILE A 82 -1.38 -11.84 48.33
N MET A 83 -2.39 -11.75 47.47
CA MET A 83 -2.57 -12.69 46.38
C MET A 83 -2.95 -11.91 45.13
N PRO A 84 -2.78 -12.50 43.94
CA PRO A 84 -3.26 -11.82 42.73
C PRO A 84 -4.77 -11.64 42.71
N LYS A 85 -5.50 -12.50 43.42
CA LYS A 85 -6.92 -12.29 43.67
C LYS A 85 -7.16 -10.96 44.36
N ASP A 86 -6.29 -10.61 45.32
CA ASP A 86 -6.40 -9.35 46.04
C ASP A 86 -6.18 -8.16 45.10
N ILE A 87 -5.24 -8.31 44.18
CA ILE A 87 -4.93 -7.24 43.24
C ILE A 87 -6.07 -7.03 42.27
N GLN A 88 -6.66 -8.13 41.79
CA GLN A 88 -7.83 -8.07 40.93
C GLN A 88 -9.01 -7.43 41.65
N LEU A 89 -9.16 -7.70 42.95
CA LEU A 89 -10.20 -7.04 43.73
C LEU A 89 -9.96 -5.54 43.81
N ALA A 90 -8.71 -5.14 44.08
CA ALA A 90 -8.38 -3.74 44.24
C ALA A 90 -8.59 -2.96 42.94
N ARG A 91 -8.18 -3.53 41.82
CA ARG A 91 -8.39 -2.84 40.54
C ARG A 91 -9.85 -2.86 40.12
N ARG A 92 -10.59 -3.89 40.52
CA ARG A 92 -12.01 -3.92 40.18
C ARG A 92 -12.79 -2.90 41.01
N ILE A 93 -12.32 -2.61 42.21
CA ILE A 93 -12.98 -1.59 43.01
C ILE A 93 -12.60 -0.20 42.52
N ARG A 94 -11.31 -0.01 42.20
CA ARG A 94 -10.86 1.27 41.64
C ARG A 94 -11.52 1.58 40.31
N GLY A 95 -11.85 0.55 39.54
CA GLY A 95 -12.53 0.75 38.28
C GLY A 95 -11.63 0.74 37.08
N GLU A 96 -10.41 0.23 37.20
CA GLU A 96 -9.43 0.26 36.13
C GLU A 96 -9.50 -0.96 35.22
N ARG A 97 -10.48 -1.83 35.42
CA ARG A 97 -10.67 -2.96 34.52
C ARG A 97 -12.15 -3.32 34.40
N ASP B 2 14.25 -9.52 29.53
CA ASP B 2 13.70 -8.30 28.96
C ASP B 2 13.60 -7.26 30.08
N ASN B 3 12.88 -6.18 29.84
CA ASN B 3 12.78 -5.11 30.82
C ASN B 3 11.63 -5.28 31.77
N ILE B 4 10.64 -6.11 31.41
CA ILE B 4 9.59 -6.41 32.37
C ILE B 4 10.15 -7.32 33.46
N GLN B 5 11.14 -8.16 33.13
CA GLN B 5 11.95 -8.82 34.14
C GLN B 5 12.92 -7.87 34.79
N GLY B 6 13.22 -6.74 34.14
CA GLY B 6 14.02 -5.71 34.77
C GLY B 6 13.32 -5.08 35.96
N ILE B 7 11.99 -5.12 35.98
CA ILE B 7 11.27 -4.91 37.22
C ILE B 7 11.43 -6.16 38.05
N THR B 8 12.33 -6.11 39.01
CA THR B 8 12.76 -7.30 39.72
C THR B 8 11.79 -7.64 40.84
N LYS B 9 11.89 -8.88 41.30
CA LYS B 9 11.15 -9.32 42.48
C LYS B 9 11.46 -8.52 43.75
N PRO B 10 12.70 -8.24 44.16
CA PRO B 10 12.87 -7.44 45.38
C PRO B 10 12.60 -5.96 45.22
N ALA B 11 12.52 -5.44 43.99
CA ALA B 11 12.07 -4.05 43.85
C ALA B 11 10.58 -3.94 44.14
N ILE B 12 9.81 -4.92 43.67
CA ILE B 12 8.39 -4.98 44.02
C ILE B 12 8.24 -5.22 45.51
N ARG B 13 9.14 -6.01 46.09
CA ARG B 13 9.08 -6.22 47.54
C ARG B 13 9.44 -4.96 48.31
N ARG B 14 10.35 -4.14 47.79
CA ARG B 14 10.67 -2.86 48.44
C ARG B 14 9.50 -1.90 48.32
N LEU B 15 8.82 -1.90 47.17
CA LEU B 15 7.62 -1.07 47.02
C LEU B 15 6.50 -1.51 47.96
N ALA B 16 6.37 -2.82 48.16
CA ALA B 16 5.34 -3.31 49.08
C ALA B 16 5.71 -3.01 50.52
N ARG B 17 7.00 -3.07 50.87
CA ARG B 17 7.41 -2.70 52.22
C ARG B 17 7.25 -1.21 52.46
N ARG B 18 7.40 -0.38 51.43
CA ARG B 18 7.02 1.02 51.61
C ARG B 18 5.50 1.13 51.79
N GLY B 19 4.76 0.31 51.05
CA GLY B 19 3.32 0.28 51.25
C GLY B 19 2.91 -0.36 52.56
N GLY B 20 3.76 -1.18 53.16
CA GLY B 20 3.46 -1.79 54.42
C GLY B 20 3.00 -3.22 54.37
N VAL B 21 3.37 -3.97 53.34
CA VAL B 21 2.93 -5.35 53.19
C VAL B 21 3.88 -6.25 53.95
N LYS B 22 3.32 -7.09 54.82
CA LYS B 22 4.13 -7.97 55.65
C LYS B 22 4.47 -9.28 54.97
N ARG B 23 3.65 -9.74 54.03
CA ARG B 23 3.88 -11.07 53.47
C ARG B 23 3.34 -11.12 52.05
N ILE B 24 4.18 -11.61 51.14
CA ILE B 24 3.99 -11.48 49.70
C ILE B 24 4.03 -12.86 49.07
N SER B 25 3.01 -13.19 48.27
CA SER B 25 3.04 -14.43 47.52
C SER B 25 3.96 -14.34 46.31
N GLY B 26 4.35 -15.51 45.81
CA GLY B 26 5.30 -15.59 44.70
C GLY B 26 4.71 -15.27 43.35
N LEU B 27 3.38 -15.14 43.29
CA LEU B 27 2.67 -14.83 42.07
C LEU B 27 2.30 -13.36 42.00
N ILE B 28 2.50 -12.64 43.11
CA ILE B 28 2.31 -11.18 43.16
C ILE B 28 3.16 -10.48 42.13
N TYR B 29 4.37 -10.97 41.90
CA TYR B 29 5.36 -10.24 41.13
C TYR B 29 4.98 -10.14 39.65
N GLU B 30 4.51 -11.25 39.08
CA GLU B 30 4.15 -11.24 37.67
C GLU B 30 2.90 -10.40 37.44
N GLU B 31 1.95 -10.45 38.38
CA GLU B 31 0.76 -9.63 38.30
C GLU B 31 1.09 -8.16 38.46
N THR B 32 2.10 -7.86 39.27
CA THR B 32 2.54 -6.48 39.45
C THR B 32 3.22 -5.97 38.19
N ARG B 33 3.95 -6.87 37.52
CA ARG B 33 4.52 -6.53 36.22
C ARG B 33 3.43 -6.21 35.20
N GLY B 34 2.35 -6.98 35.23
CA GLY B 34 1.25 -6.71 34.32
C GLY B 34 0.55 -5.38 34.59
N VAL B 35 0.30 -5.09 35.87
CA VAL B 35 -0.38 -3.85 36.24
C VAL B 35 0.49 -2.64 35.92
N LEU B 36 1.79 -2.74 36.23
CA LEU B 36 2.73 -1.68 35.93
C LEU B 36 2.83 -1.45 34.43
N LYS B 37 2.80 -2.54 33.67
CA LYS B 37 2.89 -2.43 32.21
C LYS B 37 1.66 -1.75 31.64
N VAL B 38 0.48 -2.07 32.18
CA VAL B 38 -0.76 -1.44 31.71
C VAL B 38 -0.76 0.05 32.04
N PHE B 39 -0.34 0.38 33.27
CA PHE B 39 -0.33 1.79 33.69
C PHE B 39 0.65 2.60 32.86
N LEU B 40 1.81 2.04 32.56
CA LEU B 40 2.75 2.78 31.74
C LEU B 40 2.33 2.84 30.29
N GLU B 41 1.60 1.82 29.80
CA GLU B 41 1.05 1.90 28.46
C GLU B 41 0.08 3.06 28.34
N ASN B 42 -0.75 3.27 29.35
CA ASN B 42 -1.70 4.37 29.31
C ASN B 42 -1.00 5.73 29.40
N VAL B 43 -0.10 5.86 30.36
CA VAL B 43 0.55 7.16 30.60
C VAL B 43 1.44 7.54 29.42
N ILE B 44 2.21 6.58 28.90
CA ILE B 44 3.10 6.88 27.79
C ILE B 44 2.30 7.07 26.51
N ARG B 45 1.13 6.43 26.40
CA ARG B 45 0.24 6.67 25.25
C ARG B 45 -0.21 8.12 25.21
N ASP B 46 -0.70 8.63 26.33
CA ASP B 46 -1.18 10.01 26.32
C ASP B 46 -0.03 11.01 26.24
N ALA B 47 1.13 10.68 26.83
CA ALA B 47 2.26 11.60 26.79
C ALA B 47 2.85 11.70 25.38
N VAL B 48 2.95 10.56 24.70
CA VAL B 48 3.40 10.58 23.31
C VAL B 48 2.37 11.25 22.42
N THR B 49 1.08 11.19 22.78
CA THR B 49 0.08 11.94 22.02
C THR B 49 0.28 13.44 22.16
N TYR B 50 0.56 13.91 23.39
CA TYR B 50 0.95 15.31 23.59
C TYR B 50 2.21 15.66 22.82
N THR B 51 3.16 14.73 22.75
CA THR B 51 4.43 15.02 22.09
C THR B 51 4.24 15.13 20.59
N GLU B 52 3.42 14.24 20.01
CA GLU B 52 3.08 14.34 18.60
C GLU B 52 2.28 15.58 18.28
N HIS B 53 1.52 16.10 19.26
CA HIS B 53 0.78 17.31 18.97
C HIS B 53 1.70 18.51 18.85
N ALA B 54 2.77 18.53 19.62
CA ALA B 54 3.69 19.66 19.56
C ALA B 54 4.65 19.58 18.38
N LYS B 55 4.44 18.59 17.49
CA LYS B 55 5.28 18.33 16.31
C LYS B 55 6.73 18.10 16.71
N ARG B 56 6.91 17.42 17.83
CA ARG B 56 8.22 17.21 18.42
C ARG B 56 8.48 15.73 18.61
N LYS B 57 9.76 15.40 18.75
CA LYS B 57 10.18 14.03 19.00
C LYS B 57 10.89 13.87 20.34
N THR B 58 10.79 14.88 21.21
CA THR B 58 11.40 14.85 22.52
C THR B 58 10.29 15.02 23.55
N VAL B 59 9.98 13.95 24.27
CA VAL B 59 8.92 13.95 25.27
C VAL B 59 9.35 14.80 26.46
N THR B 60 8.70 15.94 26.66
CA THR B 60 9.01 16.78 27.81
C THR B 60 8.44 16.19 29.08
N ALA B 61 8.81 16.81 30.21
CA ALA B 61 8.20 16.45 31.47
C ALA B 61 6.76 16.96 31.56
N MET B 62 6.50 18.15 31.00
CA MET B 62 5.21 18.80 31.17
C MET B 62 4.12 18.04 30.42
N ASP B 63 4.48 17.35 29.35
CA ASP B 63 3.53 16.51 28.64
C ASP B 63 3.13 15.32 29.50
N VAL B 64 4.09 14.74 30.22
CA VAL B 64 3.79 13.67 31.15
C VAL B 64 2.92 14.19 32.28
N VAL B 65 3.15 15.43 32.70
CA VAL B 65 2.34 16.05 33.72
C VAL B 65 0.91 16.24 33.24
N TYR B 66 0.72 16.62 31.99
CA TYR B 66 -0.66 16.83 31.53
C TYR B 66 -1.37 15.51 31.29
N ALA B 67 -0.63 14.48 30.86
CA ALA B 67 -1.21 13.16 30.72
C ALA B 67 -1.66 12.60 32.06
N LEU B 68 -0.81 12.72 33.08
CA LEU B 68 -1.17 12.28 34.42
C LEU B 68 -2.27 13.15 35.02
N LYS B 69 -2.35 14.41 34.59
CA LYS B 69 -3.42 15.29 35.06
C LYS B 69 -4.76 14.87 34.48
N ARG B 70 -4.80 14.53 33.19
CA ARG B 70 -6.07 14.15 32.62
C ARG B 70 -6.46 12.73 32.99
N GLN B 71 -5.50 11.89 33.41
CA GLN B 71 -5.92 10.63 33.98
C GLN B 71 -6.46 10.80 35.38
N GLY B 72 -6.11 11.89 36.05
CA GLY B 72 -6.58 12.15 37.40
C GLY B 72 -5.54 11.92 38.46
N ARG B 73 -4.29 11.67 38.08
CA ARG B 73 -3.21 11.42 39.02
C ARG B 73 -2.29 12.63 38.92
N THR B 74 -2.65 13.71 39.61
CA THR B 74 -1.94 14.96 39.40
C THR B 74 -0.62 14.95 40.16
N LEU B 75 0.45 15.29 39.46
CA LEU B 75 1.78 15.34 40.03
C LEU B 75 2.26 16.79 40.04
N TYR B 76 2.76 17.25 41.16
CA TYR B 76 3.26 18.61 41.28
C TYR B 76 4.77 18.66 41.12
N GLY B 77 5.27 19.79 40.67
CA GLY B 77 6.67 20.10 40.74
C GLY B 77 7.48 19.85 39.49
N PHE B 78 6.87 19.83 38.31
CA PHE B 78 7.67 19.68 37.11
C PHE B 78 7.24 20.56 35.95
N GLY B 79 6.14 21.29 36.04
CA GLY B 79 5.69 22.12 34.94
C GLY B 79 4.18 22.11 34.80
N GLY B 80 3.63 23.21 34.32
CA GLY B 80 2.20 23.32 34.12
C GLY B 80 1.68 24.74 34.09
N THR C 2 -25.65 25.04 3.43
CA THR C 2 -25.15 25.12 4.81
C THR C 2 -23.83 24.41 4.93
N ARG C 3 -23.09 24.70 6.01
CA ARG C 3 -21.81 24.04 6.22
C ARG C 3 -21.97 22.57 6.58
N SER C 4 -23.11 22.19 7.16
CA SER C 4 -23.37 20.77 7.41
C SER C 4 -23.57 20.04 6.10
N SER C 5 -24.30 20.65 5.17
CA SER C 5 -24.44 20.09 3.84
C SER C 5 -23.11 20.15 3.11
N ARG C 6 -22.32 21.20 3.34
CA ARG C 6 -21.04 21.36 2.68
C ARG C 6 -19.99 20.38 3.22
N ALA C 7 -20.12 19.97 4.48
CA ALA C 7 -19.27 18.92 4.99
C ALA C 7 -19.91 17.55 4.90
N GLY C 8 -21.15 17.47 4.43
CA GLY C 8 -21.81 16.18 4.31
C GLY C 8 -22.16 15.57 5.65
N LEU C 9 -22.31 16.39 6.68
CA LEU C 9 -22.55 15.94 8.04
C LEU C 9 -23.97 16.25 8.48
N GLN C 10 -24.34 15.68 9.62
CA GLN C 10 -25.67 15.88 10.18
C GLN C 10 -25.72 16.93 11.28
N PHE C 11 -24.70 17.05 12.10
CA PHE C 11 -24.71 18.01 13.19
C PHE C 11 -24.44 19.44 12.72
N PRO C 12 -25.07 20.45 13.34
CA PRO C 12 -24.97 21.82 12.83
C PRO C 12 -23.61 22.43 13.17
N VAL C 13 -22.77 22.56 12.15
CA VAL C 13 -21.43 23.12 12.34
C VAL C 13 -21.52 24.58 12.73
N GLY C 14 -22.52 25.30 12.22
CA GLY C 14 -22.70 26.70 12.57
C GLY C 14 -23.03 26.90 14.05
N ARG C 15 -23.84 26.01 14.61
CA ARG C 15 -24.16 26.12 16.04
C ARG C 15 -22.93 25.81 16.88
N VAL C 16 -22.11 24.87 16.43
CA VAL C 16 -20.88 24.54 17.13
C VAL C 16 -19.91 25.71 17.05
N HIS C 17 -19.89 26.41 15.92
CA HIS C 17 -19.04 27.57 15.77
C HIS C 17 -19.51 28.71 16.67
N ARG C 18 -20.83 28.89 16.79
CA ARG C 18 -21.36 29.89 17.70
C ARG C 18 -21.06 29.55 19.15
N LEU C 19 -21.12 28.28 19.50
CA LEU C 19 -20.86 27.90 20.88
C LEU C 19 -19.37 27.96 21.21
N LEU C 20 -18.52 27.72 20.23
CA LEU C 20 -17.09 27.92 20.44
C LEU C 20 -16.76 29.39 20.59
N ARG C 21 -17.50 30.25 19.89
CA ARG C 21 -17.29 31.68 20.09
C ARG C 21 -17.86 32.13 21.43
N LYS C 22 -18.98 31.57 21.84
CA LYS C 22 -19.63 31.99 23.08
C LYS C 22 -18.97 31.34 24.29
N GLY C 23 -18.52 30.09 24.15
CA GLY C 23 -18.04 29.36 25.33
C GLY C 23 -16.68 29.81 25.84
N ASN C 24 -16.02 30.72 25.12
CA ASN C 24 -14.70 31.26 25.45
C ASN C 24 -13.68 30.17 25.70
N TYR C 25 -13.52 29.31 24.70
CA TYR C 25 -12.46 28.32 24.76
C TYR C 25 -11.15 28.91 24.26
N SER C 26 -11.22 29.70 23.20
CA SER C 26 -10.13 30.58 22.81
C SER C 26 -10.76 31.81 22.15
N GLU C 27 -9.91 32.74 21.75
CA GLU C 27 -10.44 33.91 21.05
C GLU C 27 -10.76 33.57 19.61
N ARG C 28 -9.80 33.01 18.90
CA ARG C 28 -9.99 32.65 17.51
C ARG C 28 -10.32 31.16 17.42
N VAL C 29 -11.24 30.83 16.53
CA VAL C 29 -11.66 29.45 16.28
C VAL C 29 -11.41 29.14 14.82
N GLY C 30 -10.57 28.13 14.56
CA GLY C 30 -10.27 27.75 13.19
C GLY C 30 -11.49 27.19 12.48
N ALA C 31 -11.42 27.20 11.15
CA ALA C 31 -12.60 26.84 10.36
C ALA C 31 -12.83 25.34 10.33
N GLY C 32 -11.76 24.55 10.28
CA GLY C 32 -11.91 23.11 10.28
C GLY C 32 -12.22 22.51 11.63
N ALA C 33 -12.03 23.28 12.70
CA ALA C 33 -12.31 22.77 14.04
C ALA C 33 -13.77 22.40 14.29
N PRO C 34 -14.78 23.25 14.01
CA PRO C 34 -16.15 22.78 14.27
C PRO C 34 -16.63 21.73 13.28
N VAL C 35 -16.04 21.71 12.09
CA VAL C 35 -16.31 20.61 11.14
C VAL C 35 -15.84 19.29 11.73
N TYR C 36 -14.59 19.27 12.22
CA TYR C 36 -14.02 18.07 12.81
C TYR C 36 -14.80 17.66 14.06
N LEU C 37 -15.24 18.64 14.83
CA LEU C 37 -15.91 18.36 16.09
C LEU C 37 -17.31 17.82 15.85
N ALA C 38 -18.02 18.38 14.87
CA ALA C 38 -19.33 17.87 14.52
C ALA C 38 -19.23 16.48 13.93
N ALA C 39 -18.13 16.19 13.23
CA ALA C 39 -17.91 14.84 12.74
C ALA C 39 -17.70 13.86 13.89
N VAL C 40 -16.93 14.26 14.90
CA VAL C 40 -16.66 13.35 16.02
C VAL C 40 -17.93 13.11 16.83
N LEU C 41 -18.73 14.18 17.02
CA LEU C 41 -20.02 14.03 17.67
C LEU C 41 -20.96 13.13 16.86
N GLU C 42 -20.92 13.26 15.53
CA GLU C 42 -21.76 12.42 14.69
C GLU C 42 -21.37 10.96 14.78
N TYR C 43 -20.07 10.69 14.83
CA TYR C 43 -19.63 9.30 14.91
C TYR C 43 -19.96 8.69 16.26
N LEU C 44 -19.77 9.46 17.34
CA LEU C 44 -20.08 8.94 18.67
C LEU C 44 -21.56 8.71 18.84
N THR C 45 -22.38 9.66 18.39
CA THR C 45 -23.82 9.51 18.49
C THR C 45 -24.30 8.36 17.63
N ALA C 46 -23.68 8.17 16.47
CA ALA C 46 -24.08 7.08 15.58
C ALA C 46 -23.76 5.73 16.18
N GLU C 47 -22.58 5.59 16.79
CA GLU C 47 -22.21 4.31 17.35
C GLU C 47 -23.03 3.99 18.59
N ILE C 48 -23.30 5.01 19.42
CA ILE C 48 -24.05 4.75 20.64
C ILE C 48 -25.52 4.47 20.34
N LEU C 49 -26.10 5.20 19.38
CA LEU C 49 -27.46 4.89 18.98
C LEU C 49 -27.52 3.56 18.23
N GLU C 50 -26.46 3.17 17.55
CA GLU C 50 -26.41 1.88 16.89
C GLU C 50 -26.47 0.76 17.92
N LEU C 51 -25.64 0.87 18.96
CA LEU C 51 -25.64 -0.14 20.00
C LEU C 51 -26.95 -0.15 20.77
N ALA C 52 -27.53 1.04 20.97
CA ALA C 52 -28.78 1.13 21.70
C ALA C 52 -29.94 0.53 20.91
N GLY C 53 -29.98 0.79 19.60
CA GLY C 53 -31.02 0.20 18.78
C GLY C 53 -30.84 -1.29 18.61
N ASN C 54 -29.60 -1.77 18.58
CA ASN C 54 -29.38 -3.20 18.52
C ASN C 54 -29.82 -3.88 19.80
N ALA C 55 -29.54 -3.27 20.95
CA ALA C 55 -30.03 -3.81 22.21
C ALA C 55 -31.55 -3.73 22.29
N ALA C 56 -32.15 -2.69 21.70
CA ALA C 56 -33.60 -2.55 21.70
C ALA C 56 -34.25 -3.62 20.84
N ARG C 57 -33.62 -3.97 19.72
CA ARG C 57 -34.08 -5.10 18.92
C ARG C 57 -33.88 -6.40 19.68
N ASP C 58 -32.80 -6.48 20.46
CA ASP C 58 -32.55 -7.68 21.26
C ASP C 58 -33.58 -7.83 22.38
N ASN C 59 -34.09 -6.72 22.88
CA ASN C 59 -35.19 -6.74 23.83
C ASN C 59 -36.52 -6.50 23.17
N LYS C 60 -36.55 -6.52 21.83
CA LYS C 60 -37.74 -6.44 20.98
C LYS C 60 -38.53 -5.16 21.19
N LYS C 61 -37.86 -4.12 21.67
CA LYS C 61 -38.46 -2.81 21.86
C LYS C 61 -38.12 -1.95 20.66
N THR C 62 -39.12 -1.26 20.11
CA THR C 62 -38.86 -0.38 18.98
C THR C 62 -38.68 1.08 19.38
N ARG C 63 -38.82 1.40 20.67
CA ARG C 63 -38.61 2.76 21.15
C ARG C 63 -37.44 2.77 22.13
N ILE C 64 -36.46 3.62 21.88
CA ILE C 64 -35.25 3.66 22.71
C ILE C 64 -35.57 4.34 24.02
N ILE C 65 -35.37 3.62 25.12
CA ILE C 65 -35.56 4.15 26.47
C ILE C 65 -34.17 4.19 27.08
N PRO C 66 -33.95 4.91 28.19
CA PRO C 66 -32.60 4.93 28.78
C PRO C 66 -32.07 3.61 29.32
N ARG C 67 -32.93 2.61 29.54
CA ARG C 67 -32.46 1.28 29.86
C ARG C 67 -31.57 0.71 28.76
N HIS C 68 -31.97 0.90 27.50
CA HIS C 68 -31.16 0.38 26.41
C HIS C 68 -29.88 1.16 26.26
N LEU C 69 -29.92 2.46 26.54
CA LEU C 69 -28.70 3.26 26.52
C LEU C 69 -27.72 2.81 27.60
N GLN C 70 -28.24 2.52 28.79
CA GLN C 70 -27.43 1.99 29.89
C GLN C 70 -26.79 0.66 29.50
N LEU C 71 -27.60 -0.25 28.96
CA LEU C 71 -27.11 -1.57 28.58
C LEU C 71 -26.09 -1.49 27.45
N ALA C 72 -26.33 -0.59 26.50
CA ALA C 72 -25.43 -0.44 25.37
C ALA C 72 -24.08 0.11 25.80
N ILE C 73 -24.09 1.15 26.63
CA ILE C 73 -22.83 1.72 27.08
C ILE C 73 -22.08 0.77 28.01
N ARG C 74 -22.79 0.09 28.90
CA ARG C 74 -22.10 -0.75 29.86
C ARG C 74 -21.72 -2.12 29.29
N ASN C 75 -22.27 -2.49 28.14
CA ASN C 75 -21.84 -3.73 27.51
C ASN C 75 -20.65 -3.56 26.59
N ASP C 76 -20.42 -2.36 26.07
CA ASP C 76 -19.16 -2.07 25.39
C ASP C 76 -18.12 -1.70 26.45
N GLU C 77 -17.06 -2.50 26.53
CA GLU C 77 -16.03 -2.26 27.53
C GLU C 77 -15.23 -1.01 27.24
N GLU C 78 -15.14 -0.61 25.97
CA GLU C 78 -14.39 0.60 25.67
C GLU C 78 -15.25 1.83 25.94
N LEU C 79 -16.56 1.76 25.65
CA LEU C 79 -17.47 2.80 26.10
C LEU C 79 -17.63 2.80 27.60
N ASN C 80 -17.55 1.62 28.24
CA ASN C 80 -17.56 1.58 29.70
C ASN C 80 -16.32 2.25 30.26
N LYS C 81 -15.19 2.07 29.57
CA LYS C 81 -13.98 2.79 29.94
C LYS C 81 -14.14 4.28 29.70
N LEU C 82 -14.90 4.66 28.68
CA LEU C 82 -15.19 6.06 28.45
C LEU C 82 -16.12 6.63 29.52
N LEU C 83 -17.18 5.91 29.86
CA LEU C 83 -18.23 6.46 30.69
C LEU C 83 -18.39 5.72 31.99
N GLY C 84 -17.27 5.36 32.63
CA GLY C 84 -17.35 4.64 33.89
C GLY C 84 -17.86 5.49 35.03
N ARG C 85 -17.46 6.76 35.06
CA ARG C 85 -17.96 7.66 36.10
C ARG C 85 -19.38 8.10 35.84
N VAL C 86 -19.82 8.08 34.58
CA VAL C 86 -21.08 8.69 34.20
C VAL C 86 -22.24 7.83 34.69
N THR C 87 -23.22 8.47 35.31
CA THR C 87 -24.51 7.85 35.60
C THR C 87 -25.53 8.23 34.55
N ILE C 88 -26.12 7.23 33.92
CA ILE C 88 -27.35 7.44 33.14
C ILE C 88 -28.54 7.36 34.06
N ALA C 89 -29.40 8.38 34.01
CA ALA C 89 -30.65 8.31 34.74
C ALA C 89 -31.60 7.35 34.02
N GLN C 90 -32.51 6.74 34.81
CA GLN C 90 -33.47 5.74 34.34
C GLN C 90 -32.78 4.57 33.63
N GLY C 91 -31.66 4.12 34.18
CA GLY C 91 -30.86 3.16 33.47
C GLY C 91 -30.87 1.74 34.00
N GLY C 92 -30.94 1.58 35.31
CA GLY C 92 -30.71 0.28 35.90
C GLY C 92 -29.23 -0.07 35.81
N VAL C 93 -28.94 -1.37 35.88
CA VAL C 93 -27.59 -1.87 35.73
C VAL C 93 -27.58 -3.08 34.80
N LEU C 94 -26.39 -3.65 34.64
CA LEU C 94 -26.22 -4.88 33.88
C LEU C 94 -26.84 -6.06 34.62
N PRO C 95 -27.36 -7.03 33.87
CA PRO C 95 -27.67 -8.34 34.48
C PRO C 95 -26.39 -9.08 34.80
N ASN C 96 -26.01 -9.15 36.07
CA ASN C 96 -24.69 -9.63 36.45
C ASN C 96 -24.81 -10.42 37.73
N ILE C 97 -24.77 -11.75 37.60
CA ILE C 97 -24.85 -12.66 38.74
C ILE C 97 -23.47 -13.26 38.95
N GLN C 98 -23.00 -13.27 40.20
CA GLN C 98 -21.71 -13.83 40.54
C GLN C 98 -21.77 -15.35 40.56
N ALA C 99 -20.67 -15.98 40.14
CA ALA C 99 -20.64 -17.43 39.97
C ALA C 99 -20.57 -18.21 41.28
N VAL C 100 -20.25 -17.55 42.40
CA VAL C 100 -20.29 -18.25 43.68
C VAL C 100 -21.72 -18.35 44.20
N LEU C 101 -22.62 -17.51 43.72
CA LEU C 101 -23.99 -17.50 44.22
C LEU C 101 -24.80 -18.65 43.65
N LEU C 102 -24.47 -19.07 42.42
CA LEU C 102 -25.25 -20.07 41.71
C LEU C 102 -25.06 -21.45 42.34
N PRO C 103 -26.08 -22.33 42.27
CA PRO C 103 -25.93 -23.67 42.83
C PRO C 103 -25.12 -24.60 41.93
N SER D 1 -39.34 32.04 25.10
CA SER D 1 -37.94 32.01 24.73
C SER D 1 -37.62 30.78 23.88
N ARG D 2 -36.33 30.53 23.67
CA ARG D 2 -35.89 29.40 22.86
C ARG D 2 -34.87 28.56 23.63
N LYS D 3 -34.93 27.25 23.40
CA LYS D 3 -33.97 26.30 23.94
C LYS D 3 -32.99 25.86 22.87
N GLU D 4 -31.80 25.47 23.29
CA GLU D 4 -30.74 25.02 22.40
C GLU D 4 -30.52 23.53 22.68
N SER D 5 -31.07 22.69 21.83
CA SER D 5 -30.98 21.25 22.01
C SER D 5 -30.48 20.60 20.72
N TYR D 6 -30.03 19.37 20.85
CA TYR D 6 -29.56 18.58 19.72
C TYR D 6 -30.56 17.51 19.31
N SER D 7 -31.85 17.73 19.60
CA SER D 7 -32.83 16.65 19.56
C SER D 7 -33.11 16.21 18.13
N ILE D 8 -33.33 17.15 17.23
CA ILE D 8 -33.60 16.82 15.85
C ILE D 8 -32.36 16.27 15.17
N TYR D 9 -31.17 16.61 15.66
CA TYR D 9 -29.96 16.12 15.03
C TYR D 9 -29.68 14.69 15.45
N VAL D 10 -29.91 14.39 16.74
CA VAL D 10 -29.92 13.02 17.23
C VAL D 10 -30.94 12.20 16.48
N TYR D 11 -32.10 12.79 16.18
CA TYR D 11 -33.13 12.06 15.45
C TYR D 11 -32.72 11.80 14.01
N LYS D 12 -32.02 12.76 13.39
CA LYS D 12 -31.52 12.55 12.04
C LYS D 12 -30.46 11.46 12.00
N VAL D 13 -29.55 11.45 12.99
CA VAL D 13 -28.56 10.38 13.08
C VAL D 13 -29.23 9.05 13.36
N LEU D 14 -30.34 9.06 14.11
CA LEU D 14 -31.09 7.84 14.37
C LEU D 14 -31.72 7.30 13.09
N LYS D 15 -32.34 8.18 12.31
CA LYS D 15 -32.91 7.76 11.04
C LYS D 15 -31.84 7.36 10.04
N GLN D 16 -30.62 7.86 10.22
CA GLN D 16 -29.51 7.35 9.42
C GLN D 16 -29.11 5.95 9.86
N VAL D 17 -29.21 5.65 11.15
CA VAL D 17 -28.75 4.34 11.62
C VAL D 17 -29.92 3.38 11.75
N HIS D 18 -30.86 3.67 12.64
CA HIS D 18 -32.06 2.86 12.82
C HIS D 18 -33.27 3.62 12.29
N PRO D 19 -33.67 3.40 11.03
CA PRO D 19 -34.59 4.33 10.37
C PRO D 19 -36.02 4.24 10.87
N ASP D 20 -36.42 3.13 11.47
CA ASP D 20 -37.78 2.96 11.96
C ASP D 20 -37.77 2.56 13.42
N THR D 21 -37.03 3.30 14.23
CA THR D 21 -36.91 3.03 15.65
C THR D 21 -37.24 4.30 16.42
N GLY D 22 -38.01 4.16 17.52
CA GLY D 22 -38.38 5.29 18.32
C GLY D 22 -37.38 5.57 19.43
N ILE D 23 -37.51 6.76 20.02
CA ILE D 23 -36.64 7.19 21.11
C ILE D 23 -37.45 8.05 22.06
N SER D 24 -37.32 7.80 23.36
CA SER D 24 -38.16 8.51 24.30
C SER D 24 -37.63 9.92 24.53
N SER D 25 -38.45 10.76 25.16
CA SER D 25 -38.01 12.11 25.50
C SER D 25 -36.96 12.09 26.59
N LYS D 26 -37.06 11.15 27.52
CA LYS D 26 -36.02 11.04 28.54
C LYS D 26 -34.71 10.56 27.94
N ALA D 27 -34.77 9.65 26.98
CA ALA D 27 -33.56 9.24 26.28
C ALA D 27 -33.02 10.35 25.42
N MET D 28 -33.90 11.21 24.92
CA MET D 28 -33.44 12.38 24.18
C MET D 28 -32.77 13.38 25.11
N GLY D 29 -33.27 13.50 26.34
CA GLY D 29 -32.60 14.31 27.33
C GLY D 29 -31.24 13.76 27.69
N ILE D 30 -31.15 12.42 27.83
CA ILE D 30 -29.87 11.74 28.01
C ILE D 30 -28.90 12.11 26.91
N MET D 31 -29.37 12.05 25.67
CA MET D 31 -28.45 12.29 24.56
C MET D 31 -28.12 13.76 24.40
N ASN D 32 -29.06 14.66 24.72
CA ASN D 32 -28.77 16.09 24.72
C ASN D 32 -27.70 16.45 25.74
N SER D 33 -27.87 15.98 26.97
CA SER D 33 -26.88 16.23 28.00
C SER D 33 -25.57 15.51 27.68
N PHE D 34 -25.64 14.38 26.97
CA PHE D 34 -24.44 13.67 26.58
C PHE D 34 -23.65 14.44 25.53
N VAL D 35 -24.35 14.99 24.54
CA VAL D 35 -23.69 15.75 23.50
C VAL D 35 -23.12 17.04 24.05
N ASN D 36 -23.84 17.67 24.99
CA ASN D 36 -23.29 18.84 25.67
C ASN D 36 -22.08 18.47 26.50
N ASP D 37 -22.07 17.27 27.09
CA ASP D 37 -20.94 16.84 27.90
C ASP D 37 -19.72 16.57 27.03
N ILE D 38 -19.93 15.91 25.89
CA ILE D 38 -18.80 15.54 25.05
C ILE D 38 -18.25 16.76 24.34
N PHE D 39 -19.14 17.65 23.89
CA PHE D 39 -18.72 18.94 23.36
C PHE D 39 -17.96 19.75 24.40
N GLU D 40 -18.41 19.71 25.64
CA GLU D 40 -17.72 20.47 26.69
C GLU D 40 -16.36 19.89 26.99
N ARG D 41 -16.25 18.56 27.02
CA ARG D 41 -14.97 17.91 27.29
C ARG D 41 -13.98 18.16 26.17
N ILE D 42 -14.43 18.02 24.93
CA ILE D 42 -13.50 18.17 23.82
C ILE D 42 -13.10 19.62 23.62
N ALA D 43 -14.06 20.54 23.75
CA ALA D 43 -13.71 21.95 23.65
C ALA D 43 -12.83 22.41 24.80
N GLY D 44 -13.03 21.86 25.99
CA GLY D 44 -12.17 22.20 27.10
C GLY D 44 -10.77 21.65 26.94
N GLU D 45 -10.65 20.43 26.42
CA GLU D 45 -9.31 19.88 26.26
C GLU D 45 -8.60 20.47 25.07
N ALA D 46 -9.35 20.92 24.06
CA ALA D 46 -8.73 21.69 22.99
C ALA D 46 -8.28 23.05 23.49
N SER D 47 -9.05 23.66 24.40
CA SER D 47 -8.66 24.94 24.96
C SER D 47 -7.42 24.80 25.81
N ARG D 48 -7.35 23.75 26.64
CA ARG D 48 -6.16 23.46 27.42
C ARG D 48 -4.97 23.16 26.53
N LEU D 49 -5.21 22.44 25.42
CA LEU D 49 -4.11 22.06 24.55
C LEU D 49 -3.56 23.26 23.80
N ALA D 50 -4.44 24.12 23.29
CA ALA D 50 -4.00 25.36 22.65
C ALA D 50 -3.33 26.28 23.64
N HIS D 51 -3.74 26.23 24.90
CA HIS D 51 -3.07 27.00 25.94
C HIS D 51 -1.69 26.43 26.24
N TYR D 52 -1.50 25.11 26.06
CA TYR D 52 -0.20 24.50 26.30
C TYR D 52 0.82 24.97 25.28
N ASN D 53 0.39 25.16 24.04
CA ASN D 53 1.26 25.70 23.01
C ASN D 53 1.07 27.19 22.82
N LYS D 54 0.30 27.83 23.71
CA LYS D 54 0.05 29.27 23.74
C LYS D 54 -0.55 29.76 22.42
N ARG D 55 -1.36 28.93 21.79
CA ARG D 55 -2.01 29.26 20.54
C ARG D 55 -3.41 29.77 20.85
N SER D 56 -3.79 30.88 20.22
CA SER D 56 -5.11 31.46 20.44
C SER D 56 -6.11 31.06 19.38
N THR D 57 -5.86 29.95 18.68
CA THR D 57 -6.72 29.51 17.59
C THR D 57 -6.87 28.01 17.68
N ILE D 58 -8.05 27.56 18.10
CA ILE D 58 -8.36 26.13 18.08
C ILE D 58 -8.53 25.70 16.63
N THR D 59 -7.75 24.71 16.22
CA THR D 59 -7.82 24.18 14.86
C THR D 59 -8.38 22.77 14.89
N SER D 60 -8.53 22.20 13.70
CA SER D 60 -8.97 20.82 13.59
C SER D 60 -7.92 19.86 14.10
N ARG D 61 -6.64 20.21 14.00
CA ARG D 61 -5.58 19.39 14.58
C ARG D 61 -5.70 19.34 16.09
N GLU D 62 -6.08 20.47 16.70
CA GLU D 62 -6.31 20.54 18.13
C GLU D 62 -7.44 19.60 18.53
N ILE D 63 -8.51 19.57 17.75
CA ILE D 63 -9.65 18.71 18.07
C ILE D 63 -9.27 17.25 17.88
N GLN D 64 -8.45 16.97 16.87
CA GLN D 64 -7.97 15.61 16.61
C GLN D 64 -7.15 15.08 17.77
N THR D 65 -6.22 15.90 18.26
CA THR D 65 -5.42 15.44 19.38
C THR D 65 -6.25 15.37 20.65
N ALA D 66 -7.28 16.21 20.78
CA ALA D 66 -8.16 16.12 21.93
C ALA D 66 -8.96 14.83 21.93
N VAL D 67 -9.38 14.39 20.74
CA VAL D 67 -10.03 13.10 20.61
C VAL D 67 -9.06 11.97 20.95
N ARG D 68 -7.82 12.08 20.46
CA ARG D 68 -6.84 11.04 20.74
C ARG D 68 -6.48 10.94 22.22
N LEU D 69 -6.45 12.07 22.91
CA LEU D 69 -6.16 12.06 24.33
C LEU D 69 -7.32 11.58 25.16
N LEU D 70 -8.53 12.01 24.82
CA LEU D 70 -9.64 11.78 25.73
C LEU D 70 -10.27 10.42 25.49
N LEU D 71 -10.59 10.12 24.26
CA LEU D 71 -11.35 8.93 23.91
C LEU D 71 -10.43 7.72 23.91
N PRO D 72 -10.90 6.58 24.40
CA PRO D 72 -10.04 5.38 24.45
C PRO D 72 -9.86 4.77 23.07
N GLY D 73 -8.89 3.86 23.01
CA GLY D 73 -8.09 3.57 21.82
C GLY D 73 -8.73 3.34 20.46
N GLU D 74 -9.43 2.23 20.28
CA GLU D 74 -9.89 1.86 18.95
C GLU D 74 -11.06 2.73 18.50
N LEU D 75 -11.90 3.11 19.46
CA LEU D 75 -12.98 4.04 19.17
C LEU D 75 -12.43 5.41 18.80
N ALA D 76 -11.35 5.83 19.46
CA ALA D 76 -10.71 7.09 19.11
C ALA D 76 -10.09 7.00 17.72
N LYS D 77 -9.52 5.85 17.37
CA LYS D 77 -8.94 5.68 16.04
C LYS D 77 -10.01 5.78 14.95
N HIS D 78 -11.14 5.12 15.17
CA HIS D 78 -12.25 5.20 14.23
C HIS D 78 -12.81 6.61 14.14
N ALA D 79 -12.88 7.31 15.27
CA ALA D 79 -13.44 8.65 15.29
C ALA D 79 -12.52 9.65 14.61
N VAL D 80 -11.20 9.52 14.82
CA VAL D 80 -10.24 10.36 14.12
C VAL D 80 -10.30 10.12 12.62
N SER D 81 -10.50 8.86 12.23
CA SER D 81 -10.63 8.56 10.80
C SER D 81 -11.88 9.21 10.21
N GLU D 82 -12.99 9.14 10.94
CA GLU D 82 -14.22 9.77 10.47
C GLU D 82 -14.11 11.28 10.41
N GLY D 83 -13.52 11.89 11.43
CA GLY D 83 -13.37 13.33 11.43
C GLY D 83 -12.44 13.83 10.35
N THR D 84 -11.37 13.08 10.09
CA THR D 84 -10.43 13.48 9.04
C THR D 84 -11.08 13.37 7.68
N LYS D 85 -11.87 12.30 7.47
CA LYS D 85 -12.62 12.14 6.23
C LYS D 85 -13.60 13.29 6.03
N ALA D 86 -14.29 13.70 7.10
CA ALA D 86 -15.28 14.75 6.97
C ALA D 86 -14.63 16.11 6.73
N VAL D 87 -13.47 16.36 7.33
CA VAL D 87 -12.80 17.64 7.11
C VAL D 87 -12.26 17.71 5.68
N THR D 88 -11.71 16.61 5.18
CA THR D 88 -11.24 16.58 3.80
C THR D 88 -12.40 16.72 2.82
N LYS D 89 -13.57 16.16 3.16
CA LYS D 89 -14.73 16.39 2.32
C LYS D 89 -15.22 17.84 2.40
N TYR D 90 -15.06 18.48 3.56
CA TYR D 90 -15.44 19.88 3.68
C TYR D 90 -14.51 20.79 2.90
N THR D 91 -13.24 20.43 2.81
CA THR D 91 -12.29 21.29 2.09
C THR D 91 -12.55 21.26 0.59
N SER D 92 -13.07 20.17 0.08
CA SER D 92 -13.41 20.08 -1.32
C SER D 92 -14.78 20.70 -1.56
N PRO E 1 -46.01 -26.74 54.32
CA PRO E 1 -45.44 -25.42 54.06
C PRO E 1 -44.41 -25.46 52.93
N HIS E 2 -44.73 -24.79 51.82
CA HIS E 2 -43.85 -24.76 50.65
C HIS E 2 -42.83 -23.65 50.87
N ARG E 3 -41.81 -23.97 51.66
CA ARG E 3 -40.73 -23.04 51.95
C ARG E 3 -39.56 -23.28 51.02
N TYR E 4 -39.10 -22.21 50.37
CA TYR E 4 -37.91 -22.30 49.54
C TYR E 4 -36.64 -22.41 50.38
N ARG E 5 -35.56 -22.73 49.71
CA ARG E 5 -34.24 -22.57 50.29
C ARG E 5 -33.93 -21.08 50.46
N PRO E 6 -33.07 -20.72 51.42
CA PRO E 6 -32.82 -19.30 51.70
C PRO E 6 -32.05 -18.54 50.62
N GLY E 7 -31.70 -19.15 49.50
CA GLY E 7 -31.03 -18.40 48.46
C GLY E 7 -31.86 -18.17 47.21
N THR E 8 -32.95 -18.93 47.06
CA THR E 8 -33.66 -18.97 45.78
C THR E 8 -34.46 -17.68 45.55
N VAL E 9 -35.20 -17.25 46.57
CA VAL E 9 -35.97 -16.00 46.46
C VAL E 9 -35.02 -14.82 46.34
N ALA E 10 -33.83 -14.92 46.97
CA ALA E 10 -32.81 -13.90 46.78
C ALA E 10 -32.35 -13.84 45.33
N LEU E 11 -32.23 -15.00 44.67
CA LEU E 11 -31.79 -15.01 43.29
C LEU E 11 -32.85 -14.46 42.36
N ARG E 12 -34.13 -14.75 42.63
CA ARG E 12 -35.16 -14.19 41.76
C ARG E 12 -35.34 -12.71 42.01
N GLU E 13 -35.07 -12.24 43.23
CA GLU E 13 -35.06 -10.80 43.48
C GLU E 13 -33.89 -10.12 42.78
N ILE E 14 -32.74 -10.79 42.73
CA ILE E 14 -31.60 -10.23 41.99
C ILE E 14 -31.94 -10.13 40.51
N ARG E 15 -32.58 -11.17 39.96
CA ARG E 15 -32.98 -11.14 38.55
C ARG E 15 -34.01 -10.06 38.29
N ARG E 16 -34.93 -9.88 39.24
CA ARG E 16 -36.00 -8.89 39.08
C ARG E 16 -35.46 -7.47 39.17
N TYR E 17 -34.67 -7.18 40.20
CA TYR E 17 -34.20 -5.81 40.38
C TYR E 17 -33.01 -5.46 39.50
N GLN E 18 -32.31 -6.44 38.92
CA GLN E 18 -31.41 -6.09 37.84
C GLN E 18 -32.18 -5.95 36.54
N LYS E 19 -33.32 -6.63 36.43
CA LYS E 19 -34.17 -6.40 35.28
C LYS E 19 -34.94 -5.09 35.40
N SER E 20 -35.30 -4.70 36.62
CA SER E 20 -36.08 -3.49 36.78
C SER E 20 -35.18 -2.26 36.73
N THR E 21 -35.81 -1.09 36.58
CA THR E 21 -35.10 0.18 36.54
C THR E 21 -35.74 1.27 37.38
N GLU E 22 -36.88 1.01 38.01
CA GLU E 22 -37.59 2.07 38.70
C GLU E 22 -36.89 2.44 40.00
N LEU E 23 -37.41 3.50 40.61
CA LEU E 23 -36.85 3.99 41.86
C LEU E 23 -37.21 3.04 42.99
N LEU E 24 -36.22 2.61 43.76
CA LEU E 24 -36.47 1.67 44.82
C LEU E 24 -36.75 2.37 46.14
N ILE E 25 -36.12 3.51 46.36
CA ILE E 25 -36.39 4.33 47.53
C ILE E 25 -37.73 5.04 47.32
N ARG E 26 -38.55 5.07 48.36
CA ARG E 26 -39.84 5.74 48.27
C ARG E 26 -39.64 7.25 48.21
N LYS E 27 -40.40 7.90 47.33
CA LYS E 27 -40.08 9.26 46.90
C LYS E 27 -40.27 10.28 48.02
N LEU E 28 -41.37 10.19 48.74
CA LEU E 28 -41.66 11.20 49.76
C LEU E 28 -40.73 11.19 50.98
N PRO E 29 -40.30 10.03 51.54
CA PRO E 29 -39.28 10.12 52.59
C PRO E 29 -37.94 10.65 52.09
N PHE E 30 -37.60 10.36 50.84
CA PHE E 30 -36.40 10.94 50.25
C PHE E 30 -36.54 12.45 50.13
N GLN E 31 -37.74 12.91 49.78
CA GLN E 31 -38.00 14.33 49.68
C GLN E 31 -37.93 15.00 51.04
N ARG E 32 -38.42 14.31 52.08
CA ARG E 32 -38.32 14.84 53.44
C ARG E 32 -36.88 14.94 53.88
N LEU E 33 -36.06 13.94 53.53
CA LEU E 33 -34.66 13.96 53.90
C LEU E 33 -33.92 15.10 53.22
N VAL E 34 -34.17 15.28 51.92
CA VAL E 34 -33.55 16.37 51.16
C VAL E 34 -33.98 17.72 51.72
N ARG E 35 -35.27 17.89 52.00
CA ARG E 35 -35.74 19.16 52.55
C ARG E 35 -35.23 19.38 53.95
N GLU E 36 -35.00 18.31 54.71
CA GLU E 36 -34.44 18.44 56.05
C GLU E 36 -33.02 18.96 55.99
N ILE E 37 -32.20 18.37 55.13
CA ILE E 37 -30.79 18.76 55.08
C ILE E 37 -30.64 20.16 54.46
N ALA E 38 -31.48 20.48 53.47
CA ALA E 38 -31.41 21.81 52.90
C ALA E 38 -31.94 22.87 53.85
N GLN E 39 -32.93 22.53 54.67
CA GLN E 39 -33.41 23.44 55.69
C GLN E 39 -32.34 23.64 56.76
N ASP E 40 -31.55 22.61 57.02
CA ASP E 40 -30.40 22.76 57.90
C ASP E 40 -29.37 23.70 57.29
N PHE E 41 -29.20 23.68 55.97
CA PHE E 41 -28.23 24.59 55.37
C PHE E 41 -28.81 25.98 55.18
N LYS E 42 -29.86 26.12 54.38
CA LYS E 42 -30.48 27.41 54.13
C LYS E 42 -31.98 27.30 54.24
N THR E 43 -32.55 28.08 55.14
CA THR E 43 -33.97 27.95 55.48
C THR E 43 -34.84 28.46 54.35
N ASP E 44 -35.96 27.75 54.15
CA ASP E 44 -37.00 28.06 53.15
C ASP E 44 -36.44 28.09 51.73
N LEU E 45 -35.95 26.93 51.29
CA LEU E 45 -35.56 26.72 49.90
C LEU E 45 -36.65 25.90 49.23
N ARG E 46 -37.30 26.48 48.23
CA ARG E 46 -38.22 25.70 47.44
C ARG E 46 -37.45 24.83 46.46
N PHE E 47 -38.00 23.66 46.17
CA PHE E 47 -37.34 22.68 45.33
C PHE E 47 -38.05 22.43 44.01
N GLN E 48 -37.28 22.36 42.93
CA GLN E 48 -37.77 21.77 41.70
C GLN E 48 -37.94 20.28 41.91
N SER E 49 -39.07 19.74 41.48
CA SER E 49 -39.33 18.32 41.70
C SER E 49 -38.40 17.44 40.88
N SER E 50 -38.04 17.89 39.67
CA SER E 50 -37.08 17.16 38.85
C SER E 50 -35.71 17.14 39.49
N ALA E 51 -35.38 18.15 40.30
CA ALA E 51 -34.12 18.12 41.02
C ALA E 51 -34.12 17.02 42.07
N VAL E 52 -35.26 16.81 42.72
CA VAL E 52 -35.40 15.73 43.69
C VAL E 52 -35.31 14.38 42.99
N MET E 53 -35.92 14.28 41.81
CA MET E 53 -35.83 13.07 41.02
C MET E 53 -34.39 12.77 40.60
N ALA E 54 -33.64 13.82 40.25
CA ALA E 54 -32.26 13.64 39.85
C ALA E 54 -31.40 13.23 41.04
N LEU E 55 -31.68 13.82 42.20
CA LEU E 55 -31.02 13.40 43.43
C LEU E 55 -31.29 11.94 43.74
N GLN E 56 -32.52 11.49 43.50
CA GLN E 56 -32.85 10.12 43.80
C GLN E 56 -32.19 9.17 42.80
N GLU E 57 -32.06 9.60 41.55
CA GLU E 57 -31.35 8.80 40.56
C GLU E 57 -29.89 8.66 40.92
N ALA E 58 -29.26 9.77 41.32
CA ALA E 58 -27.84 9.74 41.66
C ALA E 58 -27.60 8.90 42.91
N CYS E 59 -28.49 9.01 43.90
CA CYS E 59 -28.30 8.26 45.13
C CYS E 59 -28.51 6.78 44.91
N GLU E 60 -29.52 6.41 44.12
CA GLU E 60 -29.77 5.00 43.91
C GLU E 60 -28.68 4.36 43.07
N ALA E 61 -28.18 5.07 42.05
CA ALA E 61 -27.12 4.48 41.25
C ALA E 61 -25.81 4.41 42.01
N TYR E 62 -25.57 5.40 42.89
CA TYR E 62 -24.38 5.37 43.72
C TYR E 62 -24.42 4.22 44.71
N LEU E 63 -25.58 3.98 45.30
CA LEU E 63 -25.67 2.88 46.25
C LEU E 63 -25.64 1.53 45.56
N VAL E 64 -26.12 1.44 44.32
CA VAL E 64 -26.05 0.17 43.62
C VAL E 64 -24.61 -0.15 43.24
N GLY E 65 -23.85 0.85 42.78
CA GLY E 65 -22.44 0.63 42.51
C GLY E 65 -21.67 0.30 43.77
N LEU E 66 -22.04 0.93 44.88
CA LEU E 66 -21.41 0.62 46.15
C LEU E 66 -21.73 -0.80 46.60
N PHE E 67 -22.95 -1.26 46.34
CA PHE E 67 -23.29 -2.62 46.74
C PHE E 67 -22.66 -3.65 45.83
N GLU E 68 -22.40 -3.31 44.57
CA GLU E 68 -21.61 -4.21 43.72
C GLU E 68 -20.21 -4.37 44.27
N ASP E 69 -19.59 -3.24 44.65
CA ASP E 69 -18.23 -3.34 45.19
C ASP E 69 -18.23 -4.03 46.55
N THR E 70 -19.30 -3.86 47.32
CA THR E 70 -19.44 -4.53 48.61
C THR E 70 -19.59 -6.03 48.45
N ASN E 71 -20.37 -6.44 47.44
CA ASN E 71 -20.53 -7.86 47.15
C ASN E 71 -19.23 -8.48 46.68
N LEU E 72 -18.45 -7.73 45.89
CA LEU E 72 -17.14 -8.21 45.47
C LEU E 72 -16.20 -8.36 46.66
N CYS E 73 -16.27 -7.44 47.62
CA CYS E 73 -15.47 -7.58 48.84
C CYS E 73 -15.89 -8.80 49.64
N ALA E 74 -17.18 -9.05 49.75
CA ALA E 74 -17.65 -10.13 50.61
C ALA E 74 -17.40 -11.49 49.98
N ILE E 75 -17.52 -11.58 48.65
CA ILE E 75 -17.15 -12.81 47.96
C ILE E 75 -15.66 -12.99 48.00
N HIS E 76 -14.90 -11.90 47.99
CA HIS E 76 -13.46 -11.97 48.00
C HIS E 76 -12.92 -12.57 49.29
N ALA E 77 -13.61 -12.33 50.40
CA ALA E 77 -13.17 -12.81 51.70
C ALA E 77 -13.68 -14.22 52.01
N LYS E 78 -13.94 -15.01 50.97
CA LYS E 78 -14.44 -16.39 51.07
C LYS E 78 -15.77 -16.47 51.80
N ARG E 79 -16.55 -15.41 51.75
CA ARG E 79 -17.84 -15.35 52.42
C ARG E 79 -18.92 -15.15 51.36
N VAL E 80 -20.16 -15.06 51.82
CA VAL E 80 -21.26 -14.82 50.90
C VAL E 80 -22.14 -13.71 51.46
N THR E 81 -21.91 -13.35 52.72
CA THR E 81 -22.75 -12.40 53.43
C THR E 81 -21.99 -11.10 53.62
N ILE E 82 -22.58 -10.00 53.15
CA ILE E 82 -21.94 -8.69 53.30
C ILE E 82 -22.01 -8.23 54.75
N MET E 83 -21.07 -7.38 55.12
CA MET E 83 -20.91 -6.84 56.46
C MET E 83 -20.51 -5.38 56.31
N PRO E 84 -20.74 -4.54 57.32
CA PRO E 84 -20.38 -3.12 57.19
C PRO E 84 -18.88 -2.88 57.05
N LYS E 85 -18.04 -3.83 57.44
CA LYS E 85 -16.62 -3.69 57.17
C LYS E 85 -16.32 -3.78 55.69
N ASP E 86 -17.14 -4.51 54.92
CA ASP E 86 -17.02 -4.49 53.46
C ASP E 86 -17.29 -3.10 52.91
N ILE E 87 -18.31 -2.43 53.44
CA ILE E 87 -18.65 -1.08 52.98
C ILE E 87 -17.56 -0.09 53.36
N GLN E 88 -17.01 -0.24 54.58
CA GLN E 88 -15.92 0.62 55.02
C GLN E 88 -14.69 0.41 54.15
N LEU E 89 -14.45 -0.84 53.75
CA LEU E 89 -13.34 -1.14 52.84
C LEU E 89 -13.55 -0.51 51.48
N ALA E 90 -14.76 -0.61 50.94
CA ALA E 90 -15.04 -0.11 49.60
C ALA E 90 -14.96 1.41 49.55
N ARG E 91 -15.47 2.08 50.59
CA ARG E 91 -15.36 3.53 50.61
C ARG E 91 -13.95 3.98 50.92
N ARG E 92 -13.18 3.17 51.67
CA ARG E 92 -11.80 3.53 51.92
C ARG E 92 -10.96 3.40 50.67
N ILE E 93 -11.29 2.44 49.81
CA ILE E 93 -10.57 2.30 48.55
C ILE E 93 -10.99 3.39 47.58
N ARG E 94 -12.29 3.70 47.53
CA ARG E 94 -12.76 4.81 46.70
C ARG E 94 -12.23 6.15 47.20
N GLY E 95 -11.95 6.27 48.49
CA GLY E 95 -11.36 7.47 49.04
C GLY E 95 -12.29 8.38 49.80
N GLU E 96 -13.41 7.87 50.29
CA GLU E 96 -14.36 8.69 51.02
C GLU E 96 -14.14 8.67 52.53
N ARG E 97 -13.47 7.65 53.04
CA ARG E 97 -13.16 7.56 54.46
C ARG E 97 -11.67 7.60 54.74
N ALA E 98 -10.89 6.77 54.04
CA ALA E 98 -9.42 6.70 54.11
C ALA E 98 -8.86 6.43 55.51
N ARG F 1 -35.15 15.61 62.06
CA ARG F 1 -34.88 14.29 62.63
C ARG F 1 -35.90 13.28 62.12
N ASP F 2 -35.47 12.02 62.04
CA ASP F 2 -36.24 10.80 61.74
C ASP F 2 -36.65 10.72 60.27
N ASN F 3 -36.38 11.76 59.50
CA ASN F 3 -36.58 11.64 58.06
C ASN F 3 -35.47 10.81 57.44
N ILE F 4 -34.32 10.75 58.10
CA ILE F 4 -33.26 9.84 57.69
C ILE F 4 -33.65 8.40 57.96
N GLN F 5 -34.51 8.17 58.96
CA GLN F 5 -35.06 6.85 59.20
C GLN F 5 -36.07 6.43 58.14
N GLY F 6 -36.51 7.35 57.29
CA GLY F 6 -37.42 7.02 56.20
C GLY F 6 -36.83 6.09 55.17
N ILE F 7 -35.50 5.99 55.10
CA ILE F 7 -34.85 5.01 54.25
C ILE F 7 -35.04 3.63 54.88
N THR F 8 -35.97 2.85 54.34
CA THR F 8 -36.40 1.66 55.04
C THR F 8 -35.42 0.51 54.85
N LYS F 9 -35.59 -0.50 55.68
CA LYS F 9 -34.85 -1.75 55.54
C LYS F 9 -35.11 -2.50 54.23
N PRO F 10 -36.35 -2.71 53.76
CA PRO F 10 -36.49 -3.40 52.48
C PRO F 10 -36.11 -2.55 51.28
N ALA F 11 -36.00 -1.22 51.42
CA ALA F 11 -35.47 -0.42 50.32
C ALA F 11 -33.99 -0.69 50.13
N ILE F 12 -33.24 -0.75 51.22
CA ILE F 12 -31.84 -1.12 51.17
C ILE F 12 -31.69 -2.55 50.70
N ARG F 13 -32.64 -3.42 51.06
CA ARG F 13 -32.60 -4.79 50.57
C ARG F 13 -32.86 -4.85 49.07
N ARG F 14 -33.74 -3.99 48.55
CA ARG F 14 -33.98 -3.91 47.12
C ARG F 14 -32.75 -3.39 46.38
N LEU F 15 -32.07 -2.42 46.97
CA LEU F 15 -30.82 -1.94 46.39
C LEU F 15 -29.75 -3.01 46.41
N ALA F 16 -29.74 -3.85 47.43
CA ALA F 16 -28.75 -4.93 47.48
C ALA F 16 -29.06 -6.00 46.45
N ARG F 17 -30.34 -6.32 46.26
CA ARG F 17 -30.71 -7.29 45.24
C ARG F 17 -30.44 -6.76 43.85
N ARG F 18 -30.61 -5.44 43.64
CA ARG F 18 -30.16 -4.87 42.37
C ARG F 18 -28.63 -4.91 42.30
N GLY F 19 -27.97 -4.75 43.44
CA GLY F 19 -26.53 -4.88 43.46
C GLY F 19 -26.01 -6.29 43.41
N GLY F 20 -26.88 -7.29 43.38
CA GLY F 20 -26.40 -8.66 43.32
C GLY F 20 -26.01 -9.27 44.64
N VAL F 21 -26.50 -8.75 45.75
CA VAL F 21 -26.10 -9.21 47.07
C VAL F 21 -27.01 -10.35 47.50
N LYS F 22 -26.40 -11.45 47.97
CA LYS F 22 -27.20 -12.61 48.36
C LYS F 22 -27.71 -12.46 49.79
N ARG F 23 -26.81 -12.32 50.76
CA ARG F 23 -27.23 -12.18 52.15
C ARG F 23 -26.79 -10.85 52.71
N ILE F 24 -27.51 -10.38 53.71
CA ILE F 24 -27.39 -9.02 54.23
C ILE F 24 -27.29 -9.08 55.74
N SER F 25 -26.25 -8.48 56.31
CA SER F 25 -26.13 -8.42 57.75
C SER F 25 -27.07 -7.39 58.35
N GLY F 26 -27.30 -7.53 59.65
CA GLY F 26 -28.26 -6.69 60.35
C GLY F 26 -27.76 -5.28 60.60
N LEU F 27 -26.46 -5.07 60.46
CA LEU F 27 -25.84 -3.77 60.71
C LEU F 27 -25.57 -3.01 59.43
N ILE F 28 -25.82 -3.67 58.30
CA ILE F 28 -25.71 -3.05 56.98
C ILE F 28 -26.58 -1.81 56.87
N TYR F 29 -27.78 -1.87 57.46
CA TYR F 29 -28.81 -0.86 57.22
C TYR F 29 -28.45 0.51 57.78
N GLU F 30 -27.99 0.56 59.04
CA GLU F 30 -27.61 1.85 59.60
C GLU F 30 -26.35 2.40 58.96
N GLU F 31 -25.47 1.51 58.53
CA GLU F 31 -24.26 1.93 57.83
C GLU F 31 -24.59 2.57 56.49
N THR F 32 -25.50 1.93 55.75
CA THR F 32 -25.93 2.44 54.45
C THR F 32 -26.70 3.76 54.62
N ARG F 33 -27.50 3.85 55.68
CA ARG F 33 -28.23 5.07 55.98
C ARG F 33 -27.29 6.23 56.26
N GLY F 34 -26.23 5.98 57.03
CA GLY F 34 -25.25 7.02 57.30
C GLY F 34 -24.46 7.42 56.07
N VAL F 35 -24.10 6.44 55.24
CA VAL F 35 -23.32 6.74 54.03
C VAL F 35 -24.15 7.55 53.05
N LEU F 36 -25.43 7.23 52.94
CA LEU F 36 -26.31 8.01 52.07
C LEU F 36 -26.53 9.40 52.62
N LYS F 37 -26.58 9.54 53.96
CA LYS F 37 -26.68 10.86 54.55
C LYS F 37 -25.45 11.71 54.26
N VAL F 38 -24.26 11.10 54.29
CA VAL F 38 -23.03 11.82 54.00
C VAL F 38 -22.99 12.27 52.54
N PHE F 39 -23.37 11.36 51.64
CA PHE F 39 -23.39 11.64 50.21
C PHE F 39 -24.37 12.77 49.90
N LEU F 40 -25.53 12.74 50.54
CA LEU F 40 -26.50 13.80 50.37
C LEU F 40 -26.05 15.11 50.99
N GLU F 41 -25.32 15.07 52.11
CA GLU F 41 -24.77 16.30 52.69
C GLU F 41 -23.83 16.99 51.73
N ASN F 42 -23.00 16.20 51.04
CA ASN F 42 -22.07 16.78 50.06
C ASN F 42 -22.81 17.41 48.90
N VAL F 43 -23.76 16.66 48.33
CA VAL F 43 -24.43 17.13 47.12
C VAL F 43 -25.33 18.33 47.43
N ILE F 44 -26.02 18.30 48.56
CA ILE F 44 -26.92 19.39 48.90
C ILE F 44 -26.12 20.62 49.34
N ARG F 45 -24.92 20.43 49.91
CA ARG F 45 -24.06 21.58 50.20
C ARG F 45 -23.66 22.29 48.92
N ASP F 46 -23.30 21.52 47.90
CA ASP F 46 -22.95 22.13 46.63
C ASP F 46 -24.17 22.80 45.98
N ALA F 47 -25.34 22.18 46.12
CA ALA F 47 -26.54 22.71 45.47
C ALA F 47 -27.00 24.00 46.13
N VAL F 48 -26.93 24.06 47.45
CA VAL F 48 -27.25 25.29 48.17
C VAL F 48 -26.26 26.38 47.84
N THR F 49 -25.00 26.01 47.57
CA THR F 49 -24.02 27.01 47.18
C THR F 49 -24.34 27.59 45.80
N TYR F 50 -24.70 26.72 44.85
CA TYR F 50 -25.14 27.20 43.54
C TYR F 50 -26.40 28.05 43.62
N THR F 51 -27.34 27.67 44.48
CA THR F 51 -28.60 28.41 44.56
C THR F 51 -28.40 29.79 45.17
N GLU F 52 -27.67 29.87 46.28
CA GLU F 52 -27.37 31.16 46.89
C GLU F 52 -26.49 32.02 45.99
N HIS F 53 -25.71 31.41 45.10
CA HIS F 53 -25.01 32.23 44.12
C HIS F 53 -25.96 32.80 43.09
N ALA F 54 -26.99 32.06 42.72
CA ALA F 54 -27.92 32.52 41.71
C ALA F 54 -28.88 33.60 42.19
N LYS F 55 -28.77 34.01 43.46
CA LYS F 55 -29.63 35.02 44.10
C LYS F 55 -31.10 34.63 44.06
N ARG F 56 -31.37 33.34 43.98
CA ARG F 56 -32.72 32.82 43.89
C ARG F 56 -33.11 32.12 45.18
N LYS F 57 -34.37 31.76 45.27
CA LYS F 57 -34.89 31.06 46.43
C LYS F 57 -35.41 29.68 46.08
N THR F 58 -35.30 29.28 44.82
CA THR F 58 -35.84 28.01 44.36
C THR F 58 -34.70 27.19 43.79
N VAL F 59 -34.44 26.03 44.42
CA VAL F 59 -33.45 25.10 43.90
C VAL F 59 -33.99 24.44 42.66
N THR F 60 -33.22 24.46 41.59
CA THR F 60 -33.65 23.91 40.31
C THR F 60 -32.78 22.72 39.96
N ALA F 61 -33.22 22.01 38.91
CA ALA F 61 -32.57 20.77 38.53
C ALA F 61 -31.17 21.01 38.00
N MET F 62 -30.97 22.12 37.28
CA MET F 62 -29.68 22.40 36.69
C MET F 62 -28.62 22.63 37.75
N ASP F 63 -29.00 23.21 38.89
CA ASP F 63 -28.05 23.40 39.98
C ASP F 63 -27.60 22.07 40.55
N VAL F 64 -28.52 21.11 40.68
CA VAL F 64 -28.18 19.78 41.14
C VAL F 64 -27.29 19.08 40.12
N VAL F 65 -27.56 19.31 38.83
CA VAL F 65 -26.76 18.73 37.77
C VAL F 65 -25.34 19.27 37.79
N TYR F 66 -25.17 20.58 38.05
CA TYR F 66 -23.81 21.09 38.09
C TYR F 66 -23.11 20.70 39.39
N ALA F 67 -23.88 20.51 40.46
CA ALA F 67 -23.31 19.97 41.68
C ALA F 67 -22.76 18.58 41.45
N LEU F 68 -23.53 17.73 40.78
CA LEU F 68 -23.03 16.40 40.44
C LEU F 68 -21.93 16.44 39.39
N LYS F 69 -21.88 17.50 38.60
CA LYS F 69 -20.80 17.68 37.65
C LYS F 69 -19.49 17.92 38.37
N ARG F 70 -19.51 18.81 39.36
CA ARG F 70 -18.28 19.04 40.12
C ARG F 70 -18.01 17.91 41.10
N GLN F 71 -19.00 17.09 41.42
CA GLN F 71 -18.71 15.88 42.18
C GLN F 71 -17.93 14.87 41.34
N GLY F 72 -18.05 14.91 40.03
CA GLY F 72 -17.55 13.87 39.18
C GLY F 72 -18.59 12.82 38.86
N ARG F 73 -19.58 12.64 39.72
CA ARG F 73 -20.67 11.69 39.54
C ARG F 73 -21.62 12.23 38.50
N THR F 74 -21.23 12.20 37.23
CA THR F 74 -21.95 12.94 36.21
C THR F 74 -23.26 12.23 35.85
N LEU F 75 -24.33 12.99 35.83
CA LEU F 75 -25.66 12.50 35.51
C LEU F 75 -26.13 13.11 34.20
N TYR F 76 -26.80 12.34 33.38
CA TYR F 76 -27.53 12.89 32.24
C TYR F 76 -29.03 12.78 32.48
N GLY F 77 -29.76 13.43 31.59
CA GLY F 77 -31.21 13.33 31.57
C GLY F 77 -31.94 14.45 32.25
N PHE F 78 -31.26 15.50 32.67
CA PHE F 78 -31.97 16.59 33.33
C PHE F 78 -31.50 17.95 32.86
N GLY F 79 -30.79 18.02 31.74
CA GLY F 79 -30.38 19.29 31.19
C GLY F 79 -30.89 19.48 29.78
N LYS G 1 1.67 53.13 43.70
CA LYS G 1 0.71 52.51 44.61
C LYS G 1 0.15 51.26 43.95
N THR G 2 0.80 50.12 44.20
CA THR G 2 0.38 48.87 43.60
C THR G 2 -0.88 48.34 44.28
N ARG G 3 -1.63 47.55 43.53
CA ARG G 3 -2.90 47.03 44.03
C ARG G 3 -2.73 45.98 45.11
N SER G 4 -1.60 45.27 45.11
CA SER G 4 -1.28 44.37 46.21
C SER G 4 -1.03 45.15 47.50
N SER G 5 -0.28 46.25 47.39
CA SER G 5 -0.09 47.12 48.54
C SER G 5 -1.35 47.90 48.85
N ARG G 6 -2.14 48.24 47.82
CA ARG G 6 -3.38 48.98 48.04
C ARG G 6 -4.39 48.16 48.82
N ALA G 7 -4.43 46.85 48.58
CA ALA G 7 -5.31 45.98 49.34
C ALA G 7 -4.62 45.41 50.57
N GLY G 8 -3.30 45.52 50.66
CA GLY G 8 -2.57 44.99 51.79
C GLY G 8 -2.41 43.48 51.68
N LEU G 9 -1.93 43.03 50.54
CA LEU G 9 -1.83 41.61 50.25
C LEU G 9 -0.40 41.24 49.88
N GLN G 10 -0.20 39.97 49.55
CA GLN G 10 1.10 39.48 49.12
C GLN G 10 1.13 38.98 47.68
N PHE G 11 0.06 38.37 47.20
CA PHE G 11 0.07 37.81 45.87
C PHE G 11 -0.24 38.88 44.81
N PRO G 12 0.36 38.77 43.61
CA PRO G 12 0.31 39.88 42.64
C PRO G 12 -1.05 40.10 42.01
N VAL G 13 -1.68 41.22 42.35
CA VAL G 13 -3.00 41.54 41.81
C VAL G 13 -2.90 41.81 40.31
N GLY G 14 -1.79 42.40 39.87
CA GLY G 14 -1.61 42.63 38.45
C GLY G 14 -1.43 41.36 37.65
N ARG G 15 -0.68 40.39 38.18
CA ARG G 15 -0.49 39.14 37.45
C ARG G 15 -1.75 38.30 37.45
N VAL G 16 -2.49 38.28 38.56
CA VAL G 16 -3.74 37.54 38.60
C VAL G 16 -4.78 38.19 37.70
N HIS G 17 -4.78 39.53 37.65
CA HIS G 17 -5.70 40.24 36.78
C HIS G 17 -5.38 40.00 35.31
N ARG G 18 -4.08 39.95 34.98
CA ARG G 18 -3.66 39.64 33.62
C ARG G 18 -4.01 38.22 33.23
N LEU G 19 -3.86 37.26 34.16
CA LEU G 19 -4.18 35.89 33.83
C LEU G 19 -5.69 35.67 33.74
N LEU G 20 -6.47 36.43 34.49
CA LEU G 20 -7.91 36.34 34.33
C LEU G 20 -8.38 37.00 33.05
N ARG G 21 -7.66 38.01 32.57
CA ARG G 21 -8.02 38.62 31.30
C ARG G 21 -7.63 37.71 30.14
N LYS G 22 -6.35 37.40 30.01
CA LYS G 22 -5.92 36.66 28.83
C LYS G 22 -6.17 35.16 28.94
N GLY G 23 -6.68 34.68 30.07
CA GLY G 23 -6.94 33.26 30.16
C GLY G 23 -8.26 32.81 29.58
N ASN G 24 -9.01 33.76 29.00
CA ASN G 24 -10.30 33.52 28.33
C ASN G 24 -11.30 32.86 29.27
N TYR G 25 -11.37 33.34 30.51
CA TYR G 25 -12.32 32.76 31.44
C TYR G 25 -13.68 33.44 31.34
N SER G 26 -13.69 34.75 31.16
CA SER G 26 -14.91 35.48 30.83
C SER G 26 -14.52 36.69 30.01
N GLU G 27 -15.52 37.35 29.44
CA GLU G 27 -15.24 38.52 28.63
C GLU G 27 -14.84 39.70 29.49
N ARG G 28 -15.39 39.81 30.69
CA ARG G 28 -15.01 40.87 31.61
C ARG G 28 -14.57 40.27 32.94
N VAL G 29 -13.59 40.92 33.55
CA VAL G 29 -13.07 40.55 34.86
C VAL G 29 -13.30 41.75 35.76
N GLY G 30 -14.20 41.61 36.73
CA GLY G 30 -14.40 42.67 37.70
C GLY G 30 -13.16 42.86 38.56
N ALA G 31 -12.93 44.11 38.97
CA ALA G 31 -11.65 44.47 39.55
C ALA G 31 -11.45 43.91 40.95
N GLY G 32 -12.53 43.64 41.68
CA GLY G 32 -12.39 43.02 42.98
C GLY G 32 -12.05 41.55 42.95
N ALA G 33 -12.40 40.88 41.85
CA ALA G 33 -12.16 39.44 41.74
C ALA G 33 -10.69 39.00 41.79
N PRO G 34 -9.72 39.66 41.13
CA PRO G 34 -8.34 39.20 41.33
C PRO G 34 -7.84 39.49 42.72
N VAL G 35 -8.37 40.52 43.37
CA VAL G 35 -8.04 40.80 44.77
C VAL G 35 -8.55 39.66 45.65
N TYR G 36 -9.80 39.26 45.42
CA TYR G 36 -10.42 38.19 46.20
C TYR G 36 -9.70 36.87 45.99
N LEU G 37 -9.33 36.59 44.74
CA LEU G 37 -8.69 35.34 44.42
C LEU G 37 -7.25 35.31 44.94
N ALA G 38 -6.56 36.43 44.87
CA ALA G 38 -5.23 36.51 45.43
C ALA G 38 -5.25 36.38 46.94
N ALA G 39 -6.31 36.88 47.57
CA ALA G 39 -6.48 36.69 49.01
C ALA G 39 -6.69 35.22 49.35
N VAL G 40 -7.53 34.53 48.57
CA VAL G 40 -7.81 33.12 48.85
C VAL G 40 -6.57 32.28 48.63
N LEU G 41 -5.82 32.58 47.56
CA LEU G 41 -4.58 31.88 47.30
C LEU G 41 -3.55 32.17 48.36
N GLU G 42 -3.55 33.41 48.86
CA GLU G 42 -2.64 33.79 49.94
C GLU G 42 -2.96 33.03 51.21
N TYR G 43 -4.24 32.84 51.50
CA TYR G 43 -4.62 32.10 52.70
C TYR G 43 -4.29 30.62 52.56
N LEU G 44 -4.52 30.05 51.37
CA LEU G 44 -4.24 28.63 51.17
C LEU G 44 -2.74 28.36 51.20
N THR G 45 -1.97 29.24 50.56
CA THR G 45 -0.52 29.13 50.59
C THR G 45 0.01 29.29 52.00
N ALA G 46 -0.58 30.21 52.77
CA ALA G 46 -0.14 30.44 54.13
C ALA G 46 -0.47 29.25 55.02
N GLU G 47 -1.64 28.64 54.82
CA GLU G 47 -2.04 27.50 55.65
C GLU G 47 -1.18 26.28 55.37
N ILE G 48 -0.95 26.01 54.07
CA ILE G 48 -0.14 24.85 53.70
C ILE G 48 1.31 25.04 54.09
N LEU G 49 1.85 26.25 53.89
CA LEU G 49 3.22 26.49 54.30
C LEU G 49 3.36 26.51 55.81
N GLU G 50 2.28 26.86 56.52
CA GLU G 50 2.29 26.76 57.98
C GLU G 50 2.42 25.32 58.42
N LEU G 51 1.62 24.43 57.81
CA LEU G 51 1.68 23.03 58.18
C LEU G 51 2.98 22.39 57.70
N ALA G 52 3.52 22.84 56.57
CA ALA G 52 4.79 22.29 56.10
C ALA G 52 5.96 22.78 56.94
N GLY G 53 5.89 24.02 57.41
CA GLY G 53 6.90 24.52 58.32
C GLY G 53 6.85 23.83 59.66
N ASN G 54 5.65 23.56 60.16
CA ASN G 54 5.51 22.78 61.39
C ASN G 54 6.04 21.36 61.21
N ALA G 55 5.86 20.78 60.01
CA ALA G 55 6.42 19.48 59.72
C ALA G 55 7.94 19.53 59.71
N ALA G 56 8.50 20.62 59.20
CA ALA G 56 9.96 20.78 59.18
C ALA G 56 10.51 20.97 60.59
N ARG G 57 9.81 21.73 61.42
CA ARG G 57 10.21 21.91 62.81
C ARG G 57 10.09 20.61 63.58
N ASP G 58 9.13 19.75 63.19
CA ASP G 58 9.02 18.45 63.84
C ASP G 58 10.16 17.54 63.43
N ASN G 59 10.68 17.71 62.22
CA ASN G 59 11.89 17.02 61.82
C ASN G 59 13.13 17.84 62.12
N LYS G 60 12.96 18.96 62.86
CA LYS G 60 14.04 19.80 63.37
C LYS G 60 14.94 20.37 62.27
N LYS G 61 14.37 20.59 61.10
CA LYS G 61 15.09 21.19 59.97
C LYS G 61 14.50 22.55 59.66
N THR G 62 15.34 23.47 59.19
CA THR G 62 14.90 24.82 58.83
C THR G 62 14.81 25.01 57.33
N ARG G 63 14.37 23.99 56.60
CA ARG G 63 14.18 24.10 55.15
C ARG G 63 13.18 23.03 54.73
N ILE G 64 12.06 23.48 54.15
CA ILE G 64 10.97 22.59 53.77
C ILE G 64 11.37 21.83 52.51
N ILE G 65 11.30 20.51 52.58
CA ILE G 65 11.60 19.62 51.45
C ILE G 65 10.27 19.00 51.05
N PRO G 66 10.15 18.35 49.87
CA PRO G 66 8.86 17.73 49.49
C PRO G 66 8.32 16.68 50.45
N ARG G 67 9.17 16.03 51.24
CA ARG G 67 8.71 15.12 52.28
C ARG G 67 7.84 15.83 53.30
N HIS G 68 8.20 17.06 53.66
CA HIS G 68 7.39 17.80 54.62
C HIS G 68 6.08 18.24 54.01
N LEU G 69 6.08 18.54 52.70
CA LEU G 69 4.85 18.88 52.02
C LEU G 69 3.90 17.68 51.98
N GLN G 70 4.45 16.49 51.75
CA GLN G 70 3.66 15.26 51.74
C GLN G 70 3.04 15.00 53.11
N LEU G 71 3.86 15.09 54.17
CA LEU G 71 3.37 14.84 55.52
C LEU G 71 2.35 15.88 55.94
N ALA G 72 2.57 17.15 55.57
CA ALA G 72 1.65 18.22 55.93
C ALA G 72 0.30 18.06 55.26
N ILE G 73 0.28 17.75 53.96
CA ILE G 73 -1.00 17.62 53.27
C ILE G 73 -1.72 16.36 53.72
N ARG G 74 -1.00 15.23 53.83
CA ARG G 74 -1.69 14.00 54.17
C ARG G 74 -2.02 13.88 55.65
N ASN G 75 -1.47 14.72 56.52
CA ASN G 75 -1.88 14.68 57.92
C ASN G 75 -3.10 15.54 58.19
N ASP G 76 -3.21 16.71 57.56
CA ASP G 76 -4.39 17.53 57.73
C ASP G 76 -5.53 16.92 56.93
N GLU G 77 -6.64 16.63 57.61
CA GLU G 77 -7.73 15.89 56.98
C GLU G 77 -8.45 16.74 55.95
N GLU G 78 -8.57 18.04 56.21
CA GLU G 78 -9.27 18.93 55.31
C GLU G 78 -8.50 19.14 54.01
N LEU G 79 -7.19 19.36 54.13
CA LEU G 79 -6.35 19.50 52.94
C LEU G 79 -6.13 18.18 52.23
N ASN G 80 -6.15 17.06 52.96
CA ASN G 80 -6.05 15.77 52.31
C ASN G 80 -7.31 15.50 51.50
N LYS G 81 -8.47 15.83 52.06
CA LYS G 81 -9.72 15.66 51.31
C LYS G 81 -9.80 16.66 50.17
N LEU G 82 -9.12 17.80 50.32
CA LEU G 82 -8.93 18.70 49.19
C LEU G 82 -7.98 18.10 48.16
N LEU G 83 -6.85 17.57 48.62
CA LEU G 83 -5.79 17.14 47.71
C LEU G 83 -5.53 15.64 47.77
N GLY G 84 -6.58 14.84 47.81
CA GLY G 84 -6.40 13.40 47.75
C GLY G 84 -6.03 12.88 46.37
N ARG G 85 -6.22 13.70 45.34
CA ARG G 85 -5.93 13.30 43.98
C ARG G 85 -4.54 13.71 43.56
N VAL G 86 -3.80 14.36 44.44
CA VAL G 86 -2.52 14.97 44.09
C VAL G 86 -1.43 14.13 44.71
N THR G 87 -0.54 13.61 43.87
CA THR G 87 0.65 12.91 44.30
C THR G 87 1.83 13.87 44.24
N ILE G 88 2.61 13.92 45.30
CA ILE G 88 3.79 14.77 45.35
C ILE G 88 5.00 13.92 45.05
N ALA G 89 5.83 14.37 44.12
CA ALA G 89 7.04 13.64 43.78
C ALA G 89 8.02 13.71 44.93
N GLN G 90 8.73 12.60 45.15
CA GLN G 90 9.63 12.40 46.30
C GLN G 90 8.90 12.64 47.62
N GLY G 91 7.63 12.23 47.66
CA GLY G 91 6.80 12.53 48.81
C GLY G 91 6.82 11.42 49.84
N GLY G 92 6.78 10.18 49.39
CA GLY G 92 6.60 9.12 50.37
C GLY G 92 5.16 9.09 50.83
N VAL G 93 4.93 8.40 51.95
CA VAL G 93 3.63 8.32 52.56
C VAL G 93 3.75 8.65 54.05
N LEU G 94 2.59 8.66 54.71
CA LEU G 94 2.55 8.83 56.14
C LEU G 94 3.12 7.58 56.82
N PRO G 95 3.64 7.72 58.04
CA PRO G 95 3.92 6.51 58.81
C PRO G 95 2.62 5.82 59.17
N ASN G 96 2.37 4.69 58.51
CA ASN G 96 1.08 4.00 58.58
C ASN G 96 1.37 2.51 58.66
N ILE G 97 1.50 2.01 59.88
CA ILE G 97 1.73 0.58 60.13
C ILE G 97 0.43 -0.03 60.63
N GLN G 98 0.08 -1.19 60.09
CA GLN G 98 -1.15 -1.87 60.48
C GLN G 98 -0.95 -2.55 61.82
N ALA G 99 -1.91 -2.37 62.72
CA ALA G 99 -1.81 -2.93 64.07
C ALA G 99 -1.95 -4.45 64.09
N VAL G 100 -2.67 -5.00 63.11
CA VAL G 100 -2.84 -6.45 63.04
C VAL G 100 -1.55 -7.16 62.64
N LEU G 101 -0.63 -6.45 61.97
CA LEU G 101 0.65 -7.06 61.62
C LEU G 101 1.58 -7.19 62.81
N LEU G 102 1.52 -6.25 63.74
CA LEU G 102 2.37 -6.25 64.93
C LEU G 102 2.04 -7.42 65.87
N SER H 1 9.83 34.46 27.13
CA SER H 1 11.21 34.29 27.57
C SER H 1 11.33 34.49 29.07
N ARG H 2 10.22 34.81 29.71
CA ARG H 2 10.16 35.05 31.15
C ARG H 2 9.23 34.01 31.77
N LYS H 3 9.81 33.05 32.48
CA LYS H 3 9.01 32.02 33.15
C LYS H 3 8.48 32.62 34.44
N GLU H 4 7.25 33.12 34.40
CA GLU H 4 6.69 33.85 35.52
C GLU H 4 6.02 32.87 36.47
N SER H 5 6.73 32.50 37.52
CA SER H 5 6.21 31.64 38.57
C SER H 5 5.83 32.49 39.77
N TYR H 6 5.37 31.81 40.82
CA TYR H 6 4.98 32.48 42.06
C TYR H 6 6.05 32.36 43.12
N SER H 7 7.32 32.32 42.70
CA SER H 7 8.41 31.93 43.59
C SER H 7 8.67 33.00 44.64
N ILE H 8 8.82 34.26 44.21
CA ILE H 8 9.08 35.33 45.15
C ILE H 8 7.86 35.63 46.00
N TYR H 9 6.66 35.32 45.52
CA TYR H 9 5.47 35.64 46.30
C TYR H 9 5.28 34.64 47.41
N VAL H 10 5.44 33.36 47.08
CA VAL H 10 5.43 32.30 48.08
C VAL H 10 6.58 32.48 49.06
N TYR H 11 7.73 32.97 48.57
CA TYR H 11 8.85 33.21 49.47
C TYR H 11 8.58 34.37 50.42
N LYS H 12 7.89 35.41 49.95
CA LYS H 12 7.47 36.50 50.83
C LYS H 12 6.48 36.01 51.87
N VAL H 13 5.55 35.13 51.47
CA VAL H 13 4.61 34.56 52.42
C VAL H 13 5.34 33.67 53.43
N LEU H 14 6.38 32.97 52.98
CA LEU H 14 7.15 32.10 53.87
C LEU H 14 7.93 32.89 54.88
N LYS H 15 8.60 33.96 54.47
CA LYS H 15 9.28 34.80 55.44
C LYS H 15 8.33 35.68 56.23
N GLN H 16 7.08 35.81 55.80
CA GLN H 16 6.10 36.44 56.66
C GLN H 16 5.66 35.51 57.78
N VAL H 17 5.31 34.27 57.46
CA VAL H 17 4.77 33.38 58.48
C VAL H 17 5.86 32.60 59.22
N HIS H 18 6.99 32.33 58.57
CA HIS H 18 8.08 31.61 59.21
C HIS H 18 9.42 32.15 58.76
N PRO H 19 9.94 33.16 59.44
CA PRO H 19 11.20 33.78 59.00
C PRO H 19 12.43 32.93 59.26
N ASP H 20 12.28 31.78 59.90
CA ASP H 20 13.38 30.88 60.20
C ASP H 20 13.21 29.55 59.49
N THR H 21 12.52 29.56 58.36
CA THR H 21 12.25 28.36 57.59
C THR H 21 12.65 28.57 56.14
N GLY H 22 13.44 27.65 55.60
CA GLY H 22 13.84 27.71 54.21
C GLY H 22 12.92 26.88 53.33
N ILE H 23 13.27 26.82 52.05
CA ILE H 23 12.47 26.09 51.06
C ILE H 23 13.40 25.64 49.94
N SER H 24 13.22 24.40 49.48
CA SER H 24 14.05 23.99 48.37
C SER H 24 13.43 24.44 47.06
N SER H 25 14.23 24.32 45.99
CA SER H 25 13.76 24.72 44.67
C SER H 25 12.71 23.75 44.17
N LYS H 26 12.89 22.46 44.49
CA LYS H 26 11.89 21.46 44.12
C LYS H 26 10.59 21.70 44.85
N ALA H 27 10.67 22.12 46.12
CA ALA H 27 9.47 22.46 46.86
C ALA H 27 8.85 23.73 46.32
N MET H 28 9.67 24.67 45.84
CA MET H 28 9.14 25.88 45.21
C MET H 28 8.43 25.54 43.91
N GLY H 29 8.95 24.59 43.14
CA GLY H 29 8.25 24.13 41.95
C GLY H 29 6.95 23.43 42.29
N ILE H 30 6.94 22.69 43.39
CA ILE H 30 5.71 22.01 43.82
C ILE H 30 4.66 23.04 44.23
N MET H 31 5.09 24.10 44.91
CA MET H 31 4.15 25.14 45.28
C MET H 31 3.68 25.95 44.07
N ASN H 32 4.55 26.11 43.07
CA ASN H 32 4.14 26.76 41.82
C ASN H 32 3.09 25.93 41.10
N SER H 33 3.31 24.62 41.00
CA SER H 33 2.34 23.75 40.38
C SER H 33 1.05 23.70 41.17
N PHE H 34 1.15 23.84 42.49
CA PHE H 34 -0.02 23.88 43.34
C PHE H 34 -0.86 25.12 43.09
N VAL H 35 -0.20 26.28 43.07
CA VAL H 35 -0.91 27.54 42.88
C VAL H 35 -1.54 27.59 41.49
N ASN H 36 -0.84 27.07 40.48
CA ASN H 36 -1.42 27.01 39.15
C ASN H 36 -2.59 26.05 39.10
N ASP H 37 -2.53 24.96 39.87
CA ASP H 37 -3.61 23.99 39.90
C ASP H 37 -4.86 24.57 40.53
N ILE H 38 -4.69 25.24 41.67
CA ILE H 38 -5.84 25.81 42.36
C ILE H 38 -6.40 26.99 41.59
N PHE H 39 -5.52 27.75 40.94
CA PHE H 39 -5.96 28.85 40.09
C PHE H 39 -6.78 28.33 38.92
N GLU H 40 -6.36 27.22 38.30
CA GLU H 40 -7.14 26.64 37.22
C GLU H 40 -8.46 26.11 37.71
N ARG H 41 -8.48 25.54 38.93
CA ARG H 41 -9.73 25.01 39.47
C ARG H 41 -10.73 26.11 39.72
N ILE H 42 -10.30 27.16 40.41
CA ILE H 42 -11.22 28.24 40.77
C ILE H 42 -11.61 29.04 39.54
N ALA H 43 -10.67 29.23 38.61
CA ALA H 43 -10.97 30.01 37.42
C ALA H 43 -11.92 29.28 36.49
N GLY H 44 -11.75 27.96 36.35
CA GLY H 44 -12.69 27.21 35.54
C GLY H 44 -14.05 27.10 36.20
N GLU H 45 -14.07 27.03 37.53
CA GLU H 45 -15.34 26.96 38.24
C GLU H 45 -16.11 28.27 38.12
N ALA H 46 -15.40 29.39 38.22
CA ALA H 46 -16.06 30.68 38.08
C ALA H 46 -16.42 30.97 36.64
N SER H 47 -15.63 30.48 35.67
CA SER H 47 -16.00 30.60 34.27
C SER H 47 -17.29 29.86 33.99
N ARG H 48 -17.42 28.65 34.53
CA ARG H 48 -18.64 27.90 34.32
C ARG H 48 -19.80 28.53 35.08
N LEU H 49 -19.53 29.17 36.22
CA LEU H 49 -20.57 29.91 36.92
C LEU H 49 -21.05 31.11 36.12
N ALA H 50 -20.12 31.80 35.44
CA ALA H 50 -20.51 32.91 34.58
C ALA H 50 -21.34 32.42 33.41
N HIS H 51 -21.01 31.24 32.87
CA HIS H 51 -21.83 30.70 31.79
C HIS H 51 -23.15 30.15 32.30
N TYR H 52 -23.28 29.87 33.59
CA TYR H 52 -24.56 29.38 34.10
C TYR H 52 -25.53 30.53 34.26
N ASN H 53 -25.09 31.61 34.88
CA ASN H 53 -25.94 32.77 35.11
C ASN H 53 -25.89 33.77 33.97
N LYS H 54 -25.18 33.44 32.89
CA LYS H 54 -25.12 34.24 31.65
C LYS H 54 -24.60 35.66 31.88
N ARG H 55 -23.81 35.86 32.92
CA ARG H 55 -23.02 37.07 33.05
C ARG H 55 -21.69 36.90 32.34
N SER H 56 -21.21 37.98 31.74
CA SER H 56 -19.89 38.00 31.12
C SER H 56 -18.83 38.63 32.00
N THR H 57 -19.10 38.77 33.30
CA THR H 57 -18.24 39.54 34.19
C THR H 57 -18.03 38.73 35.46
N ILE H 58 -16.84 38.16 35.61
CA ILE H 58 -16.44 37.55 36.87
C ILE H 58 -16.24 38.66 37.91
N THR H 59 -16.95 38.56 39.03
CA THR H 59 -16.74 39.41 40.18
C THR H 59 -16.32 38.56 41.36
N SER H 60 -16.17 39.23 42.51
CA SER H 60 -15.77 38.54 43.73
C SER H 60 -16.83 37.59 44.25
N ARG H 61 -18.10 37.79 43.87
CA ARG H 61 -19.16 36.87 44.28
C ARG H 61 -18.98 35.51 43.62
N GLU H 62 -18.58 35.49 42.35
CA GLU H 62 -18.33 34.25 41.66
C GLU H 62 -17.14 33.52 42.26
N ILE H 63 -16.11 34.26 42.65
CA ILE H 63 -14.93 33.63 43.24
C ILE H 63 -15.29 33.12 44.63
N GLN H 64 -16.20 33.83 45.31
CA GLN H 64 -16.69 33.40 46.61
C GLN H 64 -17.43 32.07 46.50
N THR H 65 -18.26 31.95 45.46
CA THR H 65 -19.00 30.72 45.28
C THR H 65 -18.08 29.57 44.89
N ALA H 66 -17.10 29.85 44.03
CA ALA H 66 -16.16 28.80 43.62
C ALA H 66 -15.28 28.35 44.77
N VAL H 67 -14.93 29.26 45.67
CA VAL H 67 -14.16 28.88 46.85
C VAL H 67 -15.02 28.04 47.78
N ARG H 68 -16.28 28.43 47.98
CA ARG H 68 -17.18 27.62 48.80
C ARG H 68 -17.46 26.26 48.20
N LEU H 69 -17.35 26.12 46.88
CA LEU H 69 -17.51 24.80 46.30
C LEU H 69 -16.24 23.97 46.42
N LEU H 70 -15.10 24.54 46.05
CA LEU H 70 -13.91 23.73 45.87
C LEU H 70 -13.24 23.37 47.18
N LEU H 71 -13.33 24.21 48.16
CA LEU H 71 -12.62 23.89 49.39
C LEU H 71 -13.54 23.16 50.35
N PRO H 72 -12.99 22.39 51.28
CA PRO H 72 -13.83 21.82 52.34
C PRO H 72 -14.27 22.89 53.33
N GLY H 73 -15.03 22.51 54.36
CA GLY H 73 -15.84 23.43 55.13
C GLY H 73 -15.20 24.63 55.82
N GLU H 74 -14.40 24.39 56.85
CA GLU H 74 -13.86 25.50 57.61
C GLU H 74 -12.74 26.22 56.90
N LEU H 75 -12.01 25.52 56.03
CA LEU H 75 -11.05 26.19 55.16
C LEU H 75 -11.74 27.16 54.22
N ALA H 76 -12.89 26.75 53.66
CA ALA H 76 -13.63 27.65 52.80
C ALA H 76 -14.20 28.81 53.59
N LYS H 77 -14.62 28.56 54.83
CA LYS H 77 -15.15 29.61 55.69
C LYS H 77 -14.08 30.66 55.98
N HIS H 78 -12.88 30.22 56.37
CA HIS H 78 -11.79 31.14 56.63
C HIS H 78 -11.34 31.85 55.36
N ALA H 79 -11.42 31.16 54.21
CA ALA H 79 -10.97 31.76 52.97
C ALA H 79 -11.95 32.83 52.48
N VAL H 80 -13.24 32.57 52.63
CA VAL H 80 -14.25 33.58 52.31
C VAL H 80 -14.13 34.77 53.25
N SER H 81 -13.78 34.52 54.51
CA SER H 81 -13.54 35.61 55.45
C SER H 81 -12.35 36.47 55.03
N GLU H 82 -11.25 35.81 54.64
CA GLU H 82 -10.05 36.55 54.22
C GLU H 82 -10.29 37.32 52.94
N GLY H 83 -11.01 36.71 51.99
CA GLY H 83 -11.31 37.40 50.75
C GLY H 83 -12.23 38.59 50.94
N THR H 84 -13.25 38.44 51.78
CA THR H 84 -14.18 39.55 52.02
C THR H 84 -13.46 40.69 52.72
N LYS H 85 -12.57 40.35 53.66
CA LYS H 85 -11.73 41.34 54.32
C LYS H 85 -10.85 42.08 53.32
N ALA H 86 -10.22 41.33 52.40
CA ALA H 86 -9.30 41.97 51.46
C ALA H 86 -10.03 42.82 50.43
N VAL H 87 -11.21 42.39 49.99
CA VAL H 87 -12.01 43.20 49.08
C VAL H 87 -12.50 44.45 49.78
N THR H 88 -12.79 44.35 51.09
CA THR H 88 -13.15 45.54 51.86
C THR H 88 -11.97 46.50 51.95
N LYS H 89 -10.76 45.97 52.12
CA LYS H 89 -9.56 46.80 52.13
C LYS H 89 -9.34 47.48 50.79
N TYR H 90 -9.49 46.74 49.69
CA TYR H 90 -9.28 47.30 48.37
C TYR H 90 -10.36 48.29 47.99
N THR H 91 -11.57 48.11 48.52
CA THR H 91 -12.66 49.03 48.24
C THR H 91 -12.47 50.32 49.03
N SER H 92 -12.02 50.20 50.28
CA SER H 92 -11.83 51.38 51.11
C SER H 92 -10.63 52.20 50.64
N ALA H 93 -9.67 51.57 49.98
CA ALA H 93 -8.51 52.26 49.46
C ALA H 93 -8.54 52.32 47.94
N ASP K 1 -61.99 -20.44 -21.20
CA ASP K 1 -60.98 -20.99 -20.29
C ASP K 1 -61.60 -21.76 -19.12
N ALA K 2 -60.77 -22.45 -18.36
CA ALA K 2 -61.23 -23.23 -17.22
C ALA K 2 -60.10 -23.43 -16.23
N ALA K 3 -60.43 -23.37 -14.95
CA ALA K 3 -59.45 -23.59 -13.90
C ALA K 3 -59.12 -25.08 -13.81
N PRO K 4 -57.91 -25.42 -13.33
CA PRO K 4 -57.61 -26.83 -13.04
C PRO K 4 -58.50 -27.37 -11.93
N GLY K 5 -58.78 -28.67 -12.00
CA GLY K 5 -59.78 -29.28 -11.14
C GLY K 5 -59.30 -29.34 -9.70
N ALA K 6 -60.14 -28.87 -8.78
CA ALA K 6 -59.76 -28.84 -7.37
C ALA K 6 -59.60 -30.25 -6.79
N SER K 7 -60.37 -31.21 -7.31
CA SER K 7 -60.15 -32.61 -6.93
C SER K 7 -58.81 -33.11 -7.46
N LYS K 8 -58.45 -32.70 -8.68
CA LYS K 8 -57.15 -33.04 -9.24
C LYS K 8 -56.02 -32.38 -8.47
N LEU K 9 -56.21 -31.13 -8.03
CA LEU K 9 -55.18 -30.45 -7.26
C LEU K 9 -55.04 -31.05 -5.86
N ARG K 10 -56.14 -31.48 -5.27
CA ARG K 10 -56.05 -32.21 -4.00
C ARG K 10 -55.43 -33.59 -4.17
N ALA K 11 -55.63 -34.21 -5.33
CA ALA K 11 -54.92 -35.46 -5.62
C ALA K 11 -53.42 -35.24 -5.77
N VAL K 12 -53.03 -34.10 -6.36
CA VAL K 12 -51.61 -33.75 -6.41
C VAL K 12 -51.07 -33.48 -5.01
N LEU K 13 -51.89 -32.87 -4.14
CA LEU K 13 -51.49 -32.65 -2.75
C LEU K 13 -51.34 -33.97 -2.00
N GLU K 14 -52.20 -34.95 -2.30
CA GLU K 14 -52.07 -36.29 -1.73
C GLU K 14 -50.80 -36.97 -2.23
N LYS K 15 -50.48 -36.76 -3.52
CA LYS K 15 -49.21 -37.25 -4.07
C LYS K 15 -48.01 -36.55 -3.44
N LEU K 16 -48.18 -35.30 -3.02
CA LEU K 16 -47.10 -34.60 -2.31
C LEU K 16 -46.92 -35.15 -0.90
N LYS K 17 -48.03 -35.51 -0.24
CA LYS K 17 -47.93 -36.21 1.04
C LYS K 17 -47.23 -37.56 0.87
N LEU K 18 -47.53 -38.25 -0.23
CA LEU K 18 -46.84 -39.50 -0.57
C LEU K 18 -45.36 -39.25 -0.86
N SER K 19 -45.03 -38.08 -1.41
CA SER K 19 -43.63 -37.72 -1.61
C SER K 19 -42.92 -37.44 -0.30
N ARG K 20 -43.62 -36.82 0.67
CA ARG K 20 -43.01 -36.49 1.95
C ARG K 20 -43.32 -37.51 3.04
N ASP K 21 -43.70 -38.74 2.67
CA ASP K 21 -43.85 -39.80 3.67
C ASP K 21 -42.50 -40.31 4.19
N ASP K 22 -41.38 -40.00 3.53
CA ASP K 22 -40.09 -40.61 3.86
C ASP K 22 -39.23 -39.72 4.75
N ILE K 23 -39.86 -38.99 5.68
CA ILE K 23 -39.10 -38.10 6.56
C ILE K 23 -38.39 -38.89 7.66
N SER K 24 -39.09 -39.85 8.28
CA SER K 24 -38.74 -40.36 9.61
C SER K 24 -37.38 -41.06 9.68
N THR K 25 -36.83 -41.54 8.57
CA THR K 25 -35.47 -42.08 8.63
C THR K 25 -34.41 -41.06 8.22
N ALA K 26 -34.69 -40.22 7.22
CA ALA K 26 -33.71 -39.24 6.78
C ALA K 26 -33.51 -38.16 7.84
N ALA K 27 -34.55 -37.82 8.58
CA ALA K 27 -34.44 -36.85 9.67
C ALA K 27 -33.57 -37.39 10.79
N GLY K 28 -33.69 -38.69 11.08
CA GLY K 28 -32.82 -39.30 12.08
C GLY K 28 -31.37 -39.36 11.64
N MET K 29 -31.14 -39.68 10.36
CA MET K 29 -29.76 -39.70 9.85
C MET K 29 -29.13 -38.31 9.86
N VAL K 30 -29.87 -37.29 9.43
CA VAL K 30 -29.28 -35.95 9.42
C VAL K 30 -29.19 -35.40 10.82
N LYS K 31 -30.05 -35.86 11.75
CA LYS K 31 -29.93 -35.43 13.13
C LYS K 31 -28.71 -36.05 13.80
N GLY K 32 -28.42 -37.31 13.49
CA GLY K 32 -27.19 -37.92 13.98
C GLY K 32 -25.93 -37.28 13.44
N VAL K 33 -25.92 -36.97 12.13
CA VAL K 33 -24.74 -36.35 11.54
C VAL K 33 -24.55 -34.92 12.04
N VAL K 34 -25.64 -34.15 12.15
CA VAL K 34 -25.59 -32.79 12.69
C VAL K 34 -25.17 -32.81 14.16
N ASP K 35 -25.68 -33.79 14.92
CA ASP K 35 -25.30 -33.94 16.33
C ASP K 35 -23.81 -34.21 16.49
N HIS K 36 -23.27 -35.15 15.72
CA HIS K 36 -21.85 -35.48 15.84
C HIS K 36 -20.98 -34.32 15.36
N LEU K 37 -21.42 -33.63 14.31
CA LEU K 37 -20.60 -32.57 13.75
C LEU K 37 -20.66 -31.35 14.66
N LEU K 38 -21.77 -31.13 15.34
CA LEU K 38 -21.91 -30.01 16.25
C LEU K 38 -21.18 -30.31 17.55
N LEU K 39 -21.06 -31.58 17.92
CA LEU K 39 -20.26 -31.98 19.07
C LEU K 39 -18.80 -32.18 18.71
N ARG K 40 -18.42 -31.89 17.46
CA ARG K 40 -17.01 -31.77 17.12
C ARG K 40 -16.61 -30.37 16.70
N LEU K 41 -17.57 -29.50 16.36
CA LEU K 41 -17.30 -28.07 16.28
C LEU K 41 -16.95 -27.48 17.64
N LYS K 42 -17.54 -28.02 18.72
CA LYS K 42 -17.28 -27.50 20.05
C LYS K 42 -15.86 -27.83 20.52
N CYS K 43 -15.20 -28.82 19.91
CA CYS K 43 -13.79 -29.05 20.19
C CYS K 43 -12.92 -27.94 19.62
N ASP K 44 -13.33 -27.31 18.53
CA ASP K 44 -12.57 -26.23 17.94
C ASP K 44 -12.79 -24.93 18.70
N SER K 45 -11.70 -24.31 19.13
CA SER K 45 -11.76 -23.03 19.82
C SER K 45 -12.00 -21.84 18.90
N ALA K 46 -11.64 -21.96 17.62
CA ALA K 46 -11.79 -20.85 16.68
C ALA K 46 -13.19 -20.74 16.09
N PHE K 47 -14.11 -21.61 16.47
CA PHE K 47 -15.47 -21.58 15.95
C PHE K 47 -16.46 -21.88 17.07
N ARG K 48 -16.21 -21.34 18.25
CA ARG K 48 -17.02 -21.62 19.42
C ARG K 48 -18.37 -20.90 19.41
N GLY K 49 -18.65 -20.07 18.42
CA GLY K 49 -19.93 -19.41 18.33
C GLY K 49 -20.83 -19.88 17.22
N VAL K 50 -20.53 -21.00 16.57
CA VAL K 50 -21.34 -21.47 15.46
C VAL K 50 -22.63 -22.08 16.00
N GLY K 51 -23.61 -22.23 15.11
CA GLY K 51 -24.86 -22.82 15.55
C GLY K 51 -25.73 -23.24 14.40
N LEU K 52 -26.79 -23.97 14.74
CA LEU K 52 -27.81 -24.40 13.80
C LEU K 52 -28.99 -23.45 13.92
N LEU K 53 -29.26 -22.69 12.86
CA LEU K 53 -30.48 -21.92 12.81
C LEU K 53 -31.66 -22.86 12.64
N ASN K 54 -32.70 -22.67 13.45
CA ASN K 54 -33.80 -23.62 13.52
C ASN K 54 -34.89 -23.21 12.53
N THR K 55 -34.70 -23.60 11.27
CA THR K 55 -35.71 -23.41 10.22
C THR K 55 -35.95 -24.72 9.45
N TYR K 59 -34.69 -28.18 8.82
CA TYR K 59 -35.92 -28.69 8.22
C TYR K 59 -36.48 -27.64 7.25
N GLU K 60 -35.75 -27.41 6.16
CA GLU K 60 -36.14 -26.43 5.14
C GLU K 60 -36.26 -27.19 3.82
N HIS K 61 -37.46 -27.68 3.52
CA HIS K 61 -37.69 -28.38 2.27
C HIS K 61 -37.77 -27.38 1.12
N VAL K 62 -36.60 -27.03 0.58
CA VAL K 62 -36.57 -26.24 -0.64
C VAL K 62 -36.98 -27.10 -1.83
N LYS K 63 -36.65 -28.39 -1.77
CA LYS K 63 -36.92 -29.36 -2.83
C LYS K 63 -38.02 -30.29 -2.33
N ILE K 64 -39.28 -29.90 -2.57
CA ILE K 64 -40.41 -30.69 -2.11
C ILE K 64 -40.72 -31.87 -3.05
N SER K 65 -40.30 -31.82 -4.32
CA SER K 65 -40.52 -32.95 -5.20
C SER K 65 -39.65 -34.15 -4.86
N ALA K 66 -38.53 -33.94 -4.16
CA ALA K 66 -37.70 -35.03 -3.67
C ALA K 66 -37.12 -34.66 -2.31
N PRO K 67 -37.80 -35.04 -1.22
CA PRO K 67 -37.35 -34.67 0.12
C PRO K 67 -36.16 -35.47 0.65
N ASN K 68 -35.47 -36.24 -0.19
CA ASN K 68 -34.32 -37.01 0.27
C ASN K 68 -33.03 -36.20 0.23
N GLU K 69 -33.04 -35.05 -0.44
CA GLU K 69 -31.92 -34.13 -0.46
C GLU K 69 -32.21 -32.97 0.48
N PHE K 70 -31.27 -32.68 1.37
CA PHE K 70 -31.41 -31.63 2.37
C PHE K 70 -30.42 -30.50 2.09
N ASP K 71 -30.80 -29.30 2.51
CA ASP K 71 -29.97 -28.10 2.44
C ASP K 71 -29.94 -27.53 3.86
N VAL K 72 -29.00 -28.00 4.67
CA VAL K 72 -28.98 -27.68 6.10
C VAL K 72 -28.14 -26.43 6.27
N MET K 73 -28.74 -25.41 6.85
CA MET K 73 -28.10 -24.11 7.03
C MET K 73 -27.60 -23.99 8.46
N PHE K 74 -26.41 -23.43 8.62
CA PHE K 74 -25.85 -23.18 9.93
C PHE K 74 -25.74 -21.67 10.15
N LYS K 75 -25.98 -21.26 11.39
CA LYS K 75 -25.89 -19.87 11.79
C LYS K 75 -24.61 -19.59 12.55
N LEU K 76 -24.24 -18.32 12.58
CA LEU K 76 -23.01 -17.89 13.22
C LEU K 76 -23.24 -16.48 13.74
N GLU K 77 -23.14 -16.33 15.05
CA GLU K 77 -23.47 -15.08 15.74
C GLU K 77 -22.31 -14.10 15.58
N VAL K 78 -22.53 -13.03 14.82
CA VAL K 78 -21.45 -12.14 14.45
C VAL K 78 -21.60 -10.80 15.18
N PRO K 79 -20.55 -9.98 15.24
CA PRO K 79 -20.71 -8.59 15.69
C PRO K 79 -21.43 -7.72 14.68
N ARG K 80 -21.56 -6.43 15.01
CA ARG K 80 -22.23 -5.50 14.12
C ARG K 80 -21.32 -5.18 12.94
N ILE K 81 -21.91 -5.07 11.77
CA ILE K 81 -21.17 -5.14 10.52
C ILE K 81 -21.56 -3.93 9.68
N GLN K 82 -20.57 -3.12 9.30
CA GLN K 82 -20.78 -2.12 8.27
C GLN K 82 -20.80 -2.81 6.91
N LEU K 83 -21.82 -2.52 6.11
CA LEU K 83 -22.03 -3.19 4.85
C LEU K 83 -21.67 -2.27 3.69
N GLU K 84 -20.84 -2.77 2.79
CA GLU K 84 -20.46 -2.07 1.58
C GLU K 84 -21.11 -2.75 0.39
N GLU K 85 -22.02 -2.06 -0.27
CA GLU K 85 -22.64 -2.58 -1.49
C GLU K 85 -21.62 -2.66 -2.61
N TYR K 86 -21.67 -3.76 -3.37
CA TYR K 86 -20.76 -3.97 -4.48
C TYR K 86 -21.42 -3.55 -5.78
N SER K 87 -20.80 -2.57 -6.46
CA SER K 87 -21.00 -2.28 -7.88
C SER K 87 -22.45 -1.92 -8.23
N ASN K 88 -23.21 -1.42 -7.25
CA ASN K 88 -24.63 -1.09 -7.38
C ASN K 88 -25.47 -2.28 -7.83
N THR K 89 -25.07 -3.50 -7.46
CA THR K 89 -25.81 -4.70 -7.81
C THR K 89 -27.07 -4.88 -6.97
N ARG K 90 -27.25 -4.08 -5.92
CA ARG K 90 -28.41 -3.97 -5.03
C ARG K 90 -28.66 -5.22 -4.18
N ALA K 91 -27.88 -6.28 -4.33
CA ALA K 91 -28.00 -7.44 -3.46
C ALA K 91 -26.67 -8.01 -2.99
N TYR K 92 -25.55 -7.66 -3.61
CA TYR K 92 -24.25 -8.19 -3.23
C TYR K 92 -23.52 -7.15 -2.41
N TYR K 93 -23.26 -7.48 -1.16
CA TYR K 93 -22.69 -6.57 -0.19
C TYR K 93 -21.34 -7.10 0.29
N PHE K 94 -20.51 -6.19 0.79
CA PHE K 94 -19.29 -6.59 1.47
C PHE K 94 -19.49 -6.54 2.97
N VAL K 95 -18.92 -7.54 3.64
CA VAL K 95 -19.00 -7.64 5.10
C VAL K 95 -17.76 -6.98 5.67
N LYS K 96 -17.94 -5.87 6.35
CA LYS K 96 -16.89 -5.23 7.13
C LYS K 96 -17.36 -5.09 8.56
N PHE K 97 -16.68 -5.79 9.48
CA PHE K 97 -16.97 -5.65 10.90
C PHE K 97 -16.57 -4.24 11.33
N LYS K 98 -17.60 -3.42 11.57
CA LYS K 98 -17.45 -1.97 11.70
C LYS K 98 -16.48 -1.62 12.81
N ARG K 99 -16.78 -2.07 14.03
CA ARG K 99 -15.89 -1.90 15.16
C ARG K 99 -16.23 -2.92 16.22
N ASN K 100 -15.20 -3.60 16.73
CA ASN K 100 -15.37 -4.64 17.73
C ASN K 100 -14.23 -4.55 18.71
N PRO K 101 -14.51 -4.21 19.97
CA PRO K 101 -13.46 -4.22 20.99
C PRO K 101 -13.22 -5.59 21.59
N LYS K 102 -14.19 -6.51 21.51
CA LYS K 102 -14.00 -7.82 22.11
C LYS K 102 -13.03 -8.70 21.31
N GLU K 103 -12.80 -8.37 20.05
CA GLU K 103 -11.91 -9.09 19.12
C GLU K 103 -12.31 -10.56 18.99
N ASN K 104 -13.50 -10.74 18.42
CA ASN K 104 -14.00 -12.07 18.15
C ASN K 104 -13.21 -12.71 16.99
N PRO K 105 -13.00 -14.03 17.03
CA PRO K 105 -11.96 -14.64 16.19
C PRO K 105 -12.28 -14.65 14.70
N LEU K 106 -13.53 -14.37 14.33
CA LEU K 106 -13.88 -14.20 12.93
C LEU K 106 -13.13 -13.03 12.33
N SER K 107 -13.02 -11.93 13.09
CA SER K 107 -12.21 -10.79 12.68
C SER K 107 -10.73 -11.14 12.63
N GLN K 108 -10.28 -12.02 13.52
CA GLN K 108 -8.91 -12.50 13.48
C GLN K 108 -8.65 -13.35 12.25
N PHE K 109 -9.68 -14.02 11.74
CA PHE K 109 -9.56 -14.80 10.50
C PHE K 109 -9.59 -13.92 9.26
N LEU K 110 -10.20 -12.74 9.35
CA LEU K 110 -10.51 -11.88 8.21
C LEU K 110 -9.25 -11.41 7.50
N GLU K 111 -9.41 -11.01 6.25
CA GLU K 111 -8.35 -10.42 5.44
C GLU K 111 -8.66 -8.95 5.17
N GLY K 112 -7.77 -8.06 5.62
CA GLY K 112 -7.91 -6.64 5.36
C GLY K 112 -9.06 -5.99 6.09
N GLU K 113 -10.11 -5.59 5.37
CA GLU K 113 -11.34 -5.16 6.00
C GLU K 113 -12.57 -5.93 5.55
N ILE K 114 -12.58 -6.48 4.33
CA ILE K 114 -13.70 -7.27 3.85
C ILE K 114 -13.50 -8.70 4.33
N LEU K 115 -14.55 -9.30 4.89
CA LEU K 115 -14.47 -10.69 5.29
C LEU K 115 -14.39 -11.58 4.06
N SER K 116 -13.35 -12.41 4.01
CA SER K 116 -13.09 -13.22 2.83
C SER K 116 -14.01 -14.43 2.85
N ALA K 117 -14.99 -14.43 1.95
CA ALA K 117 -15.96 -15.52 1.89
C ALA K 117 -15.30 -16.81 1.41
N SER K 118 -14.36 -16.69 0.48
CA SER K 118 -13.66 -17.86 -0.04
C SER K 118 -12.81 -18.53 1.04
N LYS K 119 -12.18 -17.72 1.88
CA LYS K 119 -11.40 -18.22 3.02
C LYS K 119 -12.30 -18.93 4.03
N MET K 120 -13.47 -18.35 4.30
CA MET K 120 -14.45 -18.93 5.22
C MET K 120 -14.96 -20.27 4.71
N LEU K 121 -15.30 -20.33 3.42
CA LEU K 121 -15.84 -21.56 2.88
C LEU K 121 -14.75 -22.60 2.69
N SER K 122 -13.52 -22.15 2.46
CA SER K 122 -12.38 -23.06 2.33
C SER K 122 -12.09 -23.74 3.65
N LYS K 123 -11.95 -22.97 4.73
CA LYS K 123 -11.66 -23.57 6.02
C LYS K 123 -12.88 -24.31 6.57
N PHE K 124 -14.08 -23.91 6.15
CA PHE K 124 -15.29 -24.63 6.53
C PHE K 124 -15.31 -26.01 5.89
N ARG K 125 -14.95 -26.08 4.62
CA ARG K 125 -14.84 -27.36 3.93
C ARG K 125 -13.71 -28.19 4.57
N LYS K 126 -12.61 -27.52 4.92
CA LYS K 126 -11.45 -28.17 5.53
C LYS K 126 -11.80 -28.85 6.87
N ILE K 127 -12.59 -28.16 7.70
CA ILE K 127 -13.02 -28.71 8.97
C ILE K 127 -14.05 -29.82 8.77
N ILE K 128 -14.96 -29.67 7.79
CA ILE K 128 -15.92 -30.73 7.48
C ILE K 128 -15.22 -31.98 6.97
N LYS K 129 -14.32 -31.83 6.01
CA LYS K 129 -13.68 -33.00 5.43
C LYS K 129 -12.91 -33.74 6.50
N GLU K 130 -12.25 -32.99 7.35
CA GLU K 130 -11.48 -33.53 8.46
C GLU K 130 -12.32 -34.24 9.53
N GLU K 131 -13.51 -33.71 9.81
CA GLU K 131 -14.30 -34.25 10.90
C GLU K 131 -15.30 -35.32 10.48
N ILE K 132 -15.75 -35.35 9.22
CA ILE K 132 -16.72 -36.36 8.82
C ILE K 132 -16.09 -37.72 8.58
N ASN K 133 -14.76 -37.74 8.49
CA ASN K 133 -14.04 -38.99 8.39
C ASN K 133 -14.21 -39.75 9.71
N ASP K 134 -14.20 -39.00 10.82
CA ASP K 134 -14.27 -39.56 12.16
C ASP K 134 -15.62 -40.19 12.47
N ILE K 135 -16.61 -40.03 11.60
CA ILE K 135 -17.94 -40.56 11.86
C ILE K 135 -17.93 -42.06 11.58
N LYS K 136 -18.33 -42.84 12.57
CA LYS K 136 -18.31 -44.29 12.49
C LYS K 136 -19.70 -44.84 12.22
N ASP K 137 -19.77 -45.84 11.32
CA ASP K 137 -21.01 -46.51 10.89
C ASP K 137 -22.04 -45.54 10.30
N THR K 138 -21.56 -44.46 9.69
CA THR K 138 -22.42 -43.55 8.93
C THR K 138 -21.53 -42.95 7.83
N ASP K 139 -21.64 -43.51 6.63
CA ASP K 139 -20.72 -43.18 5.55
C ASP K 139 -21.08 -41.79 5.01
N VAL K 140 -20.29 -40.81 5.43
CA VAL K 140 -20.46 -39.42 4.99
C VAL K 140 -19.18 -39.05 4.26
N ILE K 141 -19.30 -38.71 2.98
CA ILE K 141 -18.15 -38.48 2.13
C ILE K 141 -18.25 -37.07 1.54
N MET K 142 -17.10 -36.52 1.17
CA MET K 142 -17.02 -35.17 0.62
C MET K 142 -17.27 -35.27 -0.88
N LYS K 143 -18.45 -34.79 -1.29
CA LYS K 143 -18.88 -34.71 -2.68
C LYS K 143 -18.23 -33.49 -3.35
N ARG K 144 -18.23 -33.46 -4.68
CA ARG K 144 -17.60 -32.37 -5.40
C ARG K 144 -18.21 -31.00 -5.05
N LYS K 145 -17.35 -30.00 -4.96
CA LYS K 145 -17.73 -28.64 -4.60
C LYS K 145 -17.97 -27.75 -5.82
N ARG K 146 -17.99 -28.36 -7.01
CA ARG K 146 -18.18 -27.65 -8.27
C ARG K 146 -19.59 -27.07 -8.41
N GLY K 147 -19.74 -26.21 -9.41
CA GLY K 147 -21.00 -25.55 -9.72
C GLY K 147 -21.16 -24.09 -9.33
N GLY K 148 -20.12 -23.47 -8.79
CA GLY K 148 -20.19 -22.08 -8.41
C GLY K 148 -21.33 -21.75 -7.45
N SER K 149 -21.50 -22.61 -6.46
CA SER K 149 -22.55 -22.50 -5.46
C SER K 149 -22.00 -22.75 -4.07
N PRO K 150 -22.86 -22.68 -3.06
CA PRO K 150 -22.45 -22.91 -1.67
C PRO K 150 -21.88 -24.32 -1.51
N ALA K 151 -22.50 -25.31 -2.16
CA ALA K 151 -22.01 -26.69 -2.15
C ALA K 151 -21.87 -27.34 -0.78
N VAL K 152 -20.65 -27.82 -0.49
CA VAL K 152 -20.31 -28.53 0.75
C VAL K 152 -21.21 -29.75 0.82
N THR K 153 -21.48 -30.31 -0.36
CA THR K 153 -22.29 -31.50 -0.49
C THR K 153 -21.76 -32.63 0.38
N LEU K 154 -22.65 -33.19 1.20
CA LEU K 154 -22.35 -34.33 2.03
C LEU K 154 -23.42 -35.39 1.81
N LEU K 155 -23.00 -36.60 1.49
CA LEU K 155 -23.93 -37.68 1.24
C LEU K 155 -23.92 -38.59 2.44
N ILE K 156 -25.10 -38.78 3.03
CA ILE K 156 -25.22 -39.64 4.22
C ILE K 156 -25.69 -41.00 3.72
N SER K 157 -24.74 -41.76 3.16
CA SER K 157 -24.69 -43.22 3.07
C SER K 157 -25.75 -43.88 2.18
N GLU K 158 -26.86 -43.19 1.87
CA GLU K 158 -27.82 -43.65 0.85
C GLU K 158 -28.67 -42.47 0.36
N LYS K 159 -28.21 -41.82 -0.72
CA LYS K 159 -28.91 -40.74 -1.44
C LYS K 159 -29.38 -39.57 -0.56
N ILE K 160 -28.85 -39.43 0.66
CA ILE K 160 -29.21 -38.32 1.53
C ILE K 160 -28.15 -37.26 1.28
N SER K 161 -28.38 -36.43 0.27
CA SER K 161 -27.40 -35.43 -0.13
C SER K 161 -27.70 -34.18 0.69
N VAL K 162 -26.80 -33.86 1.60
CA VAL K 162 -26.94 -32.71 2.47
C VAL K 162 -25.94 -31.66 2.00
N ASP K 163 -26.46 -30.50 1.62
CA ASP K 163 -25.64 -29.39 1.17
C ASP K 163 -25.57 -28.39 2.31
N ILE K 164 -24.47 -28.41 3.05
CA ILE K 164 -24.34 -27.58 4.23
C ILE K 164 -23.83 -26.21 3.80
N THR K 165 -24.51 -25.16 4.24
CA THR K 165 -24.10 -23.79 3.97
C THR K 165 -24.16 -22.99 5.26
N LEU K 166 -23.00 -22.67 5.83
CA LEU K 166 -22.99 -21.80 7.00
C LEU K 166 -23.38 -20.40 6.57
N ALA K 167 -24.22 -19.76 7.37
CA ALA K 167 -24.73 -18.43 7.08
C ALA K 167 -24.43 -17.52 8.25
N LEU K 168 -23.88 -16.34 7.96
CA LEU K 168 -23.74 -15.35 8.99
C LEU K 168 -25.11 -14.78 9.34
N GLU K 169 -25.32 -14.48 10.62
CA GLU K 169 -26.55 -13.87 11.08
C GLU K 169 -26.21 -12.60 11.84
N SER K 170 -26.48 -11.45 11.23
CA SER K 170 -26.34 -10.18 11.91
C SER K 170 -27.69 -9.78 12.49
N LYS K 171 -27.69 -9.46 13.78
CA LYS K 171 -28.88 -8.99 14.47
C LYS K 171 -29.04 -7.47 14.37
N SER K 172 -28.39 -6.85 13.39
CA SER K 172 -28.36 -5.39 13.30
C SER K 172 -29.65 -4.89 12.66
N SER K 173 -29.66 -3.62 12.26
CA SER K 173 -30.79 -3.11 11.53
C SER K 173 -30.66 -3.47 10.06
N TRP K 174 -31.79 -3.49 9.37
CA TRP K 174 -31.84 -3.87 7.97
C TRP K 174 -31.15 -2.82 7.11
N PRO K 175 -30.55 -3.23 5.99
CA PRO K 175 -29.93 -2.26 5.08
C PRO K 175 -30.97 -1.38 4.41
N ALA K 176 -30.48 -0.31 3.78
CA ALA K 176 -31.38 0.71 3.26
C ALA K 176 -32.15 0.24 2.04
N SER K 177 -31.60 -0.71 1.29
CA SER K 177 -32.31 -1.23 0.13
C SER K 177 -33.45 -2.17 0.51
N THR K 178 -33.47 -2.66 1.75
CA THR K 178 -34.56 -3.49 2.24
C THR K 178 -35.67 -2.69 2.90
N GLN K 179 -35.75 -1.39 2.63
CA GLN K 179 -36.68 -0.53 3.36
C GLN K 179 -38.10 -0.67 2.82
N GLU K 180 -38.28 -0.37 1.53
CA GLU K 180 -39.61 -0.36 0.92
C GLU K 180 -40.17 -1.76 0.72
N GLY K 181 -39.37 -2.79 0.90
CA GLY K 181 -39.82 -4.16 0.82
C GLY K 181 -40.58 -4.60 2.06
N LEU K 182 -40.81 -5.91 2.13
CA LEU K 182 -41.69 -6.57 3.11
C LEU K 182 -43.07 -5.92 3.09
N ARG K 183 -43.74 -6.15 1.97
CA ARG K 183 -45.04 -5.54 1.71
C ARG K 183 -46.16 -6.47 2.18
N ILE K 184 -46.10 -6.77 3.48
CA ILE K 184 -47.15 -7.53 4.15
C ILE K 184 -48.08 -6.60 4.92
N GLN K 185 -48.10 -5.31 4.57
CA GLN K 185 -48.90 -4.34 5.30
C GLN K 185 -50.37 -4.57 4.99
N ASN K 186 -50.74 -4.50 3.72
CA ASN K 186 -52.10 -4.81 3.34
C ASN K 186 -52.36 -6.31 3.28
N TRP K 187 -51.32 -7.15 3.35
CA TRP K 187 -51.55 -8.59 3.36
C TRP K 187 -51.73 -9.15 4.77
N LEU K 188 -50.77 -8.89 5.67
CA LEU K 188 -50.96 -9.31 7.07
C LEU K 188 -51.34 -8.16 8.00
N SER K 189 -50.42 -7.20 8.19
CA SER K 189 -50.56 -5.92 8.90
C SER K 189 -49.23 -5.19 8.80
N ALA K 190 -49.27 -3.87 8.99
CA ALA K 190 -48.04 -3.12 9.16
C ALA K 190 -47.35 -3.45 10.49
N LYS K 191 -48.12 -3.87 11.51
CA LYS K 191 -47.52 -4.23 12.78
C LYS K 191 -46.73 -5.53 12.68
N VAL K 192 -47.27 -6.52 11.96
CA VAL K 192 -46.54 -7.76 11.70
C VAL K 192 -45.31 -7.46 10.84
N ARG K 193 -45.44 -6.52 9.89
CA ARG K 193 -44.28 -6.05 9.11
C ARG K 193 -43.20 -5.51 10.02
N LYS K 194 -43.57 -4.67 10.98
CA LYS K 194 -42.58 -4.04 11.83
C LYS K 194 -41.99 -5.04 12.81
N GLN K 195 -42.77 -6.04 13.24
CA GLN K 195 -42.27 -7.06 14.14
C GLN K 195 -41.37 -8.07 13.43
N LEU K 196 -41.62 -8.35 12.15
CA LEU K 196 -40.68 -9.14 11.37
C LEU K 196 -39.46 -8.33 10.96
N ARG K 197 -39.61 -7.00 10.90
CA ARG K 197 -38.45 -6.13 10.69
C ARG K 197 -37.51 -6.19 11.89
N LEU K 198 -38.06 -6.39 13.10
CA LEU K 198 -37.22 -6.49 14.28
C LEU K 198 -36.42 -7.78 14.33
N LYS K 199 -36.73 -8.76 13.51
CA LYS K 199 -36.01 -10.02 13.54
C LYS K 199 -34.71 -9.91 12.74
N PRO K 200 -33.70 -10.71 13.07
CA PRO K 200 -32.40 -10.59 12.41
C PRO K 200 -32.42 -11.06 10.97
N PHE K 201 -31.46 -10.54 10.22
CA PHE K 201 -31.22 -10.90 8.83
C PHE K 201 -29.99 -11.78 8.70
N TYR K 202 -29.75 -12.25 7.49
CA TYR K 202 -28.78 -13.32 7.24
C TYR K 202 -27.88 -12.98 6.06
N LEU K 203 -26.75 -13.67 6.02
CA LEU K 203 -25.70 -13.40 5.04
C LEU K 203 -25.20 -14.72 4.47
N VAL K 204 -25.30 -14.87 3.16
CA VAL K 204 -24.75 -16.02 2.46
C VAL K 204 -23.89 -15.51 1.31
N PRO K 205 -22.85 -16.25 0.92
CA PRO K 205 -21.97 -15.75 -0.14
C PRO K 205 -22.47 -16.14 -1.53
N LYS K 206 -22.17 -15.26 -2.48
CA LYS K 206 -22.02 -15.64 -3.88
C LYS K 206 -21.16 -14.58 -4.52
N HIS K 207 -20.09 -15.00 -5.20
CA HIS K 207 -19.30 -14.07 -6.00
C HIS K 207 -20.14 -13.51 -7.14
N ALA K 208 -19.85 -12.28 -7.52
CA ALA K 208 -20.61 -11.60 -8.57
C ALA K 208 -20.33 -12.28 -9.90
N LYS K 209 -21.31 -13.03 -10.40
CA LYS K 209 -21.16 -13.86 -11.58
C LYS K 209 -21.43 -13.10 -12.88
N GLU K 210 -21.20 -11.79 -12.88
CA GLU K 210 -21.47 -10.93 -14.03
C GLU K 210 -20.27 -10.99 -14.98
N GLY K 211 -20.28 -12.02 -15.82
CA GLY K 211 -19.36 -12.14 -16.93
C GLY K 211 -17.93 -12.49 -16.55
N ASN K 212 -17.22 -11.50 -16.03
CA ASN K 212 -15.83 -11.66 -15.61
C ASN K 212 -15.56 -11.67 -14.10
N GLY K 213 -16.57 -11.42 -13.28
CA GLY K 213 -16.37 -11.41 -11.85
C GLY K 213 -16.17 -12.84 -11.36
N PHE K 214 -15.06 -13.05 -10.65
CA PHE K 214 -14.64 -14.37 -10.22
C PHE K 214 -14.14 -14.27 -8.79
N GLN K 215 -14.66 -15.15 -7.93
CA GLN K 215 -14.32 -15.28 -6.50
C GLN K 215 -14.30 -13.95 -5.75
N GLU K 216 -15.26 -13.08 -6.08
CA GLU K 216 -15.40 -11.82 -5.39
C GLU K 216 -15.93 -12.08 -3.98
N GLU K 217 -15.62 -11.18 -3.06
CA GLU K 217 -16.01 -11.42 -1.68
C GLU K 217 -17.36 -10.79 -1.33
N THR K 218 -18.35 -11.01 -2.17
CA THR K 218 -19.66 -10.40 -1.98
C THR K 218 -20.54 -11.29 -1.11
N TRP K 219 -21.59 -10.67 -0.56
CA TRP K 219 -22.48 -11.33 0.38
C TRP K 219 -23.91 -10.90 0.12
N ARG K 220 -24.76 -11.87 -0.23
CA ARG K 220 -26.17 -11.61 -0.48
C ARG K 220 -27.03 -12.04 0.69
N LEU K 221 -28.15 -11.34 0.86
CA LEU K 221 -29.01 -11.49 2.02
C LEU K 221 -29.94 -12.69 1.83
N SER K 222 -30.15 -13.45 2.90
CA SER K 222 -31.12 -14.54 2.91
C SER K 222 -32.34 -14.13 3.72
N PHE K 223 -33.49 -14.75 3.39
CA PHE K 223 -34.77 -14.36 3.98
C PHE K 223 -35.62 -15.57 4.32
N SER K 224 -34.98 -16.71 4.64
CA SER K 224 -35.69 -17.98 4.72
C SER K 224 -36.61 -18.06 5.93
N HIS K 225 -36.18 -17.49 7.05
CA HIS K 225 -36.92 -17.62 8.30
C HIS K 225 -38.20 -16.78 8.31
N ILE K 226 -38.16 -15.59 7.69
CA ILE K 226 -39.37 -14.76 7.57
C ILE K 226 -40.37 -15.44 6.65
N GLU K 227 -39.87 -16.10 5.61
CA GLU K 227 -40.75 -16.79 4.67
C GLU K 227 -41.37 -18.03 5.31
N LYS K 228 -40.62 -18.74 6.15
CA LYS K 228 -41.20 -19.86 6.90
C LYS K 228 -42.24 -19.37 7.91
N GLU K 229 -41.97 -18.24 8.57
CA GLU K 229 -42.89 -17.74 9.58
C GLU K 229 -44.16 -17.19 8.95
N ILE K 230 -44.07 -16.64 7.74
CA ILE K 230 -45.30 -16.23 7.06
C ILE K 230 -45.96 -17.42 6.37
N LEU K 231 -45.24 -18.54 6.20
CA LEU K 231 -45.95 -19.75 5.80
C LEU K 231 -46.69 -20.37 6.97
N ASN K 232 -46.27 -20.08 8.19
CA ASN K 232 -47.03 -20.55 9.35
C ASN K 232 -48.16 -19.59 9.71
N ASN K 233 -48.09 -18.34 9.26
CA ASN K 233 -49.16 -17.35 9.40
C ASN K 233 -49.34 -16.67 8.05
N HIS K 234 -50.26 -17.18 7.23
CA HIS K 234 -50.38 -16.74 5.85
C HIS K 234 -51.71 -16.11 5.51
N GLY K 235 -52.73 -16.32 6.33
CA GLY K 235 -54.01 -15.71 6.07
C GLY K 235 -54.08 -14.30 6.61
N LYS K 236 -54.91 -13.49 5.95
CA LYS K 236 -55.33 -12.22 6.55
C LYS K 236 -56.05 -12.46 7.88
N SER K 237 -56.91 -13.48 7.92
CA SER K 237 -57.42 -13.99 9.19
C SER K 237 -56.40 -14.93 9.83
N LYS K 238 -56.12 -14.69 11.10
CA LYS K 238 -54.98 -15.29 11.79
C LYS K 238 -55.17 -16.79 12.09
N THR K 239 -56.38 -17.32 11.89
CA THR K 239 -56.66 -18.74 12.08
C THR K 239 -56.79 -19.47 10.75
N CYS K 240 -56.02 -19.06 9.76
CA CYS K 240 -56.05 -19.68 8.44
C CYS K 240 -55.34 -21.03 8.45
N CYS K 241 -56.01 -22.05 7.89
CA CYS K 241 -55.63 -23.48 7.99
C CYS K 241 -55.48 -23.92 9.44
N GLU K 242 -56.25 -23.34 10.33
CA GLU K 242 -56.26 -23.71 11.74
C GLU K 242 -57.62 -24.14 12.25
N ASN K 243 -58.68 -23.44 11.84
CA ASN K 243 -60.05 -23.92 12.01
C ASN K 243 -60.70 -24.22 10.67
N LYS K 244 -61.72 -25.07 10.70
CA LYS K 244 -62.25 -25.71 9.51
C LYS K 244 -63.19 -24.83 8.69
N GLU K 245 -63.23 -23.52 8.97
CA GLU K 245 -63.95 -22.56 8.13
C GLU K 245 -63.02 -21.77 7.22
N GLU K 246 -61.71 -21.87 7.42
CA GLU K 246 -60.73 -21.05 6.71
C GLU K 246 -59.63 -21.91 6.12
N LYS K 247 -60.00 -23.06 5.58
CA LYS K 247 -59.04 -23.85 4.81
C LYS K 247 -58.76 -23.10 3.52
N CYS K 248 -57.53 -22.65 3.33
CA CYS K 248 -57.22 -21.88 2.16
C CYS K 248 -56.46 -22.74 1.17
N CYS K 249 -55.98 -22.09 0.12
CA CYS K 249 -55.14 -22.76 -0.86
C CYS K 249 -53.79 -22.06 -1.03
N ARG K 250 -53.36 -21.23 -0.08
CA ARG K 250 -52.04 -20.62 -0.20
C ARG K 250 -50.92 -21.66 -0.09
N LYS K 251 -50.95 -22.46 0.99
CA LYS K 251 -49.98 -23.54 1.13
C LYS K 251 -50.16 -24.58 0.04
N ASP K 252 -51.43 -24.83 -0.31
CA ASP K 252 -51.77 -25.80 -1.35
C ASP K 252 -51.24 -25.36 -2.71
N CYS K 253 -51.61 -24.16 -3.17
CA CYS K 253 -51.18 -23.70 -4.49
C CYS K 253 -49.68 -23.44 -4.53
N LEU K 254 -49.07 -23.03 -3.40
CA LEU K 254 -47.62 -22.85 -3.38
C LEU K 254 -46.90 -24.18 -3.56
N LYS K 255 -47.35 -25.23 -2.85
CA LYS K 255 -46.77 -26.56 -3.08
C LYS K 255 -47.06 -27.07 -4.48
N LEU K 256 -48.21 -26.69 -5.06
CA LEU K 256 -48.54 -27.08 -6.43
C LEU K 256 -47.55 -26.44 -7.42
N MET K 257 -47.31 -25.13 -7.28
CA MET K 257 -46.38 -24.43 -8.14
C MET K 257 -44.95 -24.92 -7.99
N LYS K 258 -44.51 -25.16 -6.75
CA LYS K 258 -43.13 -25.58 -6.53
C LYS K 258 -42.91 -27.02 -7.01
N TYR K 259 -43.93 -27.88 -6.83
CA TYR K 259 -43.83 -29.24 -7.35
C TYR K 259 -43.85 -29.25 -8.87
N LEU K 260 -44.69 -28.41 -9.49
CA LEU K 260 -44.74 -28.32 -10.94
C LEU K 260 -43.41 -27.85 -11.52
N LEU K 261 -42.81 -26.83 -10.90
CA LEU K 261 -41.51 -26.33 -11.36
C LEU K 261 -40.42 -27.39 -11.19
N GLU K 262 -40.43 -28.11 -10.06
CA GLU K 262 -39.39 -29.10 -9.84
C GLU K 262 -39.60 -30.36 -10.66
N GLN K 263 -40.85 -30.69 -11.04
CA GLN K 263 -41.04 -31.77 -11.99
C GLN K 263 -40.62 -31.39 -13.40
N LEU K 264 -40.80 -30.11 -13.78
CA LEU K 264 -40.26 -29.66 -15.06
C LEU K 264 -38.73 -29.69 -15.05
N LYS K 265 -38.12 -29.27 -13.95
CA LYS K 265 -36.67 -29.28 -13.82
C LYS K 265 -36.10 -30.70 -13.69
N GLU K 266 -36.91 -31.66 -13.20
CA GLU K 266 -36.48 -33.05 -13.17
C GLU K 266 -36.62 -33.71 -14.53
N ARG K 267 -37.71 -33.41 -15.26
CA ARG K 267 -37.92 -34.03 -16.56
C ARG K 267 -36.97 -33.47 -17.62
N PHE K 268 -36.89 -32.15 -17.72
CA PHE K 268 -36.13 -31.49 -18.77
C PHE K 268 -34.73 -31.06 -18.31
N LYS K 269 -34.19 -31.94 -17.47
CA LYS K 269 -32.93 -31.83 -16.74
C LYS K 269 -31.67 -32.00 -17.60
N ASP K 270 -31.83 -31.97 -18.91
CA ASP K 270 -30.66 -32.09 -19.77
C ASP K 270 -29.72 -30.98 -19.30
N LYS K 271 -28.44 -31.28 -19.29
CA LYS K 271 -27.41 -30.39 -18.76
C LYS K 271 -27.25 -28.99 -19.34
N LYS K 272 -26.85 -28.05 -18.50
CA LYS K 272 -26.64 -26.65 -18.90
C LYS K 272 -27.84 -25.69 -18.87
N HIS K 273 -29.01 -26.15 -18.45
CA HIS K 273 -30.17 -25.27 -18.39
C HIS K 273 -30.81 -25.15 -16.99
N LEU K 274 -30.72 -26.21 -16.21
CA LEU K 274 -31.32 -26.27 -14.87
C LEU K 274 -30.80 -25.31 -13.80
N ASP K 275 -29.49 -25.11 -13.75
CA ASP K 275 -28.86 -24.28 -12.73
C ASP K 275 -29.59 -22.93 -12.60
N LYS K 276 -30.20 -22.47 -13.69
CA LYS K 276 -30.91 -21.20 -13.71
C LYS K 276 -32.14 -21.01 -12.78
N PHE K 277 -32.95 -22.04 -12.58
CA PHE K 277 -34.18 -21.88 -11.79
C PHE K 277 -34.30 -22.56 -10.41
N SER K 278 -34.92 -21.85 -9.48
CA SER K 278 -35.15 -22.34 -8.10
C SER K 278 -36.59 -22.01 -7.63
N SER K 279 -37.10 -22.76 -6.65
CA SER K 279 -38.44 -22.55 -6.15
C SER K 279 -38.53 -21.36 -5.19
N TYR K 280 -37.39 -20.75 -4.85
CA TYR K 280 -37.40 -19.48 -4.15
C TYR K 280 -37.99 -18.38 -5.03
N HIS K 281 -37.72 -18.45 -6.34
CA HIS K 281 -38.31 -17.53 -7.31
C HIS K 281 -39.83 -17.68 -7.33
N VAL K 282 -40.29 -18.93 -7.36
CA VAL K 282 -41.72 -19.24 -7.35
C VAL K 282 -42.35 -18.79 -6.04
N LYS K 283 -41.63 -18.91 -4.93
CA LYS K 283 -42.16 -18.48 -3.64
C LYS K 283 -42.30 -16.96 -3.57
N THR K 284 -41.32 -16.23 -4.11
CA THR K 284 -41.41 -14.77 -4.15
C THR K 284 -42.53 -14.31 -5.08
N ALA K 285 -42.66 -14.97 -6.25
CA ALA K 285 -43.78 -14.66 -7.15
C ALA K 285 -45.11 -14.99 -6.52
N PHE K 286 -45.16 -16.03 -5.70
CA PHE K 286 -46.37 -16.38 -4.96
C PHE K 286 -46.69 -15.36 -3.88
N PHE K 287 -45.67 -14.78 -3.25
CA PHE K 287 -45.90 -13.69 -2.31
C PHE K 287 -46.44 -12.45 -3.01
N HIS K 288 -45.97 -12.20 -4.23
CA HIS K 288 -46.57 -11.11 -5.00
C HIS K 288 -47.98 -11.46 -5.48
N VAL K 289 -48.30 -12.75 -5.65
CA VAL K 289 -49.69 -13.14 -5.93
C VAL K 289 -50.55 -12.90 -4.69
N CYS K 290 -49.99 -13.17 -3.51
CA CYS K 290 -50.67 -12.85 -2.25
C CYS K 290 -50.86 -11.34 -2.10
N THR K 291 -49.93 -10.55 -2.62
CA THR K 291 -50.16 -9.11 -2.72
C THR K 291 -51.28 -8.80 -3.71
N GLN K 292 -51.35 -9.56 -4.80
CA GLN K 292 -52.42 -9.39 -5.78
C GLN K 292 -53.74 -9.97 -5.29
N ASN K 293 -53.68 -11.01 -4.45
CA ASN K 293 -54.86 -11.68 -3.92
C ASN K 293 -54.74 -11.67 -2.40
N PRO K 294 -55.22 -10.62 -1.74
CA PRO K 294 -54.92 -10.44 -0.31
C PRO K 294 -55.91 -11.14 0.60
N GLN K 295 -57.11 -11.42 0.11
CA GLN K 295 -58.21 -11.86 0.95
C GLN K 295 -58.22 -13.38 1.07
N ASP K 296 -58.62 -13.86 2.24
CA ASP K 296 -58.85 -15.29 2.42
C ASP K 296 -60.04 -15.78 1.62
N SER K 297 -61.00 -14.90 1.30
CA SER K 297 -62.03 -15.20 0.33
C SER K 297 -61.45 -15.34 -1.07
N GLN K 298 -60.37 -14.64 -1.37
CA GLN K 298 -59.64 -14.79 -2.62
C GLN K 298 -58.50 -15.81 -2.53
N TRP K 299 -58.60 -16.75 -1.58
CA TRP K 299 -57.76 -17.94 -1.54
C TRP K 299 -58.57 -19.15 -1.07
N ASP K 300 -59.86 -19.19 -1.38
CA ASP K 300 -60.74 -20.20 -0.83
C ASP K 300 -60.51 -21.55 -1.52
N ARG K 301 -61.07 -22.61 -0.92
CA ARG K 301 -60.95 -23.95 -1.48
C ARG K 301 -61.65 -24.07 -2.83
N LYS K 302 -62.76 -23.34 -3.03
CA LYS K 302 -63.37 -23.30 -4.35
C LYS K 302 -62.55 -22.48 -5.34
N ASP K 303 -61.62 -21.66 -4.84
CA ASP K 303 -60.69 -20.92 -5.68
C ASP K 303 -59.33 -21.60 -5.76
N LEU K 304 -59.28 -22.92 -5.52
CA LEU K 304 -58.01 -23.65 -5.59
C LEU K 304 -57.46 -23.65 -7.01
N GLY K 305 -58.30 -24.02 -7.99
CA GLY K 305 -57.89 -23.95 -9.37
C GLY K 305 -57.70 -22.53 -9.87
N LEU K 306 -58.51 -21.59 -9.36
CA LEU K 306 -58.38 -20.19 -9.79
C LEU K 306 -57.11 -19.56 -9.25
N CYS K 307 -56.75 -19.84 -7.99
CA CYS K 307 -55.53 -19.27 -7.45
C CYS K 307 -54.30 -19.98 -7.99
N PHE K 308 -54.38 -21.29 -8.26
CA PHE K 308 -53.29 -21.97 -8.96
C PHE K 308 -53.09 -21.41 -10.37
N ASP K 309 -54.19 -21.10 -11.07
CA ASP K 309 -54.10 -20.47 -12.38
C ASP K 309 -53.52 -19.06 -12.28
N ASN K 310 -53.89 -18.32 -11.23
CA ASN K 310 -53.37 -16.97 -11.05
C ASN K 310 -51.87 -17.01 -10.73
N CYS K 311 -51.44 -18.01 -9.97
CA CYS K 311 -50.01 -18.18 -9.71
C CYS K 311 -49.25 -18.58 -10.97
N VAL K 312 -49.83 -19.45 -11.81
CA VAL K 312 -49.19 -19.83 -13.07
C VAL K 312 -49.07 -18.62 -13.99
N THR K 313 -50.15 -17.85 -14.13
CA THR K 313 -50.14 -16.68 -15.00
C THR K 313 -49.25 -15.56 -14.47
N TYR K 314 -49.12 -15.41 -13.15
CA TYR K 314 -48.20 -14.39 -12.66
C TYR K 314 -46.74 -14.83 -12.75
N PHE K 315 -46.47 -16.13 -12.60
CA PHE K 315 -45.10 -16.58 -12.80
C PHE K 315 -44.71 -16.49 -14.27
N LEU K 316 -45.65 -16.75 -15.16
CA LEU K 316 -45.41 -16.52 -16.59
C LEU K 316 -45.32 -15.03 -16.91
N GLN K 317 -45.99 -14.17 -16.12
CA GLN K 317 -45.79 -12.74 -16.25
C GLN K 317 -44.37 -12.35 -15.86
N CYS K 318 -43.86 -12.93 -14.77
CA CYS K 318 -42.48 -12.67 -14.36
C CYS K 318 -41.46 -13.25 -15.34
N LEU K 319 -41.82 -14.34 -16.02
CA LEU K 319 -40.94 -14.90 -17.04
C LEU K 319 -40.96 -14.09 -18.33
N ARG K 320 -42.14 -13.58 -18.74
CA ARG K 320 -42.23 -12.84 -19.99
C ARG K 320 -41.75 -11.41 -19.82
N THR K 321 -42.26 -10.72 -18.80
CA THR K 321 -41.85 -9.33 -18.57
C THR K 321 -40.48 -9.22 -17.91
N GLU K 322 -39.86 -10.35 -17.54
CA GLU K 322 -38.49 -10.43 -17.02
C GLU K 322 -38.32 -9.66 -15.72
N LYS K 323 -39.38 -9.54 -14.94
CA LYS K 323 -39.37 -8.74 -13.71
C LYS K 323 -40.00 -9.58 -12.62
N LEU K 324 -39.16 -10.11 -11.74
CA LEU K 324 -39.54 -10.69 -10.47
C LEU K 324 -38.77 -9.91 -9.41
N GLU K 325 -39.41 -8.87 -8.86
CA GLU K 325 -38.82 -8.16 -7.74
C GLU K 325 -38.82 -9.07 -6.52
N ASN K 326 -37.77 -8.96 -5.71
CA ASN K 326 -37.79 -9.60 -4.41
C ASN K 326 -38.86 -8.96 -3.55
N TYR K 327 -39.49 -9.78 -2.72
CA TYR K 327 -40.57 -9.30 -1.86
C TYR K 327 -40.02 -8.47 -0.73
N PHE K 328 -38.73 -8.61 -0.44
CA PHE K 328 -38.01 -7.89 0.59
C PHE K 328 -37.18 -6.74 0.04
N ILE K 329 -36.62 -6.88 -1.16
CA ILE K 329 -35.91 -5.81 -1.84
C ILE K 329 -36.71 -5.45 -3.09
N PRO K 330 -37.36 -4.28 -3.15
CA PRO K 330 -38.04 -3.89 -4.39
C PRO K 330 -37.08 -3.56 -5.54
N GLU K 331 -35.81 -3.29 -5.25
CA GLU K 331 -34.83 -2.93 -6.27
C GLU K 331 -33.96 -4.10 -6.67
N PHE K 332 -34.50 -5.31 -6.72
CA PHE K 332 -33.71 -6.50 -7.04
C PHE K 332 -34.57 -7.48 -7.83
N ASN K 333 -34.34 -7.53 -9.14
CA ASN K 333 -35.00 -8.48 -10.02
C ASN K 333 -34.25 -9.80 -9.97
N LEU K 334 -34.93 -10.88 -9.61
CA LEU K 334 -34.30 -12.19 -9.55
C LEU K 334 -34.19 -12.83 -10.94
N PHE K 335 -34.93 -12.31 -11.92
CA PHE K 335 -34.97 -12.85 -13.27
C PHE K 335 -34.11 -12.03 -14.23
N SER K 336 -32.92 -11.63 -13.79
CA SER K 336 -32.03 -10.84 -14.62
C SER K 336 -31.48 -11.68 -15.78
N SER K 337 -31.08 -10.96 -16.83
CA SER K 337 -30.68 -11.58 -18.10
C SER K 337 -29.29 -12.21 -18.07
N ASN K 338 -28.51 -11.99 -17.01
CA ASN K 338 -27.17 -12.57 -16.95
C ASN K 338 -27.10 -13.75 -16.00
N LEU K 339 -27.90 -13.76 -14.94
CA LEU K 339 -28.01 -14.96 -14.12
C LEU K 339 -28.79 -16.04 -14.85
N ILE K 340 -29.79 -15.64 -15.64
CA ILE K 340 -30.67 -16.56 -16.36
C ILE K 340 -30.61 -16.22 -17.83
N ASP K 341 -30.39 -17.24 -18.67
CA ASP K 341 -30.30 -17.05 -20.11
C ASP K 341 -31.67 -16.75 -20.70
N LYS K 342 -31.68 -16.02 -21.83
CA LYS K 342 -32.95 -15.63 -22.44
C LYS K 342 -33.63 -16.80 -23.13
N ARG K 343 -32.85 -17.70 -23.73
CA ARG K 343 -33.44 -18.92 -24.27
C ARG K 343 -33.96 -19.81 -23.14
N SER K 344 -33.31 -19.75 -21.97
CA SER K 344 -33.80 -20.45 -20.79
C SER K 344 -35.13 -19.87 -20.31
N LYS K 345 -35.29 -18.54 -20.37
CA LYS K 345 -36.57 -17.92 -20.03
C LYS K 345 -37.66 -18.30 -21.02
N GLU K 346 -37.31 -18.30 -22.32
CA GLU K 346 -38.24 -18.73 -23.36
C GLU K 346 -38.63 -20.20 -23.18
N PHE K 347 -37.66 -21.04 -22.81
CA PHE K 347 -37.93 -22.45 -22.63
C PHE K 347 -38.84 -22.71 -21.44
N LEU K 348 -38.59 -22.02 -20.31
CA LEU K 348 -39.45 -22.20 -19.14
C LEU K 348 -40.84 -21.62 -19.39
N THR K 349 -40.92 -20.49 -20.09
CA THR K 349 -42.22 -19.92 -20.46
C THR K 349 -42.98 -20.86 -21.37
N LYS K 350 -42.27 -21.46 -22.33
CA LYS K 350 -42.87 -22.40 -23.27
C LYS K 350 -43.35 -23.67 -22.57
N GLN K 351 -42.56 -24.17 -21.60
CA GLN K 351 -42.97 -25.39 -20.91
C GLN K 351 -44.13 -25.14 -19.95
N ILE K 352 -44.17 -23.98 -19.29
CA ILE K 352 -45.27 -23.74 -18.37
C ILE K 352 -46.55 -23.40 -19.14
N GLU K 353 -46.44 -22.69 -20.27
CA GLU K 353 -47.59 -22.50 -21.15
C GLU K 353 -48.03 -23.83 -21.77
N TYR K 354 -47.07 -24.69 -22.13
CA TYR K 354 -47.37 -26.01 -22.67
C TYR K 354 -48.16 -26.85 -21.67
N GLU K 355 -47.74 -26.86 -20.41
CA GLU K 355 -48.47 -27.61 -19.40
C GLU K 355 -49.77 -26.92 -19.02
N ARG K 356 -49.84 -25.60 -19.15
CA ARG K 356 -51.06 -24.88 -18.78
C ARG K 356 -52.17 -25.12 -19.79
N ASN K 357 -51.85 -25.07 -21.08
CA ASN K 357 -52.91 -25.05 -22.10
C ASN K 357 -53.45 -26.43 -22.45
N ASN K 358 -53.01 -27.50 -21.79
CA ASN K 358 -53.53 -28.83 -22.07
C ASN K 358 -54.00 -29.52 -20.79
N GLU K 359 -54.55 -28.72 -19.87
CA GLU K 359 -55.20 -29.18 -18.63
C GLU K 359 -54.26 -29.92 -17.68
N PHE K 360 -52.94 -29.68 -17.82
CA PHE K 360 -51.86 -30.24 -17.00
C PHE K 360 -51.86 -31.76 -16.90
N PRO K 361 -51.44 -32.48 -17.95
CA PRO K 361 -51.40 -33.95 -17.88
C PRO K 361 -50.29 -34.51 -17.01
N VAL K 362 -49.51 -33.65 -16.35
CA VAL K 362 -48.49 -34.09 -15.40
C VAL K 362 -49.11 -34.39 -14.04
N PHE K 363 -50.37 -34.01 -13.81
CA PHE K 363 -51.00 -34.11 -12.51
C PHE K 363 -51.48 -35.51 -12.15
N ASP K 364 -51.28 -36.50 -13.01
CA ASP K 364 -51.66 -37.87 -12.67
C ASP K 364 -50.48 -38.85 -12.78
N ARG L 3 67.38 -12.96 2.75
CA ARG L 3 66.26 -12.33 2.07
C ARG L 3 66.25 -12.62 0.58
N TYR L 4 65.12 -13.13 0.08
CA TYR L 4 65.02 -13.46 -1.33
C TYR L 4 64.79 -12.20 -2.16
N ARG L 5 65.05 -12.34 -3.46
CA ARG L 5 64.76 -11.27 -4.41
C ARG L 5 63.26 -11.04 -4.46
N PRO L 6 62.81 -9.78 -4.52
CA PRO L 6 61.37 -9.52 -4.52
C PRO L 6 60.71 -9.95 -5.81
N GLY L 7 60.34 -11.23 -5.84
CA GLY L 7 59.75 -11.85 -7.01
C GLY L 7 60.12 -13.32 -7.14
N THR L 8 61.20 -13.72 -6.45
CA THR L 8 61.62 -15.12 -6.48
C THR L 8 60.62 -16.02 -5.77
N VAL L 9 60.23 -15.64 -4.55
CA VAL L 9 59.24 -16.45 -3.86
C VAL L 9 57.86 -16.21 -4.44
N ALA L 10 57.69 -15.13 -5.21
CA ALA L 10 56.45 -14.93 -5.96
C ALA L 10 56.33 -15.94 -7.09
N LEU L 11 57.41 -16.14 -7.86
CA LEU L 11 57.40 -17.17 -8.89
C LEU L 11 57.34 -18.57 -8.30
N ARG L 12 57.88 -18.74 -7.09
CA ARG L 12 57.76 -20.01 -6.40
C ARG L 12 56.31 -20.29 -6.00
N GLU L 13 55.61 -19.25 -5.57
CA GLU L 13 54.17 -19.35 -5.31
C GLU L 13 53.40 -19.60 -6.60
N ILE L 14 53.84 -19.03 -7.72
CA ILE L 14 53.15 -19.25 -9.00
C ILE L 14 53.28 -20.71 -9.41
N ARG L 15 54.48 -21.27 -9.27
CA ARG L 15 54.69 -22.70 -9.53
C ARG L 15 53.92 -23.57 -8.54
N ARG L 16 53.70 -23.06 -7.33
CA ARG L 16 52.88 -23.80 -6.38
C ARG L 16 51.42 -23.79 -6.81
N TYR L 17 50.84 -22.60 -6.95
CA TYR L 17 49.40 -22.48 -7.11
C TYR L 17 48.91 -22.81 -8.52
N GLN L 18 49.78 -22.85 -9.53
CA GLN L 18 49.32 -23.38 -10.80
C GLN L 18 49.22 -24.89 -10.75
N LYS L 19 50.04 -25.52 -9.91
CA LYS L 19 49.94 -26.96 -9.71
C LYS L 19 48.74 -27.31 -8.84
N SER L 20 48.44 -26.47 -7.86
CA SER L 20 47.38 -26.77 -6.91
C SER L 20 46.01 -26.51 -7.54
N THR L 21 45.01 -27.19 -6.98
CA THR L 21 43.65 -27.15 -7.49
C THR L 21 42.65 -26.60 -6.49
N GLU L 22 43.00 -26.55 -5.22
CA GLU L 22 42.03 -26.29 -4.16
C GLU L 22 41.58 -24.84 -4.17
N LEU L 23 40.54 -24.59 -3.39
CA LEU L 23 39.97 -23.25 -3.29
C LEU L 23 40.92 -22.35 -2.53
N LEU L 24 41.16 -21.15 -3.06
CA LEU L 24 42.10 -20.23 -2.44
C LEU L 24 41.41 -19.17 -1.60
N ILE L 25 40.12 -18.96 -1.80
CA ILE L 25 39.36 -18.07 -0.94
C ILE L 25 38.92 -18.88 0.28
N ARG L 26 38.99 -18.26 1.45
CA ARG L 26 38.55 -18.89 2.68
C ARG L 26 37.04 -19.14 2.64
N LYS L 27 36.63 -20.33 3.11
CA LYS L 27 35.29 -20.84 2.85
C LYS L 27 34.22 -19.97 3.51
N LEU L 28 34.32 -19.77 4.81
CA LEU L 28 33.26 -19.10 5.56
C LEU L 28 33.11 -17.59 5.29
N PRO L 29 34.17 -16.79 5.11
CA PRO L 29 33.92 -15.40 4.65
C PRO L 29 33.29 -15.33 3.28
N PHE L 30 33.71 -16.23 2.38
CA PHE L 30 33.11 -16.27 1.05
C PHE L 30 31.65 -16.68 1.12
N GLN L 31 31.33 -17.66 1.96
CA GLN L 31 29.96 -18.13 2.08
C GLN L 31 29.08 -17.08 2.73
N ARG L 32 29.63 -16.34 3.71
CA ARG L 32 28.89 -15.25 4.31
C ARG L 32 28.67 -14.12 3.30
N LEU L 33 29.65 -13.89 2.43
CA LEU L 33 29.48 -12.93 1.34
C LEU L 33 28.37 -13.36 0.38
N VAL L 34 28.33 -14.65 0.06
CA VAL L 34 27.30 -15.16 -0.84
C VAL L 34 25.92 -15.03 -0.20
N ARG L 35 25.85 -15.29 1.10
CA ARG L 35 24.57 -15.13 1.80
C ARG L 35 24.17 -13.67 1.90
N GLU L 36 25.13 -12.75 2.00
CA GLU L 36 24.81 -11.33 2.03
C GLU L 36 24.28 -10.87 0.67
N ILE L 37 24.94 -11.29 -0.41
CA ILE L 37 24.49 -10.91 -1.75
C ILE L 37 23.14 -11.53 -2.08
N ALA L 38 22.88 -12.73 -1.58
CA ALA L 38 21.55 -13.31 -1.77
C ALA L 38 20.52 -12.64 -0.88
N GLN L 39 20.93 -12.17 0.30
CA GLN L 39 20.04 -11.43 1.19
C GLN L 39 19.65 -10.11 0.57
N ASP L 40 20.50 -9.58 -0.31
CA ASP L 40 20.13 -8.40 -1.07
C ASP L 40 18.96 -8.70 -2.02
N PHE L 41 18.95 -9.87 -2.64
CA PHE L 41 17.88 -10.16 -3.61
C PHE L 41 16.61 -10.64 -2.92
N LYS L 42 16.67 -11.81 -2.29
CA LYS L 42 15.53 -12.38 -1.59
C LYS L 42 15.94 -12.74 -0.17
N THR L 43 15.14 -12.33 0.79
CA THR L 43 15.46 -12.59 2.18
C THR L 43 15.19 -14.04 2.56
N ASP L 44 15.98 -14.53 3.52
CA ASP L 44 15.83 -15.83 4.18
C ASP L 44 15.88 -16.99 3.18
N LEU L 45 17.05 -17.14 2.57
CA LEU L 45 17.31 -18.22 1.64
C LEU L 45 18.29 -19.23 2.24
N ARG L 46 18.08 -20.50 1.89
CA ARG L 46 18.95 -21.57 2.36
C ARG L 46 19.78 -22.11 1.21
N PHE L 47 21.02 -22.47 1.50
CA PHE L 47 21.99 -22.88 0.51
C PHE L 47 22.43 -24.31 0.76
N GLN L 48 22.47 -25.12 -0.30
CA GLN L 48 23.26 -26.34 -0.23
C GLN L 48 24.73 -25.97 -0.20
N SER L 49 25.49 -26.66 0.65
CA SER L 49 26.92 -26.40 0.76
C SER L 49 27.66 -26.76 -0.52
N SER L 50 27.18 -27.78 -1.23
CA SER L 50 27.73 -28.11 -2.54
C SER L 50 27.49 -26.98 -3.54
N ALA L 51 26.37 -26.27 -3.40
CA ALA L 51 26.11 -25.13 -4.28
C ALA L 51 27.08 -24.00 -4.00
N VAL L 52 27.41 -23.81 -2.72
CA VAL L 52 28.36 -22.77 -2.35
C VAL L 52 29.76 -23.13 -2.83
N MET L 53 30.15 -24.39 -2.71
CA MET L 53 31.44 -24.82 -3.19
C MET L 53 31.55 -24.74 -4.71
N ALA L 54 30.48 -25.09 -5.43
CA ALA L 54 30.51 -25.02 -6.88
C ALA L 54 30.54 -23.58 -7.37
N LEU L 55 29.77 -22.71 -6.71
CA LEU L 55 29.79 -21.30 -7.05
C LEU L 55 31.13 -20.66 -6.70
N GLN L 56 31.81 -21.19 -5.69
CA GLN L 56 33.15 -20.70 -5.38
C GLN L 56 34.13 -21.15 -6.44
N GLU L 57 33.97 -22.40 -6.93
CA GLU L 57 34.77 -22.90 -8.05
C GLU L 57 34.61 -22.02 -9.28
N ALA L 58 33.38 -21.62 -9.57
CA ALA L 58 33.13 -20.80 -10.76
C ALA L 58 33.69 -19.40 -10.59
N CYS L 59 33.57 -18.84 -9.39
CA CYS L 59 34.07 -17.49 -9.16
C CYS L 59 35.59 -17.45 -9.18
N GLU L 60 36.23 -18.46 -8.60
CA GLU L 60 37.69 -18.51 -8.64
C GLU L 60 38.21 -18.76 -10.05
N ALA L 61 37.54 -19.63 -10.81
CA ALA L 61 37.99 -19.90 -12.17
C ALA L 61 37.80 -18.70 -13.07
N TYR L 62 36.71 -17.95 -12.86
CA TYR L 62 36.50 -16.71 -13.58
C TYR L 62 37.56 -15.68 -13.23
N LEU L 63 37.93 -15.59 -11.96
CA LEU L 63 38.96 -14.63 -11.59
C LEU L 63 40.35 -15.05 -12.07
N VAL L 64 40.60 -16.35 -12.19
CA VAL L 64 41.88 -16.80 -12.71
C VAL L 64 41.99 -16.48 -14.19
N GLY L 65 40.91 -16.68 -14.94
CA GLY L 65 40.90 -16.26 -16.34
C GLY L 65 41.04 -14.76 -16.50
N LEU L 66 40.38 -14.01 -15.62
CA LEU L 66 40.49 -12.56 -15.66
C LEU L 66 41.90 -12.10 -15.30
N PHE L 67 42.56 -12.80 -14.37
CA PHE L 67 43.92 -12.41 -14.00
C PHE L 67 44.92 -12.78 -15.07
N GLU L 68 44.67 -13.87 -15.80
CA GLU L 68 45.53 -14.18 -16.94
C GLU L 68 45.42 -13.12 -18.01
N ASP L 69 44.20 -12.72 -18.36
CA ASP L 69 44.06 -11.73 -19.42
C ASP L 69 44.51 -10.34 -18.96
N THR L 70 44.36 -10.05 -17.67
CA THR L 70 44.82 -8.78 -17.14
C THR L 70 46.34 -8.72 -17.12
N ASN L 71 46.98 -9.83 -16.76
CA ASN L 71 48.44 -9.91 -16.79
C ASN L 71 48.96 -9.80 -18.22
N LEU L 72 48.26 -10.41 -19.19
CA LEU L 72 48.63 -10.27 -20.59
C LEU L 72 48.54 -8.82 -21.05
N CYS L 73 47.49 -8.11 -20.62
CA CYS L 73 47.37 -6.69 -20.94
C CYS L 73 48.49 -5.88 -20.31
N ALA L 74 48.87 -6.20 -19.07
CA ALA L 74 49.90 -5.44 -18.38
C ALA L 74 51.28 -5.69 -18.98
N ILE L 75 51.53 -6.92 -19.46
CA ILE L 75 52.74 -7.21 -20.19
C ILE L 75 52.71 -6.51 -21.54
N HIS L 76 51.51 -6.39 -22.12
CA HIS L 76 51.36 -5.74 -23.41
C HIS L 76 51.69 -4.26 -23.36
N ALA L 77 51.43 -3.62 -22.22
CA ALA L 77 51.83 -2.24 -22.02
C ALA L 77 53.26 -2.11 -21.50
N LYS L 78 54.07 -3.16 -21.65
CA LYS L 78 55.48 -3.22 -21.23
C LYS L 78 55.63 -2.93 -19.74
N ARG L 79 54.68 -3.40 -18.94
CA ARG L 79 54.80 -3.32 -17.50
C ARG L 79 54.76 -4.72 -16.92
N VAL L 80 55.11 -4.81 -15.64
CA VAL L 80 54.86 -6.00 -14.84
C VAL L 80 53.90 -5.74 -13.71
N THR L 81 53.47 -4.51 -13.54
CA THR L 81 52.56 -4.12 -12.48
C THR L 81 51.17 -4.05 -13.08
N ILE L 82 50.23 -4.71 -12.47
CA ILE L 82 48.86 -4.65 -12.94
C ILE L 82 48.17 -3.49 -12.26
N MET L 83 47.18 -2.92 -12.93
CA MET L 83 46.51 -1.71 -12.49
C MET L 83 45.01 -1.87 -12.68
N PRO L 84 44.20 -1.06 -12.00
CA PRO L 84 42.75 -1.11 -12.28
C PRO L 84 42.41 -0.69 -13.68
N LYS L 85 43.25 0.14 -14.31
CA LYS L 85 43.15 0.42 -15.74
C LYS L 85 43.22 -0.85 -16.56
N ASP L 86 44.10 -1.78 -16.16
CA ASP L 86 44.25 -3.05 -16.85
C ASP L 86 42.99 -3.89 -16.72
N ILE L 87 42.37 -3.85 -15.54
CA ILE L 87 41.15 -4.63 -15.29
C ILE L 87 40.00 -4.08 -16.10
N GLN L 88 39.90 -2.75 -16.17
CA GLN L 88 38.88 -2.11 -16.98
C GLN L 88 39.07 -2.43 -18.46
N LEU L 89 40.33 -2.53 -18.91
CA LEU L 89 40.60 -2.93 -20.28
C LEU L 89 40.13 -4.36 -20.53
N ALA L 90 40.45 -5.25 -19.59
CA ALA L 90 40.10 -6.66 -19.76
C ALA L 90 38.60 -6.87 -19.80
N ARG L 91 37.87 -6.20 -18.91
CA ARG L 91 36.42 -6.34 -18.92
C ARG L 91 35.79 -5.64 -20.11
N ARG L 92 36.41 -4.57 -20.60
CA ARG L 92 35.87 -3.90 -21.77
C ARG L 92 36.09 -4.74 -23.02
N ILE L 93 37.15 -5.54 -23.05
CA ILE L 93 37.36 -6.41 -24.19
C ILE L 93 36.45 -7.62 -24.11
N ARG L 94 36.31 -8.19 -22.90
CA ARG L 94 35.40 -9.31 -22.70
C ARG L 94 33.96 -8.93 -22.99
N GLY L 95 33.59 -7.68 -22.76
CA GLY L 95 32.25 -7.22 -23.05
C GLY L 95 31.32 -7.20 -21.86
N GLU L 96 31.85 -7.26 -20.65
CA GLU L 96 31.03 -7.34 -19.45
C GLU L 96 30.68 -5.98 -18.89
N ARG L 97 31.01 -4.90 -19.58
CA ARG L 97 30.59 -3.57 -19.14
C ARG L 97 30.38 -2.65 -20.34
N ASP M 2 32.97 -5.90 6.90
CA ASP M 2 31.89 -6.59 6.21
C ASP M 2 32.49 -7.79 5.48
N ASN M 3 31.73 -8.39 4.58
CA ASN M 3 32.17 -9.58 3.87
C ASN M 3 32.91 -9.26 2.59
N ILE M 4 32.73 -8.06 2.05
CA ILE M 4 33.53 -7.68 0.90
C ILE M 4 34.96 -7.42 1.35
N GLN M 5 35.16 -6.97 2.59
CA GLN M 5 36.47 -7.00 3.21
C GLN M 5 36.87 -8.40 3.61
N GLY M 6 35.90 -9.30 3.76
CA GLY M 6 36.21 -10.71 3.98
C GLY M 6 36.92 -11.34 2.81
N ILE M 7 36.72 -10.81 1.61
CA ILE M 7 37.64 -11.08 0.51
C ILE M 7 38.91 -10.29 0.79
N THR M 8 39.91 -10.98 1.30
CA THR M 8 41.09 -10.31 1.82
C THR M 8 42.07 -9.98 0.70
N LYS M 9 42.97 -9.07 1.02
CA LYS M 9 44.09 -8.75 0.13
C LYS M 9 44.98 -9.94 -0.22
N PRO M 10 45.46 -10.79 0.72
CA PRO M 10 46.29 -11.92 0.27
C PRO M 10 45.52 -13.05 -0.37
N ALA M 11 44.19 -13.12 -0.23
CA ALA M 11 43.46 -14.12 -1.00
C ALA M 11 43.41 -13.73 -2.47
N ILE M 12 43.23 -12.44 -2.74
CA ILE M 12 43.32 -11.93 -4.11
C ILE M 12 44.74 -12.11 -4.63
N ARG M 13 45.72 -11.95 -3.76
CA ARG M 13 47.10 -12.17 -4.18
C ARG M 13 47.39 -13.64 -4.46
N ARG M 14 46.76 -14.55 -3.71
CA ARG M 14 46.91 -15.98 -4.00
C ARG M 14 46.23 -16.34 -5.32
N LEU M 15 45.07 -15.75 -5.59
CA LEU M 15 44.39 -15.96 -6.87
C LEU M 15 45.22 -15.42 -8.03
N ALA M 16 45.89 -14.28 -7.84
CA ALA M 16 46.73 -13.75 -8.90
C ALA M 16 48.00 -14.57 -9.09
N ARG M 17 48.55 -15.12 -8.00
CA ARG M 17 49.70 -16.01 -8.14
C ARG M 17 49.33 -17.31 -8.80
N ARG M 18 48.10 -17.80 -8.60
CA ARG M 18 47.64 -18.92 -9.42
C ARG M 18 47.50 -18.49 -10.87
N GLY M 19 47.02 -17.27 -11.09
CA GLY M 19 46.96 -16.76 -12.44
C GLY M 19 48.32 -16.43 -13.03
N GLY M 20 49.32 -16.22 -12.18
CA GLY M 20 50.65 -15.94 -12.66
C GLY M 20 51.07 -14.49 -12.63
N VAL M 21 50.49 -13.68 -11.77
CA VAL M 21 50.81 -12.25 -11.72
C VAL M 21 52.02 -12.05 -10.82
N LYS M 22 53.04 -11.37 -11.33
CA LYS M 22 54.27 -11.16 -10.59
C LYS M 22 54.21 -9.94 -9.69
N ARG M 23 53.40 -8.94 -10.02
CA ARG M 23 53.44 -7.71 -9.25
C ARG M 23 52.08 -7.03 -9.30
N ILE M 24 51.59 -6.65 -8.11
CA ILE M 24 50.21 -6.27 -7.90
C ILE M 24 50.17 -4.88 -7.26
N SER M 25 49.39 -3.98 -7.84
CA SER M 25 49.20 -2.67 -7.24
C SER M 25 48.23 -2.74 -6.06
N GLY M 26 48.29 -1.72 -5.21
CA GLY M 26 47.49 -1.69 -3.99
C GLY M 26 46.05 -1.33 -4.22
N LEU M 27 45.71 -0.92 -5.44
CA LEU M 27 44.35 -0.56 -5.80
C LEU M 27 43.66 -1.68 -6.56
N ILE M 28 44.42 -2.72 -6.92
CA ILE M 28 43.88 -3.93 -7.54
C ILE M 28 42.81 -4.56 -6.67
N TYR M 29 43.01 -4.54 -5.35
CA TYR M 29 42.20 -5.33 -4.44
C TYR M 29 40.76 -4.82 -4.38
N GLU M 30 40.58 -3.51 -4.30
CA GLU M 30 39.24 -2.94 -4.21
C GLU M 30 38.49 -3.13 -5.52
N GLU M 31 39.20 -3.01 -6.64
CA GLU M 31 38.60 -3.25 -7.95
C GLU M 31 38.23 -4.71 -8.11
N THR M 32 39.03 -5.60 -7.54
CA THR M 32 38.74 -7.03 -7.60
C THR M 32 37.52 -7.36 -6.76
N ARG M 33 37.38 -6.66 -5.63
CA ARG M 33 36.18 -6.78 -4.82
C ARG M 33 34.94 -6.35 -5.60
N GLY M 34 35.07 -5.25 -6.36
CA GLY M 34 33.95 -4.79 -7.16
C GLY M 34 33.57 -5.76 -8.27
N VAL M 35 34.57 -6.31 -8.97
CA VAL M 35 34.30 -7.24 -10.06
C VAL M 35 33.70 -8.55 -9.53
N LEU M 36 34.24 -9.04 -8.42
CA LEU M 36 33.73 -10.25 -7.79
C LEU M 36 32.30 -10.04 -7.31
N LYS M 37 32.02 -8.84 -6.79
CA LYS M 37 30.69 -8.55 -6.30
C LYS M 37 29.69 -8.50 -7.45
N VAL M 38 30.08 -7.91 -8.59
CA VAL M 38 29.21 -7.86 -9.76
C VAL M 38 28.94 -9.26 -10.30
N PHE M 39 29.99 -10.09 -10.38
CA PHE M 39 29.83 -11.43 -10.92
C PHE M 39 28.93 -12.27 -10.02
N LEU M 40 29.09 -12.14 -8.71
CA LEU M 40 28.23 -12.91 -7.83
C LEU M 40 26.82 -12.36 -7.80
N GLU M 41 26.64 -11.05 -8.00
CA GLU M 41 25.29 -10.50 -8.13
C GLU M 41 24.56 -11.12 -9.30
N ASN M 42 25.25 -11.28 -10.43
CA ASN M 42 24.63 -11.86 -11.60
C ASN M 42 24.31 -13.34 -11.40
N VAL M 43 25.29 -14.10 -10.91
CA VAL M 43 25.11 -15.55 -10.78
C VAL M 43 24.06 -15.87 -9.72
N ILE M 44 24.08 -15.17 -8.59
CA ILE M 44 23.12 -15.44 -7.53
C ILE M 44 21.75 -14.92 -7.93
N ARG M 45 21.69 -13.88 -8.77
CA ARG M 45 20.41 -13.41 -9.30
C ARG M 45 19.73 -14.48 -10.13
N ASP M 46 20.46 -15.08 -11.06
CA ASP M 46 19.84 -16.10 -11.90
C ASP M 46 19.58 -17.39 -11.12
N ALA M 47 20.44 -17.72 -10.15
CA ALA M 47 20.24 -18.95 -9.39
C ALA M 47 19.04 -18.84 -8.47
N VAL M 48 18.87 -17.68 -7.82
CA VAL M 48 17.69 -17.45 -7.01
C VAL M 48 16.45 -17.38 -7.87
N THR M 49 16.56 -16.95 -9.13
CA THR M 49 15.42 -16.99 -10.03
C THR M 49 15.00 -18.42 -10.34
N TYR M 50 15.98 -19.30 -10.60
CA TYR M 50 15.69 -20.74 -10.71
C TYR M 50 15.08 -21.29 -9.44
N THR M 51 15.54 -20.83 -8.28
CA THR M 51 15.06 -21.37 -7.02
C THR M 51 13.61 -20.94 -6.77
N GLU M 52 13.29 -19.68 -7.07
CA GLU M 52 11.92 -19.22 -6.99
C GLU M 52 11.02 -19.90 -8.00
N HIS M 53 11.56 -20.35 -9.12
CA HIS M 53 10.70 -21.04 -10.07
C HIS M 53 10.29 -22.40 -9.55
N ALA M 54 11.17 -23.07 -8.82
CA ALA M 54 10.83 -24.39 -8.31
C ALA M 54 9.97 -24.32 -7.06
N LYS M 55 9.51 -23.13 -6.67
CA LYS M 55 8.69 -22.87 -5.49
C LYS M 55 9.39 -23.34 -4.23
N ARG M 56 10.70 -23.15 -4.19
CA ARG M 56 11.54 -23.65 -3.12
C ARG M 56 12.34 -22.51 -2.51
N LYS M 57 12.81 -22.74 -1.29
CA LYS M 57 13.64 -21.78 -0.59
C LYS M 57 15.03 -22.32 -0.29
N THR M 58 15.42 -23.41 -0.94
CA THR M 58 16.73 -24.02 -0.77
C THR M 58 17.39 -24.05 -2.14
N VAL M 59 18.40 -23.21 -2.32
CA VAL M 59 19.11 -23.11 -3.60
C VAL M 59 19.96 -24.37 -3.80
N THR M 60 19.59 -25.17 -4.80
CA THR M 60 20.35 -26.37 -5.10
C THR M 60 21.63 -26.01 -5.84
N ALA M 61 22.48 -27.04 -6.02
CA ALA M 61 23.66 -26.86 -6.85
C ALA M 61 23.29 -26.78 -8.32
N MET M 62 22.29 -27.56 -8.74
CA MET M 62 21.95 -27.67 -10.15
C MET M 62 21.38 -26.38 -10.70
N ASP M 63 20.73 -25.59 -9.84
CA ASP M 63 20.25 -24.28 -10.26
C ASP M 63 21.42 -23.34 -10.52
N VAL M 64 22.46 -23.42 -9.69
CA VAL M 64 23.66 -22.64 -9.93
C VAL M 64 24.34 -23.10 -11.21
N VAL M 65 24.28 -24.40 -11.49
CA VAL M 65 24.83 -24.94 -12.72
C VAL M 65 24.07 -24.41 -13.93
N TYR M 66 22.75 -24.29 -13.84
CA TYR M 66 22.02 -23.82 -15.00
C TYR M 66 22.18 -22.31 -15.18
N ALA M 67 22.32 -21.57 -14.08
CA ALA M 67 22.61 -20.14 -14.17
C ALA M 67 23.95 -19.89 -14.83
N LEU M 68 24.98 -20.63 -14.39
CA LEU M 68 26.30 -20.50 -15.00
C LEU M 68 26.32 -21.02 -16.43
N LYS M 69 25.43 -21.96 -16.74
CA LYS M 69 25.32 -22.46 -18.11
C LYS M 69 24.73 -21.40 -19.03
N ARG M 70 23.69 -20.71 -18.58
CA ARG M 70 23.09 -19.72 -19.45
C ARG M 70 23.91 -18.44 -19.49
N GLN M 71 24.77 -18.20 -18.50
CA GLN M 71 25.71 -17.11 -18.69
C GLN M 71 26.81 -17.47 -19.65
N GLY M 72 27.06 -18.75 -19.86
CA GLY M 72 28.10 -19.20 -20.75
C GLY M 72 29.33 -19.71 -20.07
N ARG M 73 29.30 -19.86 -18.75
CA ARG M 73 30.43 -20.35 -17.98
C ARG M 73 30.04 -21.73 -17.47
N THR M 74 30.20 -22.73 -18.31
CA THR M 74 29.65 -24.03 -17.99
C THR M 74 30.57 -24.75 -17.02
N LEU M 75 29.99 -25.26 -15.94
CA LEU M 75 30.72 -25.98 -14.90
C LEU M 75 30.24 -27.43 -14.90
N TYR M 76 31.18 -28.36 -14.92
CA TYR M 76 30.84 -29.78 -14.90
C TYR M 76 30.96 -30.35 -13.51
N GLY M 77 30.18 -31.40 -13.26
CA GLY M 77 30.37 -32.22 -12.08
C GLY M 77 29.48 -31.95 -10.90
N PHE M 78 28.32 -31.34 -11.10
CA PHE M 78 27.43 -31.16 -9.97
C PHE M 78 25.96 -31.42 -10.27
N GLY M 79 25.57 -31.66 -11.52
CA GLY M 79 24.18 -31.89 -11.84
C GLY M 79 23.78 -31.26 -13.16
N GLY M 80 22.83 -31.88 -13.84
CA GLY M 80 22.36 -31.36 -15.10
C GLY M 80 21.70 -32.38 -15.99
N THR N 2 -10.98 -13.04 -31.65
CA THR N 2 -9.68 -13.71 -31.63
C THR N 2 -9.05 -13.63 -30.26
N ARG N 3 -8.05 -14.48 -30.00
CA ARG N 3 -7.39 -14.46 -28.70
C ARG N 3 -6.53 -13.21 -28.52
N SER N 4 -6.05 -12.62 -29.62
CA SER N 4 -5.32 -11.36 -29.51
C SER N 4 -6.27 -10.25 -29.08
N SER N 5 -7.47 -10.24 -29.64
CA SER N 5 -8.48 -9.30 -29.20
C SER N 5 -8.94 -9.64 -27.80
N ARG N 6 -8.99 -10.92 -27.47
CA ARG N 6 -9.43 -11.36 -26.15
C ARG N 6 -8.38 -11.06 -25.09
N ALA N 7 -7.11 -11.04 -25.46
CA ALA N 7 -6.10 -10.60 -24.52
C ALA N 7 -5.75 -9.13 -24.67
N GLY N 8 -6.37 -8.43 -25.63
CA GLY N 8 -6.09 -7.03 -25.82
C GLY N 8 -4.70 -6.75 -26.35
N LEU N 9 -4.12 -7.72 -27.04
CA LEU N 9 -2.75 -7.64 -27.53
C LEU N 9 -2.71 -7.50 -29.04
N GLN N 10 -1.53 -7.20 -29.56
CA GLN N 10 -1.33 -7.03 -30.99
C GLN N 10 -0.75 -8.26 -31.68
N PHE N 11 0.13 -9.00 -31.04
CA PHE N 11 0.74 -10.16 -31.66
C PHE N 11 -0.20 -11.36 -31.68
N PRO N 12 -0.13 -12.19 -32.75
CA PRO N 12 -1.10 -13.29 -32.90
C PRO N 12 -0.78 -14.43 -31.96
N VAL N 13 -1.61 -14.57 -30.92
CA VAL N 13 -1.42 -15.62 -29.93
C VAL N 13 -1.65 -16.99 -30.56
N GLY N 14 -2.56 -17.08 -31.53
CA GLY N 14 -2.81 -18.34 -32.21
C GLY N 14 -1.63 -18.83 -33.01
N ARG N 15 -0.90 -17.91 -33.65
CA ARG N 15 0.29 -18.30 -34.40
C ARG N 15 1.38 -18.76 -33.45
N VAL N 16 1.48 -18.11 -32.29
CA VAL N 16 2.46 -18.51 -31.29
C VAL N 16 2.11 -19.87 -30.73
N HIS N 17 0.81 -20.16 -30.58
CA HIS N 17 0.38 -21.46 -30.10
C HIS N 17 0.68 -22.54 -31.13
N ARG N 18 0.49 -22.22 -32.42
CA ARG N 18 0.83 -23.17 -33.48
C ARG N 18 2.32 -23.42 -33.54
N LEU N 19 3.12 -22.39 -33.32
CA LEU N 19 4.57 -22.57 -33.38
C LEU N 19 5.10 -23.30 -32.16
N LEU N 20 4.46 -23.11 -31.01
CA LEU N 20 4.82 -23.90 -29.85
C LEU N 20 4.44 -25.35 -30.03
N ARG N 21 3.35 -25.62 -30.75
CA ARG N 21 3.02 -27.00 -31.04
C ARG N 21 3.96 -27.59 -32.08
N LYS N 22 4.35 -26.78 -33.06
CA LYS N 22 5.20 -27.27 -34.14
C LYS N 22 6.66 -27.32 -33.72
N GLY N 23 7.11 -26.36 -32.90
CA GLY N 23 8.52 -26.26 -32.60
C GLY N 23 9.04 -27.31 -31.66
N ASN N 24 8.17 -28.15 -31.11
CA ASN N 24 8.48 -29.24 -30.18
C ASN N 24 9.31 -28.74 -29.00
N TYR N 25 8.77 -27.75 -28.30
CA TYR N 25 9.40 -27.33 -27.06
C TYR N 25 8.93 -28.18 -25.90
N SER N 26 7.65 -28.53 -25.88
CA SER N 26 7.15 -29.60 -25.03
C SER N 26 5.98 -30.24 -25.77
N GLU N 27 5.39 -31.26 -25.15
CA GLU N 27 4.23 -31.88 -25.77
C GLU N 27 3.00 -31.02 -25.52
N ARG N 28 2.73 -30.69 -24.27
CA ARG N 28 1.58 -29.89 -23.93
C ARG N 28 2.01 -28.43 -23.76
N VAL N 29 1.18 -27.52 -24.22
CA VAL N 29 1.41 -26.09 -24.12
C VAL N 29 0.25 -25.47 -23.36
N GLY N 30 0.56 -24.83 -22.23
CA GLY N 30 -0.48 -24.21 -21.44
C GLY N 30 -1.13 -23.04 -22.16
N ALA N 31 -2.33 -22.68 -21.70
CA ALA N 31 -3.12 -21.68 -22.42
C ALA N 31 -2.60 -20.26 -22.18
N GLY N 32 -2.16 -19.97 -20.96
CA GLY N 32 -1.63 -18.66 -20.68
C GLY N 32 -0.22 -18.41 -21.19
N ALA N 33 0.48 -19.48 -21.57
CA ALA N 33 1.85 -19.32 -22.06
C ALA N 33 1.96 -18.52 -23.36
N PRO N 34 1.20 -18.78 -24.45
CA PRO N 34 1.38 -17.93 -25.62
C PRO N 34 0.80 -16.54 -25.44
N VAL N 35 -0.17 -16.37 -24.55
CA VAL N 35 -0.64 -15.04 -24.19
C VAL N 35 0.47 -14.25 -23.55
N TYR N 36 1.15 -14.85 -22.56
CA TYR N 36 2.25 -14.19 -21.87
C TYR N 36 3.40 -13.92 -22.82
N LEU N 37 3.64 -14.83 -23.75
CA LEU N 37 4.77 -14.70 -24.64
C LEU N 37 4.52 -13.63 -25.68
N ALA N 38 3.28 -13.55 -26.20
CA ALA N 38 2.95 -12.49 -27.14
C ALA N 38 2.97 -11.14 -26.46
N ALA N 39 2.63 -11.10 -25.17
CA ALA N 39 2.75 -9.85 -24.41
C ALA N 39 4.20 -9.42 -24.27
N VAL N 40 5.10 -10.36 -24.01
CA VAL N 40 6.50 -10.01 -23.83
C VAL N 40 7.11 -9.56 -25.16
N LEU N 41 6.74 -10.24 -26.24
CA LEU N 41 7.15 -9.81 -27.57
C LEU N 41 6.61 -8.43 -27.91
N GLU N 42 5.36 -8.16 -27.53
CA GLU N 42 4.77 -6.85 -27.79
C GLU N 42 5.49 -5.75 -27.02
N TYR N 43 5.86 -6.03 -25.77
CA TYR N 43 6.55 -5.00 -24.99
C TYR N 43 7.95 -4.75 -25.52
N LEU N 44 8.66 -5.81 -25.89
CA LEU N 44 10.01 -5.64 -26.41
C LEU N 44 10.01 -4.92 -27.75
N THR N 45 9.08 -5.30 -28.63
CA THR N 45 8.97 -4.65 -29.93
C THR N 45 8.56 -3.20 -29.77
N ALA N 46 7.68 -2.92 -28.80
CA ALA N 46 7.23 -1.56 -28.57
C ALA N 46 8.35 -0.68 -28.06
N GLU N 47 9.16 -1.19 -27.13
CA GLU N 47 10.23 -0.38 -26.59
C GLU N 47 11.34 -0.16 -27.61
N ILE N 48 11.65 -1.19 -28.41
CA ILE N 48 12.73 -1.03 -29.38
C ILE N 48 12.30 -0.15 -30.53
N LEU N 49 11.04 -0.27 -30.99
CA LEU N 49 10.56 0.64 -32.00
C LEU N 49 10.39 2.05 -31.46
N GLU N 50 10.11 2.18 -30.16
CA GLU N 50 10.02 3.50 -29.55
C GLU N 50 11.37 4.19 -29.57
N LEU N 51 12.42 3.46 -29.17
CA LEU N 51 13.76 4.04 -29.18
C LEU N 51 14.22 4.31 -30.60
N ALA N 52 13.84 3.44 -31.54
CA ALA N 52 14.25 3.63 -32.92
C ALA N 52 13.55 4.83 -33.55
N GLY N 53 12.27 5.01 -33.27
CA GLY N 53 11.57 6.17 -33.79
C GLY N 53 12.02 7.45 -33.15
N ASN N 54 12.39 7.40 -31.87
CA ASN N 54 12.92 8.59 -31.22
C ASN N 54 14.29 8.97 -31.80
N ALA N 55 15.13 7.98 -32.08
CA ALA N 55 16.40 8.26 -32.75
C ALA N 55 16.17 8.76 -34.17
N ALA N 56 15.13 8.26 -34.85
CA ALA N 56 14.82 8.68 -36.20
C ALA N 56 14.34 10.13 -36.22
N ARG N 57 13.57 10.53 -35.20
CA ARG N 57 13.21 11.92 -35.06
C ARG N 57 14.43 12.76 -34.70
N ASP N 58 15.37 12.20 -33.95
CA ASP N 58 16.59 12.91 -33.60
C ASP N 58 17.48 13.09 -34.82
N ASN N 59 17.42 12.17 -35.78
CA ASN N 59 18.09 12.33 -37.05
C ASN N 59 17.17 12.82 -38.13
N LYS N 60 15.96 13.25 -37.74
CA LYS N 60 14.95 13.89 -38.60
C LYS N 60 14.51 13.01 -39.75
N LYS N 61 14.66 11.70 -39.60
CA LYS N 61 14.22 10.72 -40.59
C LYS N 61 12.86 10.20 -40.17
N THR N 62 11.92 10.15 -41.10
CA THR N 62 10.61 9.62 -40.79
C THR N 62 10.44 8.15 -41.18
N ARG N 63 11.45 7.54 -41.80
CA ARG N 63 11.40 6.13 -42.15
C ARG N 63 12.49 5.39 -41.38
N ILE N 64 12.11 4.33 -40.68
CA ILE N 64 13.05 3.60 -39.84
C ILE N 64 13.92 2.72 -40.72
N ILE N 65 15.24 2.95 -40.66
CA ILE N 65 16.21 2.16 -41.38
C ILE N 65 17.01 1.42 -40.32
N PRO N 66 17.77 0.37 -40.67
CA PRO N 66 18.54 -0.35 -39.64
C PRO N 66 19.62 0.45 -38.93
N ARG N 67 20.06 1.59 -39.49
CA ARG N 67 20.95 2.48 -38.75
C ARG N 67 20.32 2.96 -37.45
N HIS N 68 19.04 3.32 -37.49
CA HIS N 68 18.39 3.79 -36.27
C HIS N 68 18.17 2.66 -35.29
N LEU N 69 17.93 1.46 -35.80
CA LEU N 69 17.81 0.29 -34.93
C LEU N 69 19.13 -0.01 -34.22
N GLN N 70 20.23 0.08 -34.98
CA GLN N 70 21.56 -0.09 -34.41
C GLN N 70 21.84 0.94 -33.33
N LEU N 71 21.57 2.21 -33.62
CA LEU N 71 21.82 3.28 -32.67
C LEU N 71 20.94 3.17 -31.44
N ALA N 72 19.68 2.75 -31.62
CA ALA N 72 18.76 2.61 -30.51
C ALA N 72 19.19 1.49 -29.59
N ILE N 73 19.54 0.33 -30.15
CA ILE N 73 19.94 -0.79 -29.32
C ILE N 73 21.27 -0.51 -28.63
N ARG N 74 22.22 0.10 -29.34
CA ARG N 74 23.53 0.27 -28.75
C ARG N 74 23.61 1.49 -27.85
N ASN N 75 22.61 2.37 -27.88
CA ASN N 75 22.61 3.48 -26.94
C ASN N 75 21.92 3.14 -25.63
N ASP N 76 21.01 2.17 -25.62
CA ASP N 76 20.51 1.63 -24.36
C ASP N 76 21.51 0.60 -23.85
N GLU N 77 22.07 0.87 -22.68
CA GLU N 77 23.07 -0.03 -22.11
C GLU N 77 22.46 -1.35 -21.66
N GLU N 78 21.17 -1.36 -21.33
CA GLU N 78 20.56 -2.61 -20.92
C GLU N 78 20.18 -3.44 -22.14
N LEU N 79 19.73 -2.79 -23.21
CA LEU N 79 19.57 -3.48 -24.48
C LEU N 79 20.91 -3.88 -25.07
N ASN N 80 21.94 -3.07 -24.85
CA ASN N 80 23.28 -3.46 -25.28
C ASN N 80 23.74 -4.68 -24.52
N LYS N 81 23.40 -4.76 -23.24
CA LYS N 81 23.66 -5.96 -22.46
C LYS N 81 22.84 -7.13 -22.98
N LEU N 82 21.63 -6.86 -23.48
CA LEU N 82 20.84 -7.92 -24.08
C LEU N 82 21.41 -8.36 -25.41
N LEU N 83 21.83 -7.44 -26.25
CA LEU N 83 22.18 -7.76 -27.62
C LEU N 83 23.62 -7.43 -27.94
N GLY N 84 24.54 -7.75 -27.01
CA GLY N 84 25.93 -7.46 -27.26
C GLY N 84 26.55 -8.35 -28.31
N ARG N 85 26.16 -9.62 -28.34
CA ARG N 85 26.67 -10.52 -29.36
C ARG N 85 26.01 -10.29 -30.71
N VAL N 86 24.81 -9.72 -30.72
CA VAL N 86 24.00 -9.67 -31.93
C VAL N 86 24.58 -8.61 -32.87
N THR N 87 24.73 -8.98 -34.14
CA THR N 87 25.01 -8.04 -35.21
C THR N 87 23.72 -7.66 -35.93
N ILE N 88 23.43 -6.37 -35.99
CA ILE N 88 22.43 -5.85 -36.92
C ILE N 88 23.08 -5.60 -38.26
N ALA N 89 22.50 -6.15 -39.32
CA ALA N 89 22.96 -5.82 -40.66
C ALA N 89 22.53 -4.41 -41.02
N GLN N 90 23.30 -3.77 -41.90
CA GLN N 90 23.10 -2.38 -42.34
C GLN N 90 23.03 -1.41 -41.16
N GLY N 91 23.90 -1.61 -40.17
CA GLY N 91 23.77 -0.86 -38.93
C GLY N 91 24.79 0.23 -38.69
N GLY N 92 26.03 -0.01 -39.09
CA GLY N 92 27.10 0.87 -38.69
C GLY N 92 27.42 0.64 -37.22
N VAL N 93 28.03 1.64 -36.59
CA VAL N 93 28.32 1.62 -35.17
C VAL N 93 27.95 2.94 -34.52
N LEU N 94 28.23 3.03 -33.23
CA LEU N 94 28.05 4.26 -32.50
C LEU N 94 29.06 5.31 -32.92
N PRO N 95 28.68 6.58 -32.87
CA PRO N 95 29.67 7.65 -32.96
C PRO N 95 30.47 7.73 -31.67
N ASN N 96 31.71 7.26 -31.70
CA ASN N 96 32.47 7.06 -30.46
C ASN N 96 33.93 7.42 -30.72
N ILE N 97 34.33 8.59 -30.26
CA ILE N 97 35.69 9.08 -30.40
C ILE N 97 36.36 9.03 -29.04
N GLN N 98 37.56 8.48 -28.99
CA GLN N 98 38.32 8.38 -27.75
C GLN N 98 38.92 9.72 -27.37
N ALA N 99 38.97 9.97 -26.06
CA ALA N 99 39.38 11.28 -25.55
C ALA N 99 40.88 11.53 -25.66
N VAL N 100 41.69 10.51 -25.89
CA VAL N 100 43.11 10.76 -26.10
C VAL N 100 43.39 11.24 -27.52
N LEU N 101 42.46 10.99 -28.45
CA LEU N 101 42.67 11.36 -29.84
C LEU N 101 42.45 12.84 -30.06
N LEU N 102 41.57 13.45 -29.28
CA LEU N 102 41.18 14.82 -29.48
C LEU N 102 42.31 15.77 -29.08
N PRO N 103 42.40 16.96 -29.73
CA PRO N 103 43.46 17.91 -29.37
C PRO N 103 43.14 18.68 -28.08
N SER O 1 3.57 -20.36 -52.65
CA SER O 1 3.49 -20.76 -51.26
C SER O 1 3.24 -19.56 -50.35
N ARG O 2 3.37 -19.77 -49.04
CA ARG O 2 3.16 -18.71 -48.06
C ARG O 2 4.36 -18.60 -47.12
N LYS O 3 4.64 -17.36 -46.72
CA LYS O 3 5.66 -17.06 -45.73
C LYS O 3 5.04 -16.72 -44.39
N GLU O 4 5.78 -16.97 -43.33
CA GLU O 4 5.33 -16.72 -41.96
C GLU O 4 6.20 -15.59 -41.40
N SER O 5 5.66 -14.38 -41.41
CA SER O 5 6.39 -13.22 -40.94
C SER O 5 5.56 -12.46 -39.92
N TYR O 6 6.23 -11.58 -39.18
CA TYR O 6 5.58 -10.74 -38.18
C TYR O 6 5.44 -9.29 -38.65
N SER O 7 5.41 -9.08 -39.98
CA SER O 7 5.61 -7.75 -40.53
C SER O 7 4.45 -6.83 -40.23
N ILE O 8 3.22 -7.31 -40.43
CA ILE O 8 2.06 -6.50 -40.16
C ILE O 8 1.87 -6.29 -38.66
N TYR O 9 2.40 -7.20 -37.84
CA TYR O 9 2.23 -7.04 -36.41
C TYR O 9 3.21 -6.02 -35.86
N VAL O 10 4.44 -6.06 -36.37
CA VAL O 10 5.42 -5.00 -36.12
C VAL O 10 4.87 -3.66 -36.58
N TYR O 11 4.18 -3.66 -37.71
CA TYR O 11 3.62 -2.41 -38.21
C TYR O 11 2.48 -1.90 -37.33
N LYS O 12 1.67 -2.82 -36.79
CA LYS O 12 0.61 -2.43 -35.86
C LYS O 12 1.19 -1.87 -34.57
N VAL O 13 2.24 -2.50 -34.05
CA VAL O 13 2.91 -1.98 -32.87
C VAL O 13 3.57 -0.63 -33.16
N LEU O 14 4.03 -0.45 -34.39
CA LEU O 14 4.61 0.83 -34.79
C LEU O 14 3.56 1.92 -34.82
N LYS O 15 2.39 1.63 -35.41
CA LYS O 15 1.30 2.59 -35.42
C LYS O 15 0.74 2.82 -34.03
N GLN O 16 0.94 1.88 -33.12
CA GLN O 16 0.60 2.12 -31.73
C GLN O 16 1.60 3.07 -31.08
N VAL O 17 2.87 2.98 -31.47
CA VAL O 17 3.88 3.81 -30.82
C VAL O 17 4.17 5.06 -31.63
N HIS O 18 4.69 4.90 -32.84
CA HIS O 18 4.97 6.02 -33.73
C HIS O 18 3.98 5.98 -34.90
N PRO O 19 2.86 6.69 -34.81
CA PRO O 19 1.74 6.43 -35.73
C PRO O 19 1.96 6.90 -37.15
N ASP O 20 2.88 7.85 -37.36
CA ASP O 20 3.14 8.37 -38.70
C ASP O 20 4.63 8.29 -39.00
N THR O 21 5.20 7.11 -38.79
CA THR O 21 6.62 6.88 -39.04
C THR O 21 6.77 5.67 -39.95
N GLY O 22 7.68 5.77 -40.93
CA GLY O 22 7.91 4.67 -41.84
C GLY O 22 8.98 3.71 -41.35
N ILE O 23 9.02 2.54 -42.00
CA ILE O 23 10.00 1.52 -41.66
C ILE O 23 10.39 0.79 -42.94
N SER O 24 11.69 0.57 -43.14
CA SER O 24 12.12 -0.01 -44.39
C SER O 24 11.88 -1.51 -44.39
N SER O 25 11.98 -2.12 -45.57
CA SER O 25 11.84 -3.57 -45.67
C SER O 25 13.02 -4.28 -45.04
N LYS O 26 14.22 -3.69 -45.13
CA LYS O 26 15.36 -4.30 -44.46
C LYS O 26 15.23 -4.21 -42.96
N ALA O 27 14.70 -3.10 -42.46
CA ALA O 27 14.45 -2.99 -41.03
C ALA O 27 13.32 -3.92 -40.61
N MET O 28 12.37 -4.18 -41.51
CA MET O 28 11.35 -5.16 -41.21
C MET O 28 11.92 -6.58 -41.19
N GLY O 29 12.89 -6.85 -42.05
CA GLY O 29 13.60 -8.12 -41.97
C GLY O 29 14.38 -8.27 -40.68
N ILE O 30 15.02 -7.17 -40.24
CA ILE O 30 15.69 -7.11 -38.94
C ILE O 30 14.71 -7.48 -37.84
N MET O 31 13.52 -6.88 -37.87
CA MET O 31 12.60 -7.12 -36.78
C MET O 31 11.94 -8.48 -36.87
N ASN O 32 11.72 -9.01 -38.07
CA ASN O 32 11.21 -10.36 -38.24
C ASN O 32 12.19 -11.39 -37.68
N SER O 33 13.46 -11.27 -38.07
CA SER O 33 14.47 -12.18 -37.54
C SER O 33 14.68 -11.96 -36.05
N PHE O 34 14.46 -10.73 -35.57
CA PHE O 34 14.59 -10.46 -34.16
C PHE O 34 13.48 -11.12 -33.35
N VAL O 35 12.25 -11.04 -33.85
CA VAL O 35 11.12 -11.64 -33.15
C VAL O 35 11.23 -13.16 -33.19
N ASN O 36 11.72 -13.72 -34.31
CA ASN O 36 11.97 -15.14 -34.37
C ASN O 36 13.09 -15.54 -33.40
N ASP O 37 14.08 -14.67 -33.23
CA ASP O 37 15.17 -14.97 -32.31
C ASP O 37 14.70 -14.93 -30.86
N ILE O 38 13.89 -13.94 -30.52
CA ILE O 38 13.47 -13.81 -29.13
C ILE O 38 12.46 -14.87 -28.77
N PHE O 39 11.55 -15.17 -29.70
CA PHE O 39 10.65 -16.30 -29.55
C PHE O 39 11.40 -17.60 -29.41
N GLU O 40 12.47 -17.78 -30.19
CA GLU O 40 13.24 -19.00 -30.10
C GLU O 40 13.98 -19.11 -28.77
N ARG O 41 14.55 -17.99 -28.30
CA ARG O 41 15.26 -18.01 -27.03
C ARG O 41 14.32 -18.27 -25.87
N ILE O 42 13.17 -17.61 -25.85
CA ILE O 42 12.27 -17.76 -24.72
C ILE O 42 11.60 -19.12 -24.73
N ALA O 43 11.20 -19.61 -25.92
CA ALA O 43 10.62 -20.93 -25.99
C ALA O 43 11.64 -22.01 -25.67
N GLY O 44 12.90 -21.81 -26.05
CA GLY O 44 13.92 -22.78 -25.69
C GLY O 44 14.22 -22.78 -24.21
N GLU O 45 14.26 -21.60 -23.59
CA GLU O 45 14.56 -21.59 -22.17
C GLU O 45 13.37 -22.03 -21.34
N ALA O 46 12.16 -21.83 -21.84
CA ALA O 46 11.00 -22.42 -21.19
C ALA O 46 10.99 -23.93 -21.34
N SER O 47 11.46 -24.44 -22.49
CA SER O 47 11.54 -25.87 -22.68
C SER O 47 12.58 -26.49 -21.76
N ARG O 48 13.74 -25.83 -21.65
CA ARG O 48 14.77 -26.28 -20.72
C ARG O 48 14.29 -26.21 -19.29
N LEU O 49 13.53 -25.16 -18.96
CA LEU O 49 13.07 -24.98 -17.58
C LEU O 49 12.03 -26.02 -17.21
N ALA O 50 11.08 -26.29 -18.12
CA ALA O 50 10.10 -27.33 -17.88
C ALA O 50 10.76 -28.70 -17.84
N HIS O 51 11.85 -28.87 -18.58
CA HIS O 51 12.62 -30.11 -18.51
C HIS O 51 13.34 -30.23 -17.18
N TYR O 52 13.72 -29.11 -16.57
CA TYR O 52 14.40 -29.14 -15.29
C TYR O 52 13.47 -29.63 -14.19
N ASN O 53 12.20 -29.27 -14.26
CA ASN O 53 11.21 -29.76 -13.32
C ASN O 53 10.43 -30.93 -13.87
N LYS O 54 10.86 -31.46 -15.03
CA LYS O 54 10.28 -32.63 -15.70
C LYS O 54 8.79 -32.44 -15.98
N ARG O 55 8.40 -31.22 -16.28
CA ARG O 55 7.02 -30.88 -16.60
C ARG O 55 6.87 -30.88 -18.11
N SER O 56 5.80 -31.52 -18.59
CA SER O 56 5.55 -31.59 -20.03
C SER O 56 4.57 -30.53 -20.50
N THR O 57 4.41 -29.46 -19.73
CA THR O 57 3.43 -28.43 -20.06
C THR O 57 4.07 -27.07 -19.78
N ILE O 58 4.42 -26.36 -20.84
CA ILE O 58 4.89 -24.98 -20.69
C ILE O 58 3.72 -24.11 -20.28
N THR O 59 3.87 -23.41 -19.15
CA THR O 59 2.83 -22.52 -18.65
C THR O 59 3.30 -21.08 -18.77
N SER O 60 2.41 -20.17 -18.37
CA SER O 60 2.77 -18.77 -18.33
C SER O 60 3.80 -18.47 -17.24
N ARG O 61 3.78 -19.26 -16.16
CA ARG O 61 4.81 -19.10 -15.14
C ARG O 61 6.18 -19.47 -15.69
N GLU O 62 6.23 -20.49 -16.53
CA GLU O 62 7.46 -20.89 -17.20
C GLU O 62 7.99 -19.76 -18.06
N ILE O 63 7.10 -19.08 -18.79
CA ILE O 63 7.51 -18.00 -19.66
C ILE O 63 7.98 -16.82 -18.83
N GLN O 64 7.31 -16.58 -17.70
CA GLN O 64 7.69 -15.50 -16.79
C GLN O 64 9.09 -15.70 -16.23
N THR O 65 9.38 -16.91 -15.78
CA THR O 65 10.71 -17.16 -15.26
C THR O 65 11.75 -17.16 -16.38
N ALA O 66 11.35 -17.53 -17.59
CA ALA O 66 12.28 -17.46 -18.72
C ALA O 66 12.64 -16.02 -19.05
N VAL O 67 11.66 -15.13 -18.95
CA VAL O 67 11.93 -13.70 -19.12
C VAL O 67 12.83 -13.19 -18.01
N ARG O 68 12.58 -13.61 -16.77
CA ARG O 68 13.39 -13.16 -15.65
C ARG O 68 14.82 -13.66 -15.74
N LEU O 69 15.02 -14.87 -16.26
CA LEU O 69 16.37 -15.40 -16.43
C LEU O 69 17.10 -14.77 -17.59
N LEU O 70 16.42 -14.58 -18.71
CA LEU O 70 17.13 -14.23 -19.92
C LEU O 70 17.33 -12.72 -20.02
N LEU O 71 16.28 -11.97 -19.85
CA LEU O 71 16.29 -10.55 -20.08
C LEU O 71 16.92 -9.82 -18.89
N PRO O 72 17.73 -8.80 -19.12
CA PRO O 72 18.39 -8.10 -18.01
C PRO O 72 17.40 -7.23 -17.25
N GLY O 73 17.86 -6.78 -16.08
CA GLY O 73 17.04 -6.48 -14.91
C GLY O 73 15.78 -5.63 -15.02
N GLU O 74 15.93 -4.34 -15.28
CA GLU O 74 14.78 -3.43 -15.19
C GLU O 74 13.84 -3.61 -16.36
N LEU O 75 14.40 -3.92 -17.52
CA LEU O 75 13.59 -4.23 -18.69
C LEU O 75 12.83 -5.53 -18.49
N ALA O 76 13.45 -6.50 -17.82
CA ALA O 76 12.76 -7.74 -17.50
C ALA O 76 11.64 -7.50 -16.50
N LYS O 77 11.86 -6.59 -15.54
CA LYS O 77 10.83 -6.27 -14.57
C LYS O 77 9.62 -5.63 -15.23
N HIS O 78 9.88 -4.67 -16.14
CA HIS O 78 8.81 -4.04 -16.89
C HIS O 78 8.08 -5.04 -17.78
N ALA O 79 8.83 -5.97 -18.39
CA ALA O 79 8.22 -6.93 -19.30
C ALA O 79 7.38 -7.95 -18.55
N VAL O 80 7.85 -8.39 -17.38
CA VAL O 80 7.06 -9.30 -16.55
C VAL O 80 5.79 -8.61 -16.09
N SER O 81 5.88 -7.32 -15.77
CA SER O 81 4.69 -6.58 -15.37
C SER O 81 3.68 -6.49 -16.52
N GLU O 82 4.17 -6.23 -17.74
CA GLU O 82 3.30 -6.16 -18.90
C GLU O 82 2.66 -7.51 -19.21
N GLY O 83 3.46 -8.58 -19.17
CA GLY O 83 2.94 -9.89 -19.46
C GLY O 83 1.93 -10.36 -18.44
N THR O 84 2.16 -10.04 -17.16
CA THR O 84 1.22 -10.43 -16.12
C THR O 84 -0.09 -9.68 -16.26
N LYS O 85 0.01 -8.39 -16.60
CA LYS O 85 -1.19 -7.59 -16.87
C LYS O 85 -1.99 -8.16 -18.03
N ALA O 86 -1.29 -8.57 -19.09
CA ALA O 86 -1.99 -9.07 -20.28
C ALA O 86 -2.62 -10.43 -20.02
N VAL O 87 -1.97 -11.28 -19.22
CA VAL O 87 -2.55 -12.58 -18.92
C VAL O 87 -3.77 -12.43 -18.03
N THR O 88 -3.70 -11.53 -17.04
CA THR O 88 -4.86 -11.28 -16.20
C THR O 88 -6.00 -10.65 -16.98
N LYS O 89 -5.69 -9.83 -17.99
CA LYS O 89 -6.74 -9.32 -18.85
C LYS O 89 -7.31 -10.43 -19.75
N TYR O 90 -6.48 -11.39 -20.14
CA TYR O 90 -6.97 -12.51 -20.94
C TYR O 90 -7.87 -13.43 -20.13
N THR O 91 -7.60 -13.57 -18.84
CA THR O 91 -8.41 -14.47 -18.03
C THR O 91 -9.80 -13.91 -17.80
N SER O 92 -9.93 -12.59 -17.79
CA SER O 92 -11.23 -11.96 -17.65
C SER O 92 -11.93 -11.92 -19.01
N PRO P 1 51.54 24.87 -50.13
CA PRO P 1 50.89 23.57 -49.91
C PRO P 1 50.06 23.55 -48.63
N HIS P 2 48.74 23.41 -48.78
CA HIS P 2 47.83 23.41 -47.64
C HIS P 2 47.78 21.98 -47.11
N ARG P 3 48.80 21.63 -46.33
CA ARG P 3 48.89 20.31 -45.72
C ARG P 3 48.34 20.35 -44.30
N TYR P 4 47.42 19.43 -44.00
CA TYR P 4 46.91 19.31 -42.65
C TYR P 4 47.94 18.66 -41.73
N ARG P 5 47.63 18.72 -40.44
CA ARG P 5 48.33 17.91 -39.46
C ARG P 5 47.96 16.44 -39.67
N PRO P 6 48.85 15.51 -39.30
CA PRO P 6 48.61 14.08 -39.57
C PRO P 6 47.47 13.45 -38.78
N GLY P 7 46.75 14.19 -37.93
CA GLY P 7 45.63 13.58 -37.24
C GLY P 7 44.27 14.07 -37.68
N THR P 8 44.23 15.20 -38.40
CA THR P 8 42.97 15.88 -38.65
C THR P 8 42.11 15.14 -39.68
N VAL P 9 42.74 14.72 -40.80
CA VAL P 9 42.03 13.97 -41.82
C VAL P 9 41.64 12.61 -41.28
N ALA P 10 42.45 12.06 -40.36
CA ALA P 10 42.07 10.83 -39.68
C ALA P 10 40.81 11.03 -38.84
N LEU P 11 40.68 12.20 -38.19
CA LEU P 11 39.51 12.44 -37.37
C LEU P 11 38.27 12.66 -38.22
N ARG P 12 38.40 13.32 -39.37
CA ARG P 12 37.22 13.49 -40.21
C ARG P 12 36.83 12.18 -40.89
N GLU P 13 37.81 11.30 -41.15
CA GLU P 13 37.49 9.97 -41.64
C GLU P 13 36.80 9.13 -40.57
N ILE P 14 37.20 9.28 -39.31
CA ILE P 14 36.52 8.60 -38.22
C ILE P 14 35.08 9.07 -38.12
N ARG P 15 34.87 10.39 -38.23
CA ARG P 15 33.52 10.94 -38.17
C ARG P 15 32.68 10.46 -39.35
N ARG P 16 33.31 10.37 -40.52
CA ARG P 16 32.60 9.97 -41.73
C ARG P 16 32.22 8.50 -41.68
N TYR P 17 33.18 7.63 -41.36
CA TYR P 17 32.89 6.21 -41.40
C TYR P 17 32.17 5.70 -40.17
N GLN P 18 32.16 6.46 -39.07
CA GLN P 18 31.20 6.14 -38.03
C GLN P 18 29.83 6.69 -38.37
N LYS P 19 29.79 7.76 -39.17
CA LYS P 19 28.52 8.23 -39.67
C LYS P 19 27.99 7.33 -40.78
N SER P 20 28.87 6.77 -41.60
CA SER P 20 28.42 5.97 -42.72
C SER P 20 28.05 4.56 -42.24
N THR P 21 27.36 3.83 -43.11
CA THR P 21 26.96 2.45 -42.83
C THR P 21 27.18 1.49 -43.98
N GLU P 22 27.66 1.96 -45.13
CA GLU P 22 27.75 1.11 -46.30
C GLU P 22 28.91 0.13 -46.17
N LEU P 23 28.96 -0.78 -47.13
CA LEU P 23 30.00 -1.79 -47.14
C LEU P 23 31.32 -1.16 -47.53
N LEU P 24 32.36 -1.40 -46.73
CA LEU P 24 33.65 -0.79 -47.00
C LEU P 24 34.52 -1.69 -47.86
N ILE P 25 34.39 -2.99 -47.69
CA ILE P 25 35.08 -3.95 -48.53
C ILE P 25 34.38 -4.00 -49.89
N ARG P 26 35.17 -4.02 -50.96
CA ARG P 26 34.61 -4.09 -52.29
C ARG P 26 34.01 -5.46 -52.54
N LYS P 27 32.83 -5.48 -53.16
CA LYS P 27 31.97 -6.66 -53.15
C LYS P 27 32.55 -7.81 -53.95
N LEU P 28 33.06 -7.53 -55.15
CA LEU P 28 33.54 -8.61 -56.01
C LEU P 28 34.80 -9.31 -55.53
N PRO P 29 35.83 -8.64 -54.96
CA PRO P 29 36.93 -9.42 -54.38
C PRO P 29 36.51 -10.24 -53.18
N PHE P 30 35.55 -9.75 -52.40
CA PHE P 30 35.00 -10.54 -51.31
C PHE P 30 34.28 -11.77 -51.84
N GLN P 31 33.58 -11.61 -52.96
CA GLN P 31 32.89 -12.73 -53.59
C GLN P 31 33.89 -13.74 -54.14
N ARG P 32 35.00 -13.26 -54.69
CA ARG P 32 36.04 -14.16 -55.16
C ARG P 32 36.66 -14.94 -54.02
N LEU P 33 36.87 -14.27 -52.89
CA LEU P 33 37.45 -14.94 -51.72
C LEU P 33 36.52 -16.02 -51.18
N VAL P 34 35.23 -15.69 -51.07
CA VAL P 34 34.23 -16.65 -50.60
C VAL P 34 34.13 -17.84 -51.55
N ARG P 35 34.10 -17.58 -52.87
CA ARG P 35 34.03 -18.66 -53.82
C ARG P 35 35.30 -19.48 -53.85
N GLU P 36 36.44 -18.86 -53.56
CA GLU P 36 37.71 -19.58 -53.48
C GLU P 36 37.70 -20.57 -52.34
N ILE P 37 37.29 -20.11 -51.15
CA ILE P 37 37.33 -20.98 -49.99
C ILE P 37 36.26 -22.06 -50.07
N ALA P 38 35.10 -21.73 -50.63
CA ALA P 38 34.07 -22.74 -50.79
C ALA P 38 34.43 -23.76 -51.87
N GLN P 39 35.14 -23.32 -52.91
CA GLN P 39 35.63 -24.24 -53.92
C GLN P 39 36.71 -25.14 -53.34
N ASP P 40 37.49 -24.62 -52.39
CA ASP P 40 38.42 -25.45 -51.65
C ASP P 40 37.69 -26.50 -50.81
N PHE P 41 36.52 -26.14 -50.27
CA PHE P 41 35.81 -27.14 -49.47
C PHE P 41 34.99 -28.07 -50.35
N LYS P 42 34.03 -27.54 -51.10
CA LYS P 42 33.20 -28.37 -51.95
C LYS P 42 33.08 -27.73 -53.33
N THR P 43 33.49 -28.46 -54.36
CA THR P 43 33.61 -27.91 -55.69
C THR P 43 32.23 -27.68 -56.30
N ASP P 44 32.12 -26.56 -57.05
CA ASP P 44 30.91 -26.15 -57.78
C ASP P 44 29.72 -25.97 -56.85
N LEU P 45 29.86 -25.01 -55.93
CA LEU P 45 28.75 -24.56 -55.11
C LEU P 45 28.26 -23.22 -55.64
N ARG P 46 27.03 -23.19 -56.11
CA ARG P 46 26.43 -21.91 -56.47
C ARG P 46 26.02 -21.15 -55.22
N PHE P 47 26.11 -19.82 -55.29
CA PHE P 47 25.85 -18.97 -54.14
C PHE P 47 24.62 -18.08 -54.33
N GLN P 48 23.82 -18.01 -53.27
CA GLN P 48 22.85 -16.94 -53.19
C GLN P 48 23.58 -15.63 -52.96
N SER P 49 23.20 -14.59 -53.69
CA SER P 49 23.90 -13.32 -53.58
C SER P 49 23.66 -12.66 -52.23
N SER P 50 22.45 -12.83 -51.67
CA SER P 50 22.15 -12.32 -50.34
C SER P 50 22.98 -13.02 -49.27
N ALA P 51 23.38 -14.26 -49.52
CA ALA P 51 24.27 -14.94 -48.59
C ALA P 51 25.64 -14.30 -48.58
N VAL P 52 26.11 -13.87 -49.75
CA VAL P 52 27.39 -13.16 -49.85
C VAL P 52 27.28 -11.81 -49.15
N MET P 53 26.15 -11.14 -49.32
CA MET P 53 25.91 -9.86 -48.64
C MET P 53 25.90 -10.04 -47.13
N ALA P 54 25.32 -11.14 -46.65
CA ALA P 54 25.26 -11.40 -45.23
C ALA P 54 26.64 -11.72 -44.68
N LEU P 55 27.42 -12.47 -45.46
CA LEU P 55 28.81 -12.73 -45.11
C LEU P 55 29.61 -11.44 -45.01
N GLN P 56 29.35 -10.50 -45.92
CA GLN P 56 30.09 -9.26 -45.90
C GLN P 56 29.68 -8.38 -44.73
N GLU P 57 28.39 -8.44 -44.36
CA GLU P 57 27.92 -7.72 -43.18
C GLU P 57 28.56 -8.27 -41.92
N ALA P 58 28.61 -9.59 -41.80
CA ALA P 58 29.18 -10.21 -40.60
C ALA P 58 30.67 -9.95 -40.52
N CYS P 59 31.37 -9.99 -41.65
CA CYS P 59 32.81 -9.78 -41.63
C CYS P 59 33.15 -8.34 -41.32
N GLU P 60 32.40 -7.40 -41.88
CA GLU P 60 32.71 -6.00 -41.64
C GLU P 60 32.38 -5.61 -40.20
N ALA P 61 31.28 -6.12 -39.66
CA ALA P 61 30.96 -5.77 -38.28
C ALA P 61 31.90 -6.44 -37.31
N TYR P 62 32.36 -7.66 -37.64
CA TYR P 62 33.33 -8.33 -36.79
C TYR P 62 34.66 -7.62 -36.80
N LEU P 63 35.09 -7.13 -37.96
CA LEU P 63 36.36 -6.42 -38.00
C LEU P 63 36.26 -5.04 -37.37
N VAL P 64 35.09 -4.41 -37.39
CA VAL P 64 34.96 -3.12 -36.74
C VAL P 64 34.99 -3.27 -35.23
N GLY P 65 34.31 -4.30 -34.71
CA GLY P 65 34.40 -4.58 -33.28
C GLY P 65 35.80 -4.96 -32.84
N LEU P 66 36.50 -5.69 -33.71
CA LEU P 66 37.89 -6.04 -33.44
C LEU P 66 38.79 -4.82 -33.44
N PHE P 67 38.52 -3.87 -34.34
CA PHE P 67 39.33 -2.67 -34.37
C PHE P 67 39.03 -1.74 -33.21
N GLU P 68 37.79 -1.75 -32.70
CA GLU P 68 37.50 -1.03 -31.46
C GLU P 68 38.31 -1.59 -30.31
N ASP P 69 38.34 -2.92 -30.19
CA ASP P 69 39.10 -3.52 -29.10
C ASP P 69 40.60 -3.31 -29.30
N THR P 70 41.04 -3.28 -30.55
CA THR P 70 42.44 -3.04 -30.86
C THR P 70 42.84 -1.61 -30.51
N ASN P 71 41.95 -0.66 -30.78
CA ASN P 71 42.21 0.73 -30.43
C ASN P 71 42.25 0.90 -28.93
N LEU P 72 41.39 0.19 -28.21
CA LEU P 72 41.42 0.24 -26.75
C LEU P 72 42.72 -0.35 -26.21
N CYS P 73 43.23 -1.41 -26.84
CA CYS P 73 44.52 -1.96 -26.43
C CYS P 73 45.65 -0.97 -26.69
N ALA P 74 45.62 -0.30 -27.83
CA ALA P 74 46.73 0.58 -28.19
C ALA P 74 46.73 1.85 -27.37
N ILE P 75 45.54 2.37 -27.06
CA ILE P 75 45.44 3.52 -26.15
C ILE P 75 45.82 3.10 -24.75
N HIS P 76 45.51 1.85 -24.39
CA HIS P 76 45.81 1.36 -23.05
C HIS P 76 47.30 1.28 -22.78
N ALA P 77 48.10 1.02 -23.82
CA ALA P 77 49.54 0.88 -23.67
C ALA P 77 50.27 2.21 -23.81
N LYS P 78 49.59 3.32 -23.49
CA LYS P 78 50.11 4.68 -23.57
C LYS P 78 50.59 5.05 -24.97
N ARG P 79 49.98 4.44 -25.98
CA ARG P 79 50.34 4.68 -27.37
C ARG P 79 49.12 5.23 -28.09
N VAL P 80 49.28 5.49 -29.38
CA VAL P 80 48.16 5.98 -30.16
C VAL P 80 48.09 5.17 -31.46
N THR P 81 49.13 4.40 -31.73
CA THR P 81 49.27 3.68 -32.99
C THR P 81 49.07 2.19 -32.75
N ILE P 82 48.12 1.59 -33.47
CA ILE P 82 47.86 0.17 -33.32
C ILE P 82 48.99 -0.64 -33.95
N MET P 83 49.16 -1.86 -33.47
CA MET P 83 50.19 -2.79 -33.88
C MET P 83 49.56 -4.17 -33.90
N PRO P 84 50.12 -5.12 -34.67
CA PRO P 84 49.51 -6.46 -34.71
C PRO P 84 49.55 -7.20 -33.40
N LYS P 85 50.41 -6.81 -32.46
CA LYS P 85 50.37 -7.41 -31.14
C LYS P 85 49.11 -7.00 -30.38
N ASP P 86 48.56 -5.82 -30.69
CA ASP P 86 47.25 -5.44 -30.14
C ASP P 86 46.16 -6.40 -30.63
N ILE P 87 46.20 -6.74 -31.91
CA ILE P 87 45.21 -7.66 -32.49
C ILE P 87 45.37 -9.05 -31.90
N GLN P 88 46.62 -9.50 -31.73
CA GLN P 88 46.88 -10.79 -31.13
C GLN P 88 46.39 -10.82 -29.68
N LEU P 89 46.55 -9.70 -28.97
CA LEU P 89 46.04 -9.60 -27.61
C LEU P 89 44.52 -9.67 -27.57
N ALA P 90 43.86 -8.94 -28.48
CA ALA P 90 42.40 -8.88 -28.48
C ALA P 90 41.79 -10.22 -28.85
N ARG P 91 42.38 -10.92 -29.82
CA ARG P 91 41.86 -12.24 -30.15
C ARG P 91 42.21 -13.27 -29.09
N ARG P 92 43.33 -13.08 -28.39
CA ARG P 92 43.67 -14.00 -27.32
C ARG P 92 42.73 -13.83 -26.13
N ILE P 93 42.27 -12.60 -25.89
CA ILE P 93 41.31 -12.39 -24.82
C ILE P 93 39.93 -12.88 -25.24
N ARG P 94 39.54 -12.65 -26.49
CA ARG P 94 38.28 -13.19 -26.99
C ARG P 94 38.30 -14.71 -27.06
N GLY P 95 39.48 -15.31 -27.23
CA GLY P 95 39.61 -16.75 -27.20
C GLY P 95 39.79 -17.41 -28.55
N GLU P 96 40.24 -16.68 -29.56
CA GLU P 96 40.43 -17.25 -30.89
C GLU P 96 41.83 -17.77 -31.13
N ARG P 97 42.81 -17.29 -30.38
CA ARG P 97 44.19 -17.75 -30.50
C ARG P 97 44.68 -18.44 -29.25
N ALA P 98 44.51 -17.81 -28.08
CA ALA P 98 44.85 -18.34 -26.74
C ALA P 98 46.32 -18.72 -26.59
N ARG Q 1 44.12 -18.62 -55.10
CA ARG Q 1 45.19 -17.74 -54.63
C ARG Q 1 44.94 -16.32 -55.12
N ASP Q 2 45.43 -15.36 -54.32
CA ASP Q 2 45.50 -13.91 -54.57
C ASP Q 2 44.12 -13.24 -54.48
N ASN Q 3 43.06 -14.02 -54.32
CA ASN Q 3 41.77 -13.41 -54.03
C ASN Q 3 41.72 -12.92 -52.59
N ILE Q 4 42.55 -13.52 -51.72
CA ILE Q 4 42.71 -13.01 -50.36
C ILE Q 4 43.44 -11.67 -50.38
N GLN Q 5 44.28 -11.44 -51.39
CA GLN Q 5 44.93 -10.15 -51.58
C GLN Q 5 43.95 -9.08 -52.05
N GLY Q 6 42.74 -9.47 -52.47
CA GLY Q 6 41.72 -8.51 -52.86
C GLY Q 6 41.25 -7.60 -51.74
N ILE Q 7 41.46 -8.01 -50.49
CA ILE Q 7 41.18 -7.14 -49.36
C ILE Q 7 42.24 -6.06 -49.31
N THR Q 8 41.90 -4.85 -49.76
CA THR Q 8 42.91 -3.86 -50.01
C THR Q 8 43.35 -3.17 -48.72
N LYS Q 9 44.48 -2.47 -48.83
CA LYS Q 9 44.96 -1.62 -47.75
C LYS Q 9 44.01 -0.48 -47.37
N PRO Q 10 43.46 0.32 -48.29
CA PRO Q 10 42.53 1.36 -47.83
C PRO Q 10 41.19 0.83 -47.37
N ALA Q 11 40.82 -0.41 -47.71
CA ALA Q 11 39.62 -0.99 -47.13
C ALA Q 11 39.79 -1.26 -45.65
N ILE Q 12 40.95 -1.82 -45.29
CA ILE Q 12 41.29 -2.02 -43.88
C ILE Q 12 41.43 -0.69 -43.19
N ARG Q 13 41.92 0.33 -43.90
CA ARG Q 13 42.02 1.65 -43.31
C ARG Q 13 40.64 2.26 -43.08
N ARG Q 14 39.68 1.99 -43.98
CA ARG Q 14 38.31 2.44 -43.78
C ARG Q 14 37.65 1.75 -42.60
N LEU Q 15 37.93 0.45 -42.45
CA LEU Q 15 37.45 -0.28 -41.28
C LEU Q 15 38.06 0.25 -39.99
N ALA Q 16 39.32 0.67 -40.04
CA ALA Q 16 39.95 1.22 -38.86
C ALA Q 16 39.39 2.59 -38.51
N ARG Q 17 39.10 3.40 -39.52
CA ARG Q 17 38.49 4.70 -39.26
C ARG Q 17 37.07 4.55 -38.75
N ARG Q 18 36.34 3.54 -39.23
CA ARG Q 18 35.05 3.23 -38.60
C ARG Q 18 35.26 2.71 -37.19
N GLY Q 19 36.35 1.98 -36.98
CA GLY Q 19 36.67 1.52 -35.65
C GLY Q 19 37.26 2.58 -34.74
N GLY Q 20 37.47 3.80 -35.22
CA GLY Q 20 38.02 4.83 -34.37
C GLY Q 20 39.53 4.82 -34.24
N VAL Q 21 40.24 4.22 -35.17
CA VAL Q 21 41.68 4.08 -35.07
C VAL Q 21 42.36 5.29 -35.68
N LYS Q 22 43.30 5.88 -34.95
CA LYS Q 22 43.98 7.08 -35.44
C LYS Q 22 45.12 6.72 -36.38
N ARG Q 23 46.11 5.96 -35.91
CA ARG Q 23 47.24 5.59 -36.73
C ARG Q 23 47.31 4.08 -36.90
N ILE Q 24 47.91 3.65 -38.00
CA ILE Q 24 47.88 2.26 -38.44
C ILE Q 24 49.29 1.83 -38.78
N SER Q 25 49.75 0.73 -38.18
CA SER Q 25 51.05 0.21 -38.53
C SER Q 25 51.04 -0.52 -39.87
N GLY Q 26 52.23 -0.69 -40.44
CA GLY Q 26 52.36 -1.27 -41.76
C GLY Q 26 52.13 -2.76 -41.79
N LEU Q 27 52.17 -3.41 -40.64
CA LEU Q 27 52.00 -4.85 -40.54
C LEU Q 27 50.60 -5.23 -40.14
N ILE Q 28 49.77 -4.23 -39.82
CA ILE Q 28 48.37 -4.43 -39.50
C ILE Q 28 47.63 -5.13 -40.63
N TYR Q 29 47.98 -4.81 -41.88
CA TYR Q 29 47.19 -5.22 -43.04
C TYR Q 29 47.24 -6.71 -43.28
N GLU Q 30 48.43 -7.32 -43.26
CA GLU Q 30 48.51 -8.75 -43.47
C GLU Q 30 47.94 -9.53 -42.29
N GLU Q 31 48.05 -8.97 -41.09
CA GLU Q 31 47.46 -9.58 -39.91
C GLU Q 31 45.95 -9.61 -40.01
N THR Q 32 45.36 -8.48 -40.41
CA THR Q 32 43.92 -8.38 -40.57
C THR Q 32 43.43 -9.29 -41.70
N ARG Q 33 44.21 -9.37 -42.77
CA ARG Q 33 43.89 -10.25 -43.89
C ARG Q 33 43.85 -11.71 -43.46
N GLY Q 34 44.84 -12.12 -42.66
CA GLY Q 34 44.84 -13.50 -42.17
C GLY Q 34 43.72 -13.78 -41.19
N VAL Q 35 43.40 -12.81 -40.32
CA VAL Q 35 42.33 -13.00 -39.34
C VAL Q 35 40.99 -13.12 -40.04
N LEU Q 36 40.77 -12.31 -41.07
CA LEU Q 36 39.54 -12.40 -41.83
C LEU Q 36 39.46 -13.70 -42.62
N LYS Q 37 40.61 -14.19 -43.10
CA LYS Q 37 40.62 -15.48 -43.78
C LYS Q 37 40.24 -16.60 -42.81
N VAL Q 38 40.72 -16.54 -41.57
CA VAL Q 38 40.39 -17.56 -40.57
C VAL Q 38 38.91 -17.53 -40.23
N PHE Q 39 38.38 -16.32 -40.03
CA PHE Q 39 36.96 -16.14 -39.71
C PHE Q 39 36.07 -16.66 -40.84
N LEU Q 40 36.47 -16.38 -42.07
CA LEU Q 40 35.74 -16.88 -43.22
C LEU Q 40 35.87 -18.39 -43.38
N GLU Q 41 37.02 -18.95 -43.03
CA GLU Q 41 37.18 -20.41 -43.09
C GLU Q 41 36.21 -21.09 -42.13
N ASN Q 42 36.03 -20.52 -40.94
CA ASN Q 42 35.09 -21.09 -39.98
C ASN Q 42 33.66 -21.01 -40.50
N VAL Q 43 33.26 -19.82 -40.96
CA VAL Q 43 31.87 -19.61 -41.34
C VAL Q 43 31.53 -20.41 -42.60
N ILE Q 44 32.45 -20.45 -43.56
CA ILE Q 44 32.17 -21.16 -44.80
C ILE Q 44 32.24 -22.67 -44.57
N ARG Q 45 33.03 -23.14 -43.59
CA ARG Q 45 33.01 -24.56 -43.25
C ARG Q 45 31.64 -24.95 -42.71
N ASP Q 46 31.08 -24.11 -41.85
CA ASP Q 46 29.75 -24.39 -41.33
C ASP Q 46 28.70 -24.32 -42.42
N ALA Q 47 28.85 -23.37 -43.35
CA ALA Q 47 27.86 -23.18 -44.40
C ALA Q 47 27.87 -24.33 -45.40
N VAL Q 48 29.06 -24.81 -45.76
CA VAL Q 48 29.18 -25.98 -46.63
C VAL Q 48 28.63 -27.22 -45.94
N THR Q 49 28.75 -27.29 -44.62
CA THR Q 49 28.18 -28.42 -43.90
C THR Q 49 26.66 -28.39 -43.95
N TYR Q 50 26.06 -27.21 -43.74
CA TYR Q 50 24.62 -27.08 -43.88
C TYR Q 50 24.14 -27.36 -45.30
N THR Q 51 24.91 -26.93 -46.30
CA THR Q 51 24.47 -27.11 -47.69
C THR Q 51 24.53 -28.57 -48.09
N GLU Q 52 25.63 -29.25 -47.78
CA GLU Q 52 25.73 -30.68 -48.07
C GLU Q 52 24.74 -31.50 -47.27
N HIS Q 53 24.30 -31.00 -46.11
CA HIS Q 53 23.22 -31.69 -45.42
C HIS Q 53 21.90 -31.52 -46.14
N ALA Q 54 21.67 -30.37 -46.75
CA ALA Q 54 20.42 -30.11 -47.42
C ALA Q 54 20.28 -30.83 -48.75
N LYS Q 55 21.29 -31.61 -49.16
CA LYS Q 55 21.32 -32.36 -50.43
C LYS Q 55 21.18 -31.44 -51.63
N ARG Q 56 21.57 -30.19 -51.48
CA ARG Q 56 21.43 -29.18 -52.52
C ARG Q 56 22.81 -28.82 -53.05
N LYS Q 57 22.81 -28.03 -54.13
CA LYS Q 57 24.04 -27.57 -54.74
C LYS Q 57 24.16 -26.06 -54.69
N THR Q 58 23.20 -25.38 -54.10
CA THR Q 58 23.18 -23.92 -54.08
C THR Q 58 23.19 -23.47 -52.62
N VAL Q 59 24.24 -22.75 -52.24
CA VAL Q 59 24.29 -22.16 -50.91
C VAL Q 59 23.33 -21.00 -50.83
N THR Q 60 22.48 -21.00 -49.82
CA THR Q 60 21.47 -19.97 -49.66
C THR Q 60 21.76 -19.15 -48.41
N ALA Q 61 21.01 -18.06 -48.28
CA ALA Q 61 21.26 -17.11 -47.21
C ALA Q 61 20.92 -17.69 -45.85
N MET Q 62 19.89 -18.53 -45.79
CA MET Q 62 19.47 -19.10 -44.52
C MET Q 62 20.52 -20.02 -43.94
N ASP Q 63 21.27 -20.71 -44.80
CA ASP Q 63 22.35 -21.57 -44.33
C ASP Q 63 23.46 -20.75 -43.70
N VAL Q 64 23.77 -19.61 -44.28
CA VAL Q 64 24.78 -18.71 -43.72
C VAL Q 64 24.27 -18.13 -42.41
N VAL Q 65 22.97 -17.84 -42.33
CA VAL Q 65 22.38 -17.32 -41.11
C VAL Q 65 22.44 -18.36 -39.99
N TYR Q 66 22.19 -19.63 -40.30
CA TYR Q 66 22.28 -20.63 -39.24
C TYR Q 66 23.72 -20.93 -38.87
N ALA Q 67 24.63 -20.80 -39.83
CA ALA Q 67 26.04 -20.91 -39.54
C ALA Q 67 26.47 -19.82 -38.54
N LEU Q 68 26.05 -18.59 -38.79
CA LEU Q 68 26.34 -17.51 -37.85
C LEU Q 68 25.58 -17.66 -36.55
N LYS Q 69 24.45 -18.37 -36.58
CA LYS Q 69 23.71 -18.66 -35.36
C LYS Q 69 24.50 -19.59 -34.46
N ARG Q 70 25.05 -20.66 -35.04
CA ARG Q 70 25.86 -21.55 -34.22
C ARG Q 70 27.23 -20.97 -33.93
N GLN Q 71 27.67 -19.96 -34.70
CA GLN Q 71 28.88 -19.24 -34.29
C GLN Q 71 28.65 -18.41 -33.04
N GLY Q 72 27.41 -18.01 -32.77
CA GLY Q 72 27.14 -17.03 -31.75
C GLY Q 72 27.07 -15.62 -32.28
N ARG Q 73 27.75 -15.34 -33.39
CA ARG Q 73 27.76 -14.05 -34.04
C ARG Q 73 26.43 -13.82 -34.75
N THR Q 74 25.36 -13.58 -34.00
CA THR Q 74 24.03 -13.64 -34.58
C THR Q 74 23.75 -12.42 -35.44
N LEU Q 75 23.26 -12.66 -36.64
CA LEU Q 75 22.92 -11.63 -37.60
C LEU Q 75 21.42 -11.60 -37.81
N TYR Q 76 20.85 -10.41 -37.94
CA TYR Q 76 19.49 -10.28 -38.43
C TYR Q 76 19.48 -9.68 -39.82
N GLY Q 77 18.29 -9.71 -40.42
CA GLY Q 77 18.06 -9.06 -41.68
C GLY Q 77 18.12 -9.95 -42.90
N PHE Q 78 18.21 -11.27 -42.72
CA PHE Q 78 18.26 -12.14 -43.87
C PHE Q 78 17.40 -13.37 -43.70
N GLY Q 79 16.48 -13.36 -42.74
CA GLY Q 79 15.56 -14.47 -42.58
C GLY Q 79 14.12 -14.01 -42.67
N LYS R 1 19.45 -60.07 -27.27
CA LYS R 1 20.35 -59.43 -28.23
C LYS R 1 20.13 -57.92 -28.17
N THR R 2 20.92 -57.25 -27.33
CA THR R 2 20.78 -55.82 -27.15
C THR R 2 21.37 -55.08 -28.33
N ARG R 3 20.87 -53.87 -28.57
CA ARG R 3 21.29 -53.09 -29.72
C ARG R 3 22.72 -52.55 -29.57
N SER R 4 23.18 -52.37 -28.33
CA SER R 4 24.59 -52.03 -28.12
C SER R 4 25.49 -53.19 -28.50
N SER R 5 25.11 -54.40 -28.11
CA SER R 5 25.84 -55.58 -28.54
C SER R 5 25.61 -55.88 -30.02
N ARG R 6 24.40 -55.56 -30.52
CA ARG R 6 24.10 -55.79 -31.93
C ARG R 6 24.95 -54.92 -32.84
N ALA R 7 25.22 -53.70 -32.41
CA ALA R 7 26.09 -52.82 -33.17
C ALA R 7 27.55 -52.95 -32.77
N GLY R 8 27.82 -53.58 -31.62
CA GLY R 8 29.18 -53.73 -31.15
C GLY R 8 29.69 -52.46 -30.52
N LEU R 9 28.92 -51.89 -29.61
CA LEU R 9 29.21 -50.60 -29.01
C LEU R 9 29.27 -50.73 -27.49
N GLN R 10 29.50 -49.60 -26.83
CA GLN R 10 29.52 -49.53 -25.38
C GLN R 10 28.42 -48.69 -24.78
N PHE R 11 28.03 -47.60 -25.43
CA PHE R 11 27.04 -46.71 -24.85
C PHE R 11 25.61 -47.21 -25.13
N PRO R 12 24.68 -46.98 -24.18
CA PRO R 12 23.36 -47.64 -24.28
C PRO R 12 22.47 -47.13 -25.38
N VAL R 13 22.24 -47.98 -26.39
CA VAL R 13 21.39 -47.58 -27.51
C VAL R 13 19.95 -47.41 -27.06
N GLY R 14 19.51 -48.22 -26.09
CA GLY R 14 18.17 -48.07 -25.56
C GLY R 14 17.96 -46.79 -24.79
N ARG R 15 18.95 -46.38 -23.98
CA ARG R 15 18.81 -45.15 -23.22
C ARG R 15 18.91 -43.93 -24.11
N VAL R 16 19.79 -43.95 -25.11
CA VAL R 16 19.90 -42.84 -26.04
C VAL R 16 18.65 -42.75 -26.90
N HIS R 17 18.09 -43.90 -27.29
CA HIS R 17 16.86 -43.91 -28.06
C HIS R 17 15.68 -43.38 -27.26
N ARG R 18 15.63 -43.74 -25.97
CA ARG R 18 14.59 -43.23 -25.09
C ARG R 18 14.73 -41.74 -24.87
N LEU R 19 15.96 -41.24 -24.73
CA LEU R 19 16.14 -39.81 -24.52
C LEU R 19 15.86 -39.02 -25.79
N LEU R 20 16.13 -39.61 -26.95
CA LEU R 20 15.77 -38.92 -28.19
C LEU R 20 14.26 -38.94 -28.43
N ARG R 21 13.57 -39.97 -27.91
CA ARG R 21 12.12 -39.96 -28.05
C ARG R 21 11.48 -38.98 -27.08
N LYS R 22 11.71 -39.15 -25.78
CA LYS R 22 11.00 -38.33 -24.82
C LYS R 22 11.64 -36.95 -24.64
N GLY R 23 12.75 -36.67 -25.29
CA GLY R 23 13.33 -35.36 -25.14
C GLY R 23 12.76 -34.30 -26.03
N ASN R 24 11.72 -34.65 -26.81
CA ASN R 24 11.00 -33.76 -27.72
C ASN R 24 11.93 -33.07 -28.71
N TYR R 25 12.85 -33.83 -29.28
CA TYR R 25 13.75 -33.24 -30.26
C TYR R 25 13.16 -33.28 -31.66
N SER R 26 12.48 -34.37 -32.00
CA SER R 26 11.70 -34.44 -33.23
C SER R 26 10.56 -35.41 -32.98
N GLU R 27 9.61 -35.42 -33.92
CA GLU R 27 8.47 -36.32 -33.76
C GLU R 27 8.87 -37.77 -34.01
N ARG R 28 9.82 -38.00 -34.90
CA ARG R 28 10.31 -39.35 -35.15
C ARG R 28 11.82 -39.39 -34.97
N VAL R 29 12.29 -40.52 -34.45
CA VAL R 29 13.71 -40.78 -34.27
C VAL R 29 14.03 -42.01 -35.10
N GLY R 30 14.81 -41.84 -36.16
CA GLY R 30 15.24 -42.97 -36.95
C GLY R 30 16.16 -43.86 -36.14
N ALA R 31 16.08 -45.17 -36.43
CA ALA R 31 16.71 -46.15 -35.54
C ALA R 31 18.22 -46.16 -35.62
N GLY R 32 18.80 -45.72 -36.73
CA GLY R 32 20.25 -45.63 -36.82
C GLY R 32 20.83 -44.46 -36.07
N ALA R 33 20.04 -43.41 -35.85
CA ALA R 33 20.54 -42.21 -35.19
C ALA R 33 21.00 -42.41 -33.74
N PRO R 34 20.33 -43.16 -32.85
CA PRO R 34 20.93 -43.35 -31.52
C PRO R 34 22.17 -44.20 -31.58
N VAL R 35 22.26 -45.10 -32.55
CA VAL R 35 23.48 -45.88 -32.75
C VAL R 35 24.62 -44.96 -33.15
N TYR R 36 24.35 -44.05 -34.09
CA TYR R 36 25.36 -43.11 -34.57
C TYR R 36 25.80 -42.18 -33.47
N LEU R 37 24.84 -41.70 -32.68
CA LEU R 37 25.16 -40.75 -31.63
C LEU R 37 25.88 -41.43 -30.48
N ALA R 38 25.51 -42.67 -30.16
CA ALA R 38 26.22 -43.42 -29.13
C ALA R 38 27.63 -43.74 -29.58
N ALA R 39 27.82 -43.96 -30.87
CA ALA R 39 29.17 -44.15 -31.40
C ALA R 39 30.01 -42.90 -31.27
N VAL R 40 29.43 -41.74 -31.59
CA VAL R 40 30.17 -40.49 -31.51
C VAL R 40 30.51 -40.15 -30.07
N LEU R 41 29.56 -40.38 -29.16
CA LEU R 41 29.81 -40.16 -27.75
C LEU R 41 30.84 -41.13 -27.23
N GLU R 42 30.81 -42.37 -27.74
CA GLU R 42 31.80 -43.36 -27.35
C GLU R 42 33.19 -42.96 -27.79
N TYR R 43 33.31 -42.39 -28.99
CA TYR R 43 34.62 -41.95 -29.47
C TYR R 43 35.12 -40.74 -28.70
N LEU R 44 34.22 -39.81 -28.37
CA LEU R 44 34.64 -38.61 -27.64
C LEU R 44 35.02 -38.95 -26.21
N THR R 45 34.24 -39.83 -25.59
CA THR R 45 34.56 -40.30 -24.24
C THR R 45 35.86 -41.07 -24.24
N ALA R 46 36.10 -41.87 -25.27
CA ALA R 46 37.34 -42.64 -25.35
C ALA R 46 38.53 -41.74 -25.56
N GLU R 47 38.39 -40.71 -26.39
CA GLU R 47 39.51 -39.80 -26.66
C GLU R 47 39.87 -38.98 -25.43
N ILE R 48 38.85 -38.45 -24.75
CA ILE R 48 39.10 -37.63 -23.58
C ILE R 48 39.63 -38.47 -22.42
N LEU R 49 39.08 -39.68 -22.24
CA LEU R 49 39.60 -40.53 -21.18
C LEU R 49 40.98 -41.06 -21.52
N GLU R 50 41.31 -41.16 -22.81
CA GLU R 50 42.66 -41.51 -23.21
C GLU R 50 43.64 -40.42 -22.81
N LEU R 51 43.28 -39.17 -23.08
CA LEU R 51 44.17 -38.08 -22.72
C LEU R 51 44.22 -37.87 -21.21
N ALA R 52 43.12 -38.13 -20.51
CA ALA R 52 43.11 -38.01 -19.06
C ALA R 52 43.89 -39.13 -18.40
N GLY R 53 43.84 -40.33 -18.97
CA GLY R 53 44.64 -41.42 -18.47
C GLY R 53 46.11 -41.20 -18.72
N ASN R 54 46.46 -40.64 -19.88
CA ASN R 54 47.85 -40.28 -20.14
C ASN R 54 48.33 -39.19 -19.19
N ALA R 55 47.44 -38.26 -18.83
CA ALA R 55 47.79 -37.25 -17.84
C ALA R 55 48.01 -37.86 -16.47
N ALA R 56 47.21 -38.89 -16.13
CA ALA R 56 47.40 -39.58 -14.86
C ALA R 56 48.69 -40.38 -14.83
N ARG R 57 49.03 -41.02 -15.95
CA ARG R 57 50.29 -41.74 -16.05
C ARG R 57 51.48 -40.78 -16.00
N ASP R 58 51.29 -39.57 -16.51
CA ASP R 58 52.35 -38.57 -16.43
C ASP R 58 52.54 -38.09 -15.00
N ASN R 59 51.46 -38.08 -14.21
CA ASN R 59 51.57 -37.83 -12.79
C ASN R 59 51.75 -39.11 -12.00
N LYS R 60 51.95 -40.23 -12.70
CA LYS R 60 52.28 -41.54 -12.13
C LYS R 60 51.22 -42.04 -11.15
N LYS R 61 49.97 -41.68 -11.38
CA LYS R 61 48.86 -42.14 -10.57
C LYS R 61 47.94 -43.02 -11.41
N THR R 62 47.32 -44.00 -10.77
CA THR R 62 46.40 -44.90 -11.46
C THR R 62 44.94 -44.59 -11.15
N ARG R 63 44.59 -43.31 -11.03
CA ARG R 63 43.20 -42.89 -10.79
C ARG R 63 43.05 -41.46 -11.27
N ILE R 64 42.17 -41.25 -12.24
CA ILE R 64 41.97 -39.94 -12.84
C ILE R 64 41.20 -39.04 -11.88
N ILE R 65 41.76 -37.89 -11.57
CA ILE R 65 41.13 -36.90 -10.70
C ILE R 65 40.76 -35.72 -11.60
N PRO R 66 39.93 -34.76 -11.16
CA PRO R 66 39.60 -33.60 -12.04
C PRO R 66 40.78 -32.77 -12.51
N ARG R 67 41.90 -32.76 -11.78
CA ARG R 67 43.12 -32.10 -12.25
C ARG R 67 43.61 -32.69 -13.55
N HIS R 68 43.52 -34.02 -13.69
CA HIS R 68 43.96 -34.63 -14.93
C HIS R 68 43.01 -34.32 -16.07
N LEU R 69 41.72 -34.20 -15.76
CA LEU R 69 40.75 -33.82 -16.78
C LEU R 69 41.01 -32.41 -17.28
N GLN R 70 41.36 -31.50 -16.34
CA GLN R 70 41.70 -30.12 -16.70
C GLN R 70 42.92 -30.06 -17.59
N LEU R 71 43.98 -30.77 -17.20
CA LEU R 71 45.22 -30.77 -17.97
C LEU R 71 45.02 -31.41 -19.33
N ALA R 72 44.24 -32.49 -19.40
CA ALA R 72 43.99 -33.19 -20.66
C ALA R 72 43.20 -32.33 -21.64
N ILE R 73 42.15 -31.67 -21.17
CA ILE R 73 41.35 -30.85 -22.08
C ILE R 73 42.11 -29.60 -22.50
N ARG R 74 42.78 -28.94 -21.56
CA ARG R 74 43.44 -27.70 -21.91
C ARG R 74 44.77 -27.90 -22.63
N ASN R 75 45.33 -29.11 -22.63
CA ASN R 75 46.54 -29.34 -23.41
C ASN R 75 46.24 -29.70 -24.86
N ASP R 76 45.19 -30.49 -25.10
CA ASP R 76 44.83 -30.81 -26.48
C ASP R 76 44.14 -29.59 -27.09
N GLU R 77 44.67 -29.13 -28.21
CA GLU R 77 44.20 -27.87 -28.79
C GLU R 77 42.81 -28.03 -29.39
N GLU R 78 42.52 -29.20 -29.95
CA GLU R 78 41.24 -29.44 -30.59
C GLU R 78 40.12 -29.54 -29.56
N LEU R 79 40.37 -30.27 -28.47
CA LEU R 79 39.39 -30.35 -27.39
C LEU R 79 39.29 -29.07 -26.59
N ASN R 80 40.39 -28.31 -26.50
CA ASN R 80 40.31 -27.02 -25.83
C ASN R 80 39.46 -26.05 -26.65
N LYS R 81 39.64 -26.06 -27.97
CA LYS R 81 38.81 -25.22 -28.82
C LYS R 81 37.37 -25.72 -28.85
N LEU R 82 37.18 -27.02 -28.62
CA LEU R 82 35.84 -27.54 -28.38
C LEU R 82 35.31 -27.07 -27.02
N LEU R 83 36.12 -27.18 -25.98
CA LEU R 83 35.65 -26.94 -24.62
C LEU R 83 36.33 -25.75 -23.95
N GLY R 84 36.50 -24.65 -24.69
CA GLY R 84 37.03 -23.44 -24.08
C GLY R 84 36.05 -22.74 -23.17
N ARG R 85 34.77 -23.06 -23.29
CA ARG R 85 33.74 -22.41 -22.49
C ARG R 85 33.43 -23.18 -21.22
N VAL R 86 34.11 -24.30 -21.01
CA VAL R 86 33.79 -25.22 -19.93
C VAL R 86 34.87 -25.09 -18.86
N THR R 87 34.45 -24.72 -17.66
CA THR R 87 35.33 -24.70 -16.50
C THR R 87 35.11 -25.97 -15.70
N ILE R 88 36.18 -26.63 -15.33
CA ILE R 88 36.10 -27.84 -14.52
C ILE R 88 36.37 -27.46 -13.08
N ALA R 89 35.50 -27.90 -12.18
CA ALA R 89 35.68 -27.62 -10.77
C ALA R 89 36.88 -28.40 -10.24
N GLN R 90 37.63 -27.77 -9.34
CA GLN R 90 38.90 -28.29 -8.81
C GLN R 90 39.88 -28.60 -9.94
N GLY R 91 39.86 -27.77 -10.98
CA GLY R 91 40.63 -28.07 -12.16
C GLY R 91 42.00 -27.42 -12.13
N GLY R 92 42.06 -26.19 -11.67
CA GLY R 92 43.32 -25.47 -11.81
C GLY R 92 43.50 -25.04 -13.25
N VAL R 93 44.73 -24.67 -13.58
CA VAL R 93 45.11 -24.28 -14.93
C VAL R 93 46.34 -25.06 -15.36
N LEU R 94 46.74 -24.83 -16.60
CA LEU R 94 47.96 -25.39 -17.13
C LEU R 94 49.15 -24.71 -16.46
N PRO R 95 50.30 -25.40 -16.39
CA PRO R 95 51.52 -24.68 -16.01
C PRO R 95 51.88 -23.69 -17.09
N ASN R 96 51.67 -22.41 -16.79
CA ASN R 96 51.77 -21.34 -17.78
C ASN R 96 52.47 -20.16 -17.09
N ILE R 97 53.79 -20.13 -17.19
CA ILE R 97 54.61 -19.06 -16.64
C ILE R 97 55.07 -18.17 -17.79
N GLN R 98 54.97 -16.86 -17.60
CA GLN R 98 55.37 -15.91 -18.62
C GLN R 98 56.88 -15.79 -18.64
N ALA R 99 57.46 -15.84 -19.85
CA ALA R 99 58.92 -15.81 -19.99
C ALA R 99 59.48 -14.42 -19.68
N VAL R 100 58.69 -13.37 -19.88
CA VAL R 100 59.16 -12.02 -19.59
C VAL R 100 59.28 -11.78 -18.08
N LEU R 101 58.57 -12.55 -17.26
CA LEU R 101 58.71 -12.41 -15.81
C LEU R 101 60.00 -13.00 -15.28
N LEU R 102 60.47 -14.08 -15.90
CA LEU R 102 61.71 -14.75 -15.49
C LEU R 102 62.94 -13.89 -15.72
N SER S 1 13.07 -41.93 -9.38
CA SER S 1 13.76 -42.44 -8.20
C SER S 1 15.07 -43.12 -8.60
N ARG S 2 15.33 -43.16 -9.91
CA ARG S 2 16.53 -43.77 -10.46
C ARG S 2 17.33 -42.70 -11.18
N LYS S 3 18.45 -42.29 -10.59
CA LYS S 3 19.32 -41.28 -11.21
C LYS S 3 20.16 -41.98 -12.25
N GLU S 4 19.71 -41.94 -13.51
CA GLU S 4 20.36 -42.71 -14.57
C GLU S 4 21.48 -41.87 -15.18
N SER S 5 22.69 -42.14 -14.73
CA SER S 5 23.88 -41.50 -15.27
C SER S 5 24.57 -42.44 -16.22
N TYR S 6 25.71 -41.99 -16.76
CA TYR S 6 26.50 -42.80 -17.68
C TYR S 6 27.70 -43.42 -16.98
N SER S 7 27.55 -43.75 -15.70
CA SER S 7 28.70 -44.09 -14.87
C SER S 7 29.28 -45.43 -15.26
N ILE S 8 28.43 -46.47 -15.37
CA ILE S 8 28.93 -47.77 -15.72
C ILE S 8 29.37 -47.82 -17.18
N TYR S 9 28.84 -46.95 -18.03
CA TYR S 9 29.20 -47.00 -19.44
C TYR S 9 30.57 -46.40 -19.66
N VAL S 10 30.79 -45.24 -19.03
CA VAL S 10 32.10 -44.61 -19.03
C VAL S 10 33.12 -45.50 -18.33
N TYR S 11 32.69 -46.22 -17.28
CA TYR S 11 33.61 -47.12 -16.62
C TYR S 11 33.98 -48.32 -17.48
N LYS S 12 33.03 -48.83 -18.28
CA LYS S 12 33.34 -49.88 -19.25
C LYS S 12 34.30 -49.37 -20.31
N VAL S 13 34.10 -48.15 -20.77
CA VAL S 13 35.02 -47.55 -21.75
C VAL S 13 36.41 -47.37 -21.12
N LEU S 14 36.45 -47.02 -19.84
CA LEU S 14 37.73 -46.82 -19.15
C LEU S 14 38.49 -48.11 -18.97
N LYS S 15 37.81 -49.17 -18.57
CA LYS S 15 38.48 -50.46 -18.48
C LYS S 15 38.69 -51.10 -19.84
N GLN S 16 38.04 -50.61 -20.88
CA GLN S 16 38.40 -51.05 -22.22
C GLN S 16 39.70 -50.39 -22.69
N VAL S 17 39.82 -49.08 -22.53
CA VAL S 17 40.99 -48.40 -23.07
C VAL S 17 42.15 -48.35 -22.07
N HIS S 18 41.87 -48.36 -20.77
CA HIS S 18 42.92 -48.33 -19.76
C HIS S 18 42.54 -49.19 -18.57
N PRO S 19 42.86 -50.48 -18.61
CA PRO S 19 42.44 -51.37 -17.52
C PRO S 19 43.22 -51.17 -16.23
N ASP S 20 44.22 -50.29 -16.21
CA ASP S 20 45.03 -50.03 -15.04
C ASP S 20 44.87 -48.59 -14.59
N THR S 21 43.71 -48.00 -14.89
CA THR S 21 43.43 -46.61 -14.53
C THR S 21 42.10 -46.51 -13.81
N GLY S 22 42.11 -45.86 -12.65
CA GLY S 22 40.89 -45.64 -11.90
C GLY S 22 40.26 -44.30 -12.21
N ILE S 23 39.19 -44.00 -11.49
CA ILE S 23 38.44 -42.77 -11.71
C ILE S 23 37.76 -42.40 -10.39
N SER S 24 37.78 -41.12 -10.05
CA SER S 24 37.08 -40.73 -8.84
C SER S 24 35.60 -40.50 -9.14
N SER S 25 34.83 -40.39 -8.07
CA SER S 25 33.40 -40.16 -8.20
C SER S 25 33.14 -38.76 -8.72
N LYS S 26 33.95 -37.78 -8.28
CA LYS S 26 33.83 -36.42 -8.78
C LYS S 26 34.17 -36.35 -10.26
N ALA S 27 35.17 -37.13 -10.67
CA ALA S 27 35.50 -37.19 -12.09
C ALA S 27 34.41 -37.91 -12.88
N MET S 28 33.76 -38.89 -12.25
CA MET S 28 32.63 -39.56 -12.90
C MET S 28 31.45 -38.60 -13.07
N GLY S 29 31.23 -37.74 -12.08
CA GLY S 29 30.20 -36.72 -12.22
C GLY S 29 30.54 -35.71 -13.29
N ILE S 30 31.83 -35.39 -13.41
CA ILE S 30 32.26 -34.45 -14.45
C ILE S 30 32.06 -35.07 -15.83
N MET S 31 32.33 -36.36 -15.96
CA MET S 31 32.10 -37.02 -17.23
C MET S 31 30.62 -37.17 -17.53
N ASN S 32 29.80 -37.36 -16.50
CA ASN S 32 28.35 -37.40 -16.68
C ASN S 32 27.83 -36.06 -17.18
N SER S 33 28.29 -34.97 -16.56
CA SER S 33 27.89 -33.64 -16.99
C SER S 33 28.40 -33.35 -18.39
N PHE S 34 29.55 -33.90 -18.73
CA PHE S 34 30.11 -33.74 -20.06
C PHE S 34 29.25 -34.44 -21.11
N VAL S 35 28.90 -35.70 -20.85
CA VAL S 35 28.12 -36.46 -21.82
C VAL S 35 26.73 -35.86 -21.98
N ASN S 36 26.14 -35.37 -20.88
CA ASN S 36 24.86 -34.69 -20.99
C ASN S 36 24.98 -33.39 -21.75
N ASP S 37 26.12 -32.70 -21.61
CA ASP S 37 26.32 -31.43 -22.31
C ASP S 37 26.45 -31.65 -23.81
N ILE S 38 27.26 -32.64 -24.20
CA ILE S 38 27.46 -32.91 -25.61
C ILE S 38 26.21 -33.49 -26.23
N PHE S 39 25.48 -34.31 -25.46
CA PHE S 39 24.21 -34.84 -25.93
C PHE S 39 23.21 -33.72 -26.18
N GLU S 40 23.15 -32.73 -25.27
CA GLU S 40 22.25 -31.60 -25.48
C GLU S 40 22.67 -30.77 -26.68
N ARG S 41 23.98 -30.63 -26.90
CA ARG S 41 24.48 -29.86 -28.03
C ARG S 41 24.10 -30.51 -29.35
N ILE S 42 24.38 -31.80 -29.48
CA ILE S 42 24.14 -32.50 -30.73
C ILE S 42 22.65 -32.68 -30.95
N ALA S 43 21.90 -32.93 -29.88
CA ALA S 43 20.47 -33.14 -30.03
C ALA S 43 19.74 -31.86 -30.38
N GLY S 44 20.15 -30.72 -29.80
CA GLY S 44 19.55 -29.46 -30.19
C GLY S 44 19.95 -29.05 -31.59
N GLU S 45 21.18 -29.38 -31.99
CA GLU S 45 21.62 -29.04 -33.33
C GLU S 45 20.87 -29.85 -34.37
N ALA S 46 20.66 -31.14 -34.09
CA ALA S 46 19.92 -31.97 -35.02
C ALA S 46 18.44 -31.65 -35.02
N SER S 47 17.89 -31.24 -33.86
CA SER S 47 16.51 -30.79 -33.80
C SER S 47 16.31 -29.56 -34.68
N ARG S 48 17.24 -28.62 -34.60
CA ARG S 48 17.14 -27.42 -35.42
C ARG S 48 17.37 -27.76 -36.89
N LEU S 49 18.21 -28.77 -37.17
CA LEU S 49 18.38 -29.23 -38.55
C LEU S 49 17.10 -29.85 -39.09
N ALA S 50 16.39 -30.60 -38.26
CA ALA S 50 15.11 -31.17 -38.67
C ALA S 50 14.10 -30.08 -38.93
N HIS S 51 14.12 -29.02 -38.12
CA HIS S 51 13.20 -27.89 -38.38
C HIS S 51 13.64 -27.05 -39.57
N TYR S 52 14.90 -27.15 -39.99
CA TYR S 52 15.32 -26.39 -41.16
C TYR S 52 14.86 -27.07 -42.44
N ASN S 53 15.08 -28.37 -42.53
CA ASN S 53 14.70 -29.12 -43.71
C ASN S 53 13.29 -29.68 -43.63
N LYS S 54 12.56 -29.34 -42.56
CA LYS S 54 11.14 -29.69 -42.36
C LYS S 54 10.88 -31.20 -42.39
N ARG S 55 11.89 -31.98 -42.03
CA ARG S 55 11.68 -33.39 -41.72
C ARG S 55 11.34 -33.54 -40.25
N SER S 56 10.45 -34.49 -39.95
CA SER S 56 10.12 -34.82 -38.57
C SER S 56 10.86 -36.05 -38.07
N THR S 57 11.93 -36.44 -38.74
CA THR S 57 12.59 -37.71 -38.45
C THR S 57 14.09 -37.47 -38.41
N ILE S 58 14.66 -37.47 -37.20
CA ILE S 58 16.11 -37.47 -37.04
C ILE S 58 16.65 -38.82 -37.49
N THR S 59 17.58 -38.80 -38.44
CA THR S 59 18.33 -39.97 -38.86
C THR S 59 19.81 -39.74 -38.58
N SER S 60 20.62 -40.73 -38.98
CA SER S 60 22.06 -40.64 -38.79
C SER S 60 22.71 -39.55 -39.63
N ARG S 61 22.07 -39.13 -40.72
CA ARG S 61 22.60 -38.05 -41.53
C ARG S 61 22.56 -36.73 -40.78
N GLU S 62 21.49 -36.48 -40.03
CA GLU S 62 21.39 -35.28 -39.22
C GLU S 62 22.42 -35.28 -38.11
N ILE S 63 22.66 -36.44 -37.50
CA ILE S 63 23.65 -36.52 -36.43
C ILE S 63 25.04 -36.34 -37.02
N GLN S 64 25.23 -36.83 -38.25
CA GLN S 64 26.48 -36.65 -38.97
C GLN S 64 26.76 -35.18 -39.22
N THR S 65 25.74 -34.44 -39.62
CA THR S 65 25.90 -33.01 -39.87
C THR S 65 26.16 -32.25 -38.58
N ALA S 66 25.44 -32.61 -37.51
CA ALA S 66 25.64 -31.93 -36.24
C ALA S 66 27.01 -32.22 -35.65
N VAL S 67 27.53 -33.42 -35.87
CA VAL S 67 28.89 -33.74 -35.42
C VAL S 67 29.90 -32.95 -36.22
N ARG S 68 29.72 -32.87 -37.54
CA ARG S 68 30.61 -32.07 -38.37
C ARG S 68 30.55 -30.59 -38.05
N LEU S 69 29.44 -30.12 -37.50
CA LEU S 69 29.38 -28.73 -37.08
C LEU S 69 30.03 -28.51 -35.72
N LEU S 70 29.67 -29.35 -34.75
CA LEU S 70 30.03 -29.04 -33.37
C LEU S 70 31.48 -29.38 -33.06
N LEU S 71 32.02 -30.37 -33.68
CA LEU S 71 33.38 -30.73 -33.31
C LEU S 71 34.37 -30.02 -34.22
N PRO S 72 35.61 -29.83 -33.77
CA PRO S 72 36.64 -29.33 -34.68
C PRO S 72 37.05 -30.39 -35.69
N GLY S 73 38.00 -30.06 -36.58
CA GLY S 73 38.20 -30.80 -37.82
C GLY S 73 38.47 -32.29 -37.80
N GLU S 74 39.64 -32.70 -37.31
CA GLU S 74 40.00 -34.10 -37.38
C GLU S 74 39.26 -34.95 -36.36
N LEU S 75 38.87 -34.35 -35.23
CA LEU S 75 38.00 -35.06 -34.30
C LEU S 75 36.64 -35.36 -34.92
N ALA S 76 36.10 -34.40 -35.67
CA ALA S 76 34.84 -34.64 -36.36
C ALA S 76 35.01 -35.68 -37.46
N LYS S 77 36.17 -35.66 -38.13
CA LYS S 77 36.44 -36.63 -39.19
C LYS S 77 36.49 -38.04 -38.61
N HIS S 78 37.23 -38.23 -37.52
CA HIS S 78 37.29 -39.54 -36.86
C HIS S 78 35.95 -39.95 -36.29
N ALA S 79 35.16 -38.98 -35.82
CA ALA S 79 33.88 -39.31 -35.22
C ALA S 79 32.85 -39.72 -36.27
N VAL S 80 32.86 -39.04 -37.42
CA VAL S 80 32.00 -39.44 -38.53
C VAL S 80 32.41 -40.82 -39.04
N SER S 81 33.71 -41.10 -39.03
CA SER S 81 34.19 -42.42 -39.42
C SER S 81 33.68 -43.50 -38.47
N GLU S 82 33.78 -43.24 -37.17
CA GLU S 82 33.33 -44.21 -36.17
C GLU S 82 31.82 -44.41 -36.22
N GLY S 83 31.08 -43.33 -36.41
CA GLY S 83 29.63 -43.44 -36.52
C GLY S 83 29.18 -44.18 -37.76
N THR S 84 29.82 -43.92 -38.89
CA THR S 84 29.46 -44.60 -40.13
C THR S 84 29.77 -46.09 -40.03
N LYS S 85 30.91 -46.40 -39.41
CA LYS S 85 31.27 -47.79 -39.14
C LYS S 85 30.24 -48.47 -38.25
N ALA S 86 29.80 -47.79 -37.20
CA ALA S 86 28.87 -48.42 -36.26
C ALA S 86 27.48 -48.57 -36.86
N VAL S 87 27.04 -47.62 -37.68
CA VAL S 87 25.76 -47.75 -38.35
C VAL S 87 25.83 -48.86 -39.39
N THR S 88 26.99 -49.06 -40.01
CA THR S 88 27.18 -50.17 -40.91
C THR S 88 27.09 -51.51 -40.17
N LYS S 89 27.67 -51.55 -38.96
CA LYS S 89 27.57 -52.74 -38.11
C LYS S 89 26.12 -53.02 -37.72
N TYR S 90 25.39 -51.99 -37.31
CA TYR S 90 24.02 -52.17 -36.88
C TYR S 90 23.09 -52.50 -38.04
N THR S 91 23.43 -52.03 -39.25
CA THR S 91 22.64 -52.34 -40.42
C THR S 91 22.88 -53.77 -40.87
N SER S 92 24.14 -54.22 -40.81
CA SER S 92 24.48 -55.57 -41.22
C SER S 92 23.94 -56.61 -40.23
N ALA S 93 23.76 -56.22 -38.98
CA ALA S 93 23.23 -57.13 -37.98
C ALA S 93 21.82 -56.71 -37.56
N ASP V 1 -22.10 48.01 -43.76
CA ASP V 1 -20.88 47.83 -42.96
C ASP V 1 -19.65 48.39 -43.65
N ALA V 2 -18.53 48.45 -42.92
CA ALA V 2 -17.29 48.97 -43.46
C ALA V 2 -16.12 48.41 -42.66
N ALA V 3 -15.04 48.10 -43.37
CA ALA V 3 -13.83 47.60 -42.73
C ALA V 3 -13.11 48.75 -42.02
N PRO V 4 -12.34 48.45 -40.96
CA PRO V 4 -11.48 49.47 -40.37
C PRO V 4 -10.42 49.96 -41.35
N GLY V 5 -10.04 51.22 -41.20
CA GLY V 5 -9.19 51.88 -42.18
C GLY V 5 -7.78 51.31 -42.16
N ALA V 6 -7.27 50.95 -43.35
CA ALA V 6 -5.93 50.36 -43.43
C ALA V 6 -4.85 51.36 -43.05
N SER V 7 -5.08 52.65 -43.30
CA SER V 7 -4.16 53.68 -42.80
C SER V 7 -4.21 53.75 -41.28
N LYS V 8 -5.41 53.63 -40.71
CA LYS V 8 -5.57 53.59 -39.26
C LYS V 8 -4.92 52.35 -38.65
N LEU V 9 -5.04 51.21 -39.33
CA LEU V 9 -4.42 49.98 -38.83
C LEU V 9 -2.91 50.04 -38.94
N ARG V 10 -2.38 50.66 -40.00
CA ARG V 10 -0.94 50.87 -40.08
C ARG V 10 -0.45 51.91 -39.06
N ALA V 11 -1.30 52.88 -38.71
CA ALA V 11 -0.96 53.78 -37.62
C ALA V 11 -0.92 53.05 -36.27
N VAL V 12 -1.82 52.08 -36.07
CA VAL V 12 -1.76 51.25 -34.87
C VAL V 12 -0.49 50.39 -34.89
N LEU V 13 -0.09 49.90 -36.07
CA LEU V 13 1.16 49.15 -36.19
C LEU V 13 2.38 50.03 -35.89
N GLU V 14 2.32 51.29 -36.29
CA GLU V 14 3.38 52.24 -35.94
C GLU V 14 3.40 52.51 -34.44
N LYS V 15 2.23 52.58 -33.83
CA LYS V 15 2.13 52.69 -32.37
C LYS V 15 2.64 51.43 -31.68
N LEU V 16 2.52 50.27 -32.32
CA LEU V 16 3.07 49.04 -31.78
C LEU V 16 4.60 49.02 -31.87
N LYS V 17 5.14 49.57 -32.96
CA LYS V 17 6.59 49.77 -33.04
C LYS V 17 7.07 50.72 -31.97
N LEU V 18 6.29 51.77 -31.70
CA LEU V 18 6.58 52.69 -30.61
C LEU V 18 6.48 52.01 -29.25
N SER V 19 5.60 51.02 -29.13
CA SER V 19 5.52 50.23 -27.91
C SER V 19 6.73 49.32 -27.74
N ARG V 20 7.24 48.76 -28.84
CA ARG V 20 8.38 47.85 -28.78
C ARG V 20 9.71 48.54 -29.10
N ASP V 21 9.78 49.86 -28.97
CA ASP V 21 11.06 50.55 -29.08
C ASP V 21 11.97 50.33 -27.86
N ASP V 22 11.45 49.83 -26.75
CA ASP V 22 12.21 49.76 -25.49
C ASP V 22 12.82 48.39 -25.24
N ILE V 23 13.27 47.72 -26.31
CA ILE V 23 13.85 46.39 -26.14
C ILE V 23 15.28 46.47 -25.60
N SER V 24 16.10 47.39 -26.14
CA SER V 24 17.56 47.31 -26.06
C SER V 24 18.13 47.37 -24.65
N THR V 25 17.41 47.93 -23.67
CA THR V 25 17.90 47.87 -22.30
C THR V 25 17.33 46.68 -21.51
N ALA V 26 16.05 46.35 -21.71
CA ALA V 26 15.44 45.25 -20.98
C ALA V 26 16.01 43.91 -21.44
N ALA V 27 16.37 43.80 -22.71
CA ALA V 27 17.01 42.59 -23.22
C ALA V 27 18.39 42.39 -22.61
N GLY V 28 19.13 43.48 -22.42
CA GLY V 28 20.42 43.38 -21.75
C GLY V 28 20.30 43.01 -20.29
N MET V 29 19.31 43.57 -19.60
CA MET V 29 19.09 43.22 -18.19
C MET V 29 18.67 41.76 -18.04
N VAL V 30 17.76 41.28 -18.88
CA VAL V 30 17.33 39.90 -18.73
C VAL V 30 18.42 38.95 -19.24
N LYS V 31 19.28 39.41 -20.16
CA LYS V 31 20.39 38.58 -20.59
C LYS V 31 21.44 38.45 -19.51
N GLY V 32 21.70 39.54 -18.77
CA GLY V 32 22.60 39.45 -17.63
C GLY V 32 22.07 38.56 -16.51
N VAL V 33 20.78 38.69 -16.19
CA VAL V 33 20.20 37.86 -15.13
C VAL V 33 20.15 36.40 -15.53
N VAL V 34 19.76 36.11 -16.78
CA VAL V 34 19.73 34.74 -17.30
C VAL V 34 21.13 34.16 -17.36
N ASP V 35 22.12 34.97 -17.76
CA ASP V 35 23.52 34.55 -17.80
C ASP V 35 24.03 34.16 -16.41
N HIS V 36 23.78 35.01 -15.41
CA HIS V 36 24.28 34.71 -14.06
C HIS V 36 23.54 33.52 -13.47
N LEU V 37 22.24 33.40 -13.76
CA LEU V 37 21.48 32.31 -13.17
C LEU V 37 21.81 31.00 -13.84
N LEU V 38 22.15 31.04 -15.13
CA LEU V 38 22.53 29.83 -15.85
C LEU V 38 23.95 29.42 -15.49
N LEU V 39 24.80 30.39 -15.13
CA LEU V 39 26.12 30.08 -14.62
C LEU V 39 26.13 29.80 -13.14
N ARG V 40 24.97 29.78 -12.50
CA ARG V 40 24.85 29.23 -11.16
C ARG V 40 23.99 27.97 -11.08
N LEU V 41 23.19 27.69 -12.10
CA LEU V 41 22.61 26.36 -12.25
C LEU V 41 23.67 25.31 -12.53
N LYS V 42 24.75 25.69 -13.22
CA LYS V 42 25.81 24.74 -13.53
C LYS V 42 26.62 24.34 -12.30
N CYS V 43 26.55 25.13 -11.22
CA CYS V 43 27.14 24.71 -9.97
C CYS V 43 26.35 23.57 -9.33
N ASP V 44 25.04 23.51 -9.56
CA ASP V 44 24.23 22.44 -9.01
C ASP V 44 24.37 21.17 -9.83
N SER V 45 24.71 20.07 -9.14
CA SER V 45 24.84 18.77 -9.79
C SER V 45 23.51 18.10 -10.08
N ALA V 46 22.45 18.45 -9.34
CA ALA V 46 21.15 17.82 -9.52
C ALA V 46 20.32 18.44 -10.64
N PHE V 47 20.85 19.44 -11.33
CA PHE V 47 20.12 20.08 -12.41
C PHE V 47 21.07 20.39 -13.56
N ARG V 48 21.98 19.48 -13.84
CA ARG V 48 23.01 19.68 -14.85
C ARG V 48 22.50 19.57 -16.28
N GLY V 49 21.22 19.24 -16.48
CA GLY V 49 20.66 19.18 -17.82
C GLY V 49 19.68 20.28 -18.16
N VAL V 50 19.58 21.33 -17.36
CA VAL V 50 18.61 22.39 -17.62
C VAL V 50 19.11 23.26 -18.77
N GLY V 51 18.19 24.03 -19.35
CA GLY V 51 18.60 24.89 -20.45
C GLY V 51 17.57 25.94 -20.76
N LEU V 52 17.97 26.87 -21.61
CA LEU V 52 17.11 27.93 -22.13
C LEU V 52 16.64 27.50 -23.52
N LEU V 53 15.34 27.27 -23.66
CA LEU V 53 14.79 27.07 -24.98
C LEU V 53 14.80 28.40 -25.72
N ASN V 54 15.26 28.38 -26.97
CA ASN V 54 15.50 29.62 -27.70
C ASN V 54 14.27 29.98 -28.52
N THR V 55 13.30 30.61 -27.86
CA THR V 55 12.10 31.15 -28.51
C THR V 55 11.88 32.62 -28.11
N TYR V 59 12.85 35.35 -25.75
CA TYR V 59 12.29 36.44 -26.54
C TYR V 59 10.92 36.02 -27.06
N GLU V 60 9.96 35.87 -26.14
CA GLU V 60 8.60 35.47 -26.47
C GLU V 60 7.66 36.58 -25.96
N HIS V 61 7.37 37.54 -26.82
CA HIS V 61 6.47 38.63 -26.45
C HIS V 61 5.03 38.12 -26.47
N VAL V 62 4.60 37.53 -25.35
CA VAL V 62 3.20 37.19 -25.19
C VAL V 62 2.39 38.45 -24.94
N LYS V 63 3.00 39.45 -24.28
CA LYS V 63 2.36 40.71 -23.92
C LYS V 63 2.98 41.79 -24.80
N ILE V 64 2.40 42.00 -25.98
CA ILE V 64 2.92 43.00 -26.92
C ILE V 64 2.48 44.42 -26.57
N SER V 65 1.38 44.59 -25.82
CA SER V 65 0.97 45.94 -25.41
C SER V 65 1.89 46.54 -24.37
N ALA V 66 2.64 45.73 -23.63
CA ALA V 66 3.65 46.21 -22.69
C ALA V 66 4.85 45.27 -22.71
N PRO V 67 5.85 45.54 -23.54
CA PRO V 67 7.01 44.63 -23.63
C PRO V 67 8.00 44.72 -22.47
N ASN V 68 7.66 45.38 -21.36
CA ASN V 68 8.58 45.47 -20.24
C ASN V 68 8.45 44.28 -19.29
N GLU V 69 7.40 43.49 -19.45
CA GLU V 69 7.23 42.25 -18.69
C GLU V 69 7.58 41.07 -19.58
N PHE V 70 8.43 40.19 -19.07
CA PHE V 70 8.91 39.03 -19.82
C PHE V 70 8.40 37.74 -19.17
N ASP V 71 8.24 36.72 -20.01
CA ASP V 71 7.87 35.38 -19.57
C ASP V 71 8.93 34.45 -20.15
N VAL V 72 10.01 34.25 -19.40
CA VAL V 72 11.18 33.54 -19.90
C VAL V 72 11.01 32.07 -19.56
N MET V 73 11.04 31.22 -20.59
CA MET V 73 10.81 29.81 -20.44
C MET V 73 12.14 29.08 -20.45
N PHE V 74 12.29 28.08 -19.59
CA PHE V 74 13.47 27.25 -19.54
C PHE V 74 13.11 25.83 -19.95
N LYS V 75 14.03 25.19 -20.68
CA LYS V 75 13.87 23.82 -21.12
C LYS V 75 14.68 22.87 -20.26
N LEU V 76 14.28 21.61 -20.32
CA LEU V 76 14.91 20.56 -19.52
C LEU V 76 14.80 19.27 -20.30
N GLU V 77 15.94 18.70 -20.66
CA GLU V 77 16.02 17.53 -21.53
C GLU V 77 15.71 16.28 -20.71
N VAL V 78 14.58 15.66 -21.00
CA VAL V 78 14.08 14.57 -20.17
C VAL V 78 14.18 13.24 -20.93
N PRO V 79 14.13 12.11 -20.24
CA PRO V 79 13.97 10.83 -20.93
C PRO V 79 12.59 10.63 -21.53
N ARG V 80 12.37 9.46 -22.12
CA ARG V 80 11.08 9.17 -22.74
C ARG V 80 10.06 8.89 -21.66
N ILE V 81 8.84 9.38 -21.88
CA ILE V 81 7.86 9.51 -20.81
C ILE V 81 6.57 8.86 -21.26
N GLN V 82 6.10 7.88 -20.49
CA GLN V 82 4.73 7.40 -20.66
C GLN V 82 3.77 8.42 -20.07
N LEU V 83 2.75 8.79 -20.84
CA LEU V 83 1.83 9.84 -20.46
C LEU V 83 0.48 9.24 -20.05
N GLU V 84 0.01 9.62 -18.87
CA GLU V 84 -1.30 9.22 -18.38
C GLU V 84 -2.21 10.43 -18.40
N GLU V 85 -3.25 10.37 -19.24
CA GLU V 85 -4.26 11.42 -19.28
C GLU V 85 -5.06 11.45 -17.99
N TYR V 86 -5.33 12.65 -17.49
CA TYR V 86 -6.10 12.82 -16.26
C TYR V 86 -7.56 13.08 -16.61
N SER V 87 -8.44 12.20 -16.12
CA SER V 87 -9.88 12.43 -15.96
C SER V 87 -10.59 12.79 -17.28
N ASN V 88 -10.03 12.34 -18.41
CA ASN V 88 -10.51 12.64 -19.76
C ASN V 88 -10.62 14.14 -20.03
N THR V 89 -9.73 14.94 -19.42
CA THR V 89 -9.72 16.38 -19.64
C THR V 89 -9.11 16.77 -20.97
N ARG V 90 -8.50 15.82 -21.69
CA ARG V 90 -7.94 15.91 -23.03
C ARG V 90 -6.73 16.84 -23.16
N ALA V 91 -6.32 17.51 -22.08
CA ALA V 91 -5.10 18.32 -22.11
C ALA V 91 -4.23 18.16 -20.89
N TYR V 92 -4.74 17.61 -19.79
CA TYR V 92 -3.95 17.47 -18.56
C TYR V 92 -3.48 16.03 -18.46
N TYR V 93 -2.18 15.84 -18.50
CA TYR V 93 -1.55 14.55 -18.55
C TYR V 93 -0.68 14.34 -17.31
N PHE V 94 -0.43 13.08 -16.98
CA PHE V 94 0.55 12.76 -15.95
C PHE V 94 1.87 12.35 -16.59
N VAL V 95 2.95 12.80 -15.99
CA VAL V 95 4.30 12.50 -16.47
C VAL V 95 4.78 11.27 -15.70
N LYS V 96 4.94 10.15 -16.41
CA LYS V 96 5.58 8.96 -15.87
C LYS V 96 6.75 8.60 -16.77
N PHE V 97 7.96 8.68 -16.23
CA PHE V 97 9.14 8.24 -16.96
C PHE V 97 9.05 6.73 -17.14
N LYS V 98 8.78 6.33 -18.39
CA LYS V 98 8.37 4.96 -18.72
C LYS V 98 9.41 3.96 -18.28
N ARG V 99 10.62 4.10 -18.78
CA ARG V 99 11.75 3.28 -18.37
C ARG V 99 13.04 3.99 -18.69
N ASN V 100 13.94 4.03 -17.72
CA ASN V 100 15.22 4.71 -17.86
C ASN V 100 16.28 3.89 -17.14
N PRO V 101 17.24 3.34 -17.88
CA PRO V 101 18.35 2.64 -17.23
C PRO V 101 19.46 3.57 -16.79
N LYS V 102 19.58 4.76 -17.37
CA LYS V 102 20.66 5.66 -16.99
C LYS V 102 20.44 6.30 -15.62
N GLU V 103 19.20 6.29 -15.12
CA GLU V 103 18.80 6.85 -13.83
C GLU V 103 19.18 8.33 -13.72
N ASN V 104 18.53 9.11 -14.56
CA ASN V 104 18.70 10.55 -14.54
C ASN V 104 18.04 11.16 -13.30
N PRO V 105 18.62 12.22 -12.74
CA PRO V 105 18.28 12.60 -11.35
C PRO V 105 16.88 13.18 -11.19
N LEU V 106 16.22 13.53 -12.30
CA LEU V 106 14.82 13.92 -12.24
C LEU V 106 13.96 12.79 -11.73
N SER V 107 14.25 11.56 -12.18
CA SER V 107 13.57 10.38 -11.66
C SER V 107 13.93 10.13 -10.20
N GLN V 108 15.15 10.46 -9.81
CA GLN V 108 15.54 10.36 -8.40
C GLN V 108 14.79 11.39 -7.55
N PHE V 109 14.40 12.51 -8.13
CA PHE V 109 13.62 13.51 -7.41
C PHE V 109 12.13 13.14 -7.33
N LEU V 110 11.66 12.30 -8.26
CA LEU V 110 10.25 12.01 -8.46
C LEU V 110 9.64 11.32 -7.23
N GLU V 111 8.31 11.42 -7.12
CA GLU V 111 7.54 10.73 -6.09
C GLU V 111 6.67 9.65 -6.72
N GLY V 112 6.90 8.40 -6.32
CA GLY V 112 6.09 7.29 -6.79
C GLY V 112 6.30 6.94 -8.24
N GLU V 113 5.31 7.21 -9.09
CA GLU V 113 5.50 7.12 -10.52
C GLU V 113 5.18 8.40 -11.28
N ILE V 114 4.28 9.24 -10.76
CA ILE V 114 3.96 10.50 -11.40
C ILE V 114 4.97 11.54 -10.94
N LEU V 115 5.52 12.29 -11.88
CA LEU V 115 6.44 13.36 -11.52
C LEU V 115 5.69 14.47 -10.82
N SER V 116 6.14 14.81 -9.62
CA SER V 116 5.44 15.77 -8.78
C SER V 116 5.76 17.18 -9.26
N ALA V 117 4.77 17.83 -9.89
CA ALA V 117 4.96 19.18 -10.42
C ALA V 117 5.15 20.18 -9.30
N SER V 118 4.42 20.00 -8.20
CA SER V 118 4.52 20.91 -7.06
C SER V 118 5.90 20.85 -6.42
N LYS V 119 6.46 19.64 -6.34
CA LYS V 119 7.82 19.45 -5.82
C LYS V 119 8.85 20.11 -6.74
N MET V 120 8.67 19.96 -8.06
CA MET V 120 9.56 20.58 -9.04
C MET V 120 9.53 22.10 -8.95
N LEU V 121 8.32 22.66 -8.87
CA LEU V 121 8.21 24.11 -8.83
C LEU V 121 8.63 24.66 -7.48
N SER V 122 8.47 23.86 -6.42
CA SER V 122 8.90 24.25 -5.09
C SER V 122 10.41 24.35 -5.01
N LYS V 123 11.10 23.29 -5.44
CA LYS V 123 12.55 23.33 -5.39
C LYS V 123 13.12 24.27 -6.44
N PHE V 124 12.38 24.51 -7.52
CA PHE V 124 12.79 25.49 -8.52
C PHE V 124 12.76 26.90 -7.94
N ARG V 125 11.69 27.20 -7.21
CA ARG V 125 11.57 28.48 -6.52
C ARG V 125 12.67 28.58 -5.45
N LYS V 126 12.92 27.47 -4.76
CA LYS V 126 13.94 27.40 -3.69
C LYS V 126 15.34 27.74 -4.22
N ILE V 127 15.69 27.20 -5.37
CA ILE V 127 16.99 27.46 -5.99
C ILE V 127 17.05 28.89 -6.53
N ILE V 128 15.94 29.39 -7.11
CA ILE V 128 15.91 30.78 -7.58
C ILE V 128 16.04 31.76 -6.42
N LYS V 129 15.26 31.57 -5.36
CA LYS V 129 15.31 32.51 -4.25
C LYS V 129 16.70 32.55 -3.66
N GLU V 130 17.30 31.38 -3.54
CA GLU V 130 18.64 31.23 -3.02
C GLU V 130 19.73 31.86 -3.89
N GLU V 131 19.59 31.77 -5.21
CA GLU V 131 20.64 32.22 -6.09
C GLU V 131 20.50 33.67 -6.56
N ILE V 132 19.29 34.24 -6.57
CA ILE V 132 19.14 35.62 -7.04
C ILE V 132 19.57 36.63 -6.00
N ASN V 133 19.72 36.17 -4.76
CA ASN V 133 20.24 37.01 -3.70
C ASN V 133 21.71 37.35 -4.03
N ASP V 134 22.41 36.36 -4.58
CA ASP V 134 23.83 36.47 -4.88
C ASP V 134 24.12 37.44 -6.01
N ILE V 135 23.11 37.94 -6.69
CA ILE V 135 23.31 38.85 -7.82
C ILE V 135 23.63 40.23 -7.29
N LYS V 136 24.77 40.78 -7.72
CA LYS V 136 25.25 42.06 -7.24
C LYS V 136 24.97 43.16 -8.27
N ASP V 137 24.53 44.32 -7.77
CA ASP V 137 24.18 45.51 -8.56
C ASP V 137 23.09 45.23 -9.59
N THR V 138 22.22 44.28 -9.31
CA THR V 138 21.02 44.05 -10.12
C THR V 138 19.96 43.51 -9.16
N ASP V 139 19.06 44.40 -8.74
CA ASP V 139 18.10 44.08 -7.68
C ASP V 139 17.03 43.16 -8.23
N VAL V 140 17.16 41.88 -7.95
CA VAL V 140 16.21 40.86 -8.38
C VAL V 140 15.62 40.27 -7.10
N ILE V 141 14.32 40.40 -6.94
CA ILE V 141 13.65 40.01 -5.70
C ILE V 141 12.56 38.99 -6.03
N MET V 142 12.21 38.18 -5.03
CA MET V 142 11.20 37.14 -5.20
C MET V 142 9.84 37.75 -4.94
N LYS V 143 9.09 37.92 -6.03
CA LYS V 143 7.71 38.43 -6.02
C LYS V 143 6.75 37.31 -5.60
N ARG V 144 5.53 37.69 -5.21
CA ARG V 144 4.55 36.70 -4.74
C ARG V 144 4.26 35.64 -5.81
N LYS V 145 4.10 34.40 -5.34
CA LYS V 145 3.83 33.25 -6.20
C LYS V 145 2.34 32.92 -6.32
N ARG V 146 1.51 33.81 -5.80
CA ARG V 146 0.05 33.66 -5.80
C ARG V 146 -0.54 33.72 -7.20
N GLY V 147 -1.82 33.33 -7.29
CA GLY V 147 -2.57 33.33 -8.54
C GLY V 147 -2.81 32.00 -9.24
N GLY V 148 -2.37 30.90 -8.64
CA GLY V 148 -2.57 29.59 -9.23
C GLY V 148 -2.04 29.45 -10.64
N SER V 149 -0.83 29.99 -10.84
CA SER V 149 -0.16 29.98 -12.13
C SER V 149 1.30 29.58 -11.97
N PRO V 150 2.03 29.54 -13.09
CA PRO V 150 3.46 29.18 -13.05
C PRO V 150 4.24 30.14 -12.17
N ALA V 151 3.94 31.44 -12.24
CA ALA V 151 4.55 32.45 -11.39
C ALA V 151 6.07 32.56 -11.49
N VAL V 152 6.74 32.42 -10.33
CA VAL V 152 8.19 32.55 -10.19
C VAL V 152 8.57 33.94 -10.65
N THR V 153 7.67 34.88 -10.39
CA THR V 153 7.86 36.29 -10.73
C THR V 153 9.18 36.79 -10.18
N LEU V 154 9.98 37.38 -11.06
CA LEU V 154 11.24 38.02 -10.70
C LEU V 154 11.25 39.42 -11.29
N LEU V 155 11.50 40.41 -10.45
CA LEU V 155 11.52 41.79 -10.91
C LEU V 155 12.97 42.23 -10.99
N ILE V 156 13.37 42.67 -12.18
CA ILE V 156 14.75 43.11 -12.40
C ILE V 156 14.74 44.63 -12.28
N SER V 157 14.70 45.09 -11.02
CA SER V 157 15.18 46.38 -10.53
C SER V 157 14.45 47.62 -11.02
N GLU V 158 13.71 47.55 -12.14
CA GLU V 158 12.79 48.62 -12.55
C GLU V 158 11.75 48.05 -13.53
N LYS V 159 10.60 47.64 -12.98
CA LYS V 159 9.41 47.17 -13.72
C LYS V 159 9.67 46.07 -14.74
N ILE V 160 10.82 45.38 -14.68
CA ILE V 160 11.12 44.28 -15.60
C ILE V 160 10.66 43.02 -14.87
N SER V 161 9.39 42.69 -15.02
CA SER V 161 8.82 41.56 -14.32
C SER V 161 9.02 40.35 -15.19
N VAL V 162 9.88 39.44 -14.74
CA VAL V 162 10.21 38.23 -15.47
C VAL V 162 9.55 37.07 -14.74
N ASP V 163 8.66 36.37 -15.44
CA ASP V 163 7.97 35.21 -14.89
C ASP V 163 8.62 33.98 -15.46
N ILE V 164 9.50 33.35 -14.68
CA ILE V 164 10.27 32.21 -15.16
C ILE V 164 9.43 30.96 -14.98
N THR V 165 9.32 30.17 -16.03
CA THR V 165 8.62 28.90 -15.98
C THR V 165 9.47 27.84 -16.67
N LEU V 166 10.05 26.94 -15.89
CA LEU V 166 10.78 25.83 -16.47
C LEU V 166 9.79 24.87 -17.12
N ALA V 167 10.12 24.40 -18.31
CA ALA V 167 9.26 23.53 -19.08
C ALA V 167 10.02 22.27 -19.42
N LEU V 168 9.40 21.12 -19.19
CA LEU V 168 9.97 19.88 -19.67
C LEU V 168 9.83 19.81 -21.17
N GLU V 169 10.84 19.25 -21.84
CA GLU V 169 10.79 19.04 -23.28
C GLU V 169 11.05 17.58 -23.56
N SER V 170 10.02 16.86 -23.97
CA SER V 170 10.17 15.49 -24.42
C SER V 170 10.30 15.49 -25.94
N LYS V 171 11.34 14.83 -26.43
CA LYS V 171 11.58 14.66 -27.84
C LYS V 171 10.89 13.43 -28.41
N SER V 172 9.87 12.93 -27.72
CA SER V 172 9.22 11.67 -28.09
C SER V 172 8.22 11.91 -29.21
N SER V 173 7.38 10.93 -29.47
CA SER V 173 6.32 11.13 -30.44
C SER V 173 5.14 11.83 -29.76
N TRP V 174 4.34 12.49 -30.57
CA TRP V 174 3.21 13.26 -30.09
C TRP V 174 2.14 12.34 -29.52
N PRO V 175 1.39 12.80 -28.52
CA PRO V 175 0.31 11.98 -27.96
C PRO V 175 -0.82 11.82 -28.96
N ALA V 176 -1.72 10.88 -28.65
CA ALA V 176 -2.74 10.48 -29.61
C ALA V 176 -3.80 11.55 -29.80
N SER V 177 -4.03 12.40 -28.80
CA SER V 177 -5.00 13.47 -28.94
C SER V 177 -4.49 14.61 -29.81
N THR V 178 -3.18 14.68 -30.06
CA THR V 178 -2.61 15.68 -30.95
C THR V 178 -2.51 15.21 -32.39
N GLN V 179 -3.28 14.19 -32.76
CA GLN V 179 -3.11 13.57 -34.08
C GLN V 179 -3.79 14.39 -35.17
N GLU V 180 -5.11 14.59 -35.03
CA GLU V 180 -5.89 15.27 -36.05
C GLU V 180 -5.64 16.77 -36.09
N GLY V 181 -4.93 17.31 -35.11
CA GLY V 181 -4.54 18.70 -35.09
C GLY V 181 -3.40 19.01 -36.02
N LEU V 182 -2.87 20.23 -35.88
CA LEU V 182 -1.87 20.85 -36.76
C LEU V 182 -2.38 20.82 -38.20
N ARG V 183 -3.43 21.60 -38.40
CA ARG V 183 -4.13 21.64 -39.68
C ARG V 183 -3.53 22.75 -40.56
N ILE V 184 -2.24 22.61 -40.82
CA ILE V 184 -1.52 23.47 -41.74
C ILE V 184 -1.35 22.78 -43.09
N GLN V 185 -2.16 21.77 -43.39
CA GLN V 185 -2.02 21.01 -44.62
C GLN V 185 -2.46 21.86 -45.80
N ASN V 186 -3.71 22.32 -45.76
CA ASN V 186 -4.17 23.23 -46.79
C ASN V 186 -3.70 24.66 -46.57
N TRP V 187 -3.13 24.98 -45.40
CA TRP V 187 -2.60 26.32 -45.19
C TRP V 187 -1.14 26.44 -45.61
N LEU V 188 -0.24 25.60 -45.09
CA LEU V 188 1.14 25.62 -45.55
C LEU V 188 1.47 24.47 -46.51
N SER V 189 1.43 23.23 -46.02
CA SER V 189 1.56 21.95 -46.75
C SER V 189 1.42 20.83 -45.73
N ALA V 190 1.08 19.64 -46.21
CA ALA V 190 1.17 18.45 -45.36
C ALA V 190 2.61 18.08 -45.04
N LYS V 191 3.56 18.45 -45.92
CA LYS V 191 4.97 18.15 -45.66
C LYS V 191 5.51 19.02 -44.52
N VAL V 192 5.14 20.30 -44.50
CA VAL V 192 5.52 21.18 -43.39
C VAL V 192 4.84 20.71 -42.11
N ARG V 193 3.60 20.22 -42.22
CA ARG V 193 2.90 19.60 -41.08
C ARG V 193 3.71 18.43 -40.52
N LYS V 194 4.19 17.56 -41.40
CA LYS V 194 4.89 16.37 -40.95
C LYS V 194 6.27 16.73 -40.41
N GLN V 195 6.90 17.78 -40.96
CA GLN V 195 8.20 18.21 -40.47
C GLN V 195 8.11 18.96 -39.13
N LEU V 196 7.01 19.68 -38.90
CA LEU V 196 6.77 20.24 -37.58
C LEU V 196 6.30 19.18 -36.58
N ARG V 197 5.71 18.10 -37.09
CA ARG V 197 5.39 16.96 -36.23
C ARG V 197 6.67 16.30 -35.72
N LEU V 198 7.73 16.32 -36.52
CA LEU V 198 9.00 15.73 -36.09
C LEU V 198 9.68 16.54 -35.00
N LYS V 199 9.25 17.77 -34.75
CA LYS V 199 9.90 18.57 -33.74
C LYS V 199 9.35 18.22 -32.34
N PRO V 200 10.14 18.43 -31.29
CA PRO V 200 9.72 18.03 -29.95
C PRO V 200 8.59 18.87 -29.40
N PHE V 201 7.88 18.28 -28.45
CA PHE V 201 6.80 18.91 -27.71
C PHE V 201 7.24 19.25 -26.30
N TYR V 202 6.36 19.93 -25.58
CA TYR V 202 6.72 20.56 -24.31
C TYR V 202 5.68 20.27 -23.24
N LEU V 203 6.10 20.46 -21.99
CA LEU V 203 5.31 20.11 -20.83
C LEU V 203 5.38 21.24 -19.81
N VAL V 204 4.22 21.80 -19.47
CA VAL V 204 4.13 22.82 -18.42
C VAL V 204 3.05 22.37 -17.44
N PRO V 205 3.16 22.73 -16.16
CA PRO V 205 2.16 22.28 -15.19
C PRO V 205 0.97 23.22 -15.12
N LYS V 206 -0.18 22.62 -14.82
CA LYS V 206 -1.28 23.32 -14.15
C LYS V 206 -2.12 22.25 -13.49
N HIS V 207 -2.39 22.41 -12.20
CA HIS V 207 -3.32 21.54 -11.51
C HIS V 207 -4.72 21.71 -12.09
N ALA V 208 -5.49 20.63 -12.08
CA ALA V 208 -6.83 20.64 -12.65
C ALA V 208 -7.73 21.52 -11.79
N LYS V 209 -8.07 22.70 -12.32
CA LYS V 209 -8.79 23.72 -11.58
C LYS V 209 -10.30 23.56 -11.66
N GLU V 210 -10.77 22.32 -11.83
CA GLU V 210 -12.19 22.01 -11.98
C GLU V 210 -12.81 21.89 -10.59
N GLY V 211 -13.17 23.05 -10.05
CA GLY V 211 -13.98 23.13 -8.85
C GLY V 211 -13.26 22.77 -7.56
N ASN V 212 -13.03 21.47 -7.37
CA ASN V 212 -12.35 20.96 -6.17
C ASN V 212 -10.93 20.42 -6.39
N GLY V 213 -10.47 20.34 -7.63
CA GLY V 213 -9.14 19.84 -7.87
C GLY V 213 -8.11 20.85 -7.42
N PHE V 214 -7.19 20.41 -6.57
CA PHE V 214 -6.21 21.26 -5.93
C PHE V 214 -4.87 20.55 -5.93
N GLN V 215 -3.84 21.28 -6.40
CA GLN V 215 -2.44 20.83 -6.48
C GLN V 215 -2.28 19.43 -7.08
N GLU V 216 -3.07 19.15 -8.11
CA GLU V 216 -2.95 17.88 -8.82
C GLU V 216 -1.68 17.90 -9.65
N GLU V 217 -1.13 16.72 -9.91
CA GLU V 217 0.15 16.67 -10.61
C GLU V 217 -0.02 16.52 -12.11
N THR V 218 -0.87 17.35 -12.71
CA THR V 218 -1.17 17.27 -14.12
C THR V 218 -0.18 18.12 -14.92
N TRP V 219 -0.11 17.83 -16.23
CA TRP V 219 0.85 18.46 -17.12
C TRP V 219 0.19 18.71 -18.46
N ARG V 220 0.09 19.98 -18.84
CA ARG V 220 -0.48 20.37 -20.12
C ARG V 220 0.61 20.73 -21.13
N LEU V 221 0.29 20.48 -22.40
CA LEU V 221 1.25 20.61 -23.49
C LEU V 221 1.38 22.07 -23.92
N SER V 222 2.61 22.49 -24.20
CA SER V 222 2.86 23.82 -24.77
C SER V 222 3.21 23.69 -26.24
N PHE V 223 2.96 24.76 -27.00
CA PHE V 223 3.12 24.74 -28.45
C PHE V 223 3.75 26.02 -28.97
N SER V 224 4.59 26.68 -28.15
CA SER V 224 5.03 28.04 -28.43
C SER V 224 5.99 28.10 -29.62
N HIS V 225 6.87 27.11 -29.73
CA HIS V 225 7.92 27.13 -30.74
C HIS V 225 7.38 26.89 -32.15
N ILE V 226 6.37 26.01 -32.28
CA ILE V 226 5.73 25.79 -33.58
C ILE V 226 4.98 27.04 -34.01
N GLU V 227 4.38 27.73 -33.05
CA GLU V 227 3.64 28.94 -33.36
C GLU V 227 4.59 30.08 -33.75
N LYS V 228 5.75 30.17 -33.12
CA LYS V 228 6.76 31.14 -33.53
C LYS V 228 7.31 30.81 -34.92
N GLU V 229 7.52 29.52 -35.20
CA GLU V 229 8.09 29.14 -36.49
C GLU V 229 7.07 29.33 -37.63
N ILE V 230 5.79 29.18 -37.35
CA ILE V 230 4.80 29.50 -38.37
C ILE V 230 4.51 30.99 -38.41
N LEU V 231 4.92 31.74 -37.38
CA LEU V 231 4.90 33.20 -37.54
C LEU V 231 6.07 33.68 -38.38
N ASN V 232 7.14 32.89 -38.46
CA ASN V 232 8.23 33.24 -39.36
C ASN V 232 8.00 32.74 -40.77
N ASN V 233 7.11 31.76 -40.95
CA ASN V 233 6.67 31.27 -42.25
C ASN V 233 5.15 31.13 -42.22
N HIS V 234 4.45 32.18 -42.65
CA HIS V 234 3.00 32.25 -42.46
C HIS V 234 2.23 32.31 -43.76
N GLY V 235 2.88 32.64 -44.87
CA GLY V 235 2.18 32.68 -46.13
C GLY V 235 2.10 31.31 -46.77
N LYS V 236 1.05 31.12 -47.57
CA LYS V 236 1.03 29.99 -48.50
C LYS V 236 2.20 30.08 -49.49
N SER V 237 2.49 31.28 -49.98
CA SER V 237 3.74 31.56 -50.66
C SER V 237 4.86 31.79 -49.66
N LYS V 238 5.98 31.10 -49.86
CA LYS V 238 7.04 30.97 -48.85
C LYS V 238 7.84 32.26 -48.67
N THR V 239 7.66 33.25 -49.55
CA THR V 239 8.33 34.55 -49.45
C THR V 239 7.38 35.64 -48.95
N CYS V 240 6.44 35.28 -48.07
CA CYS V 240 5.49 36.23 -47.52
C CYS V 240 6.15 37.13 -46.48
N CYS V 241 5.92 38.44 -46.62
CA CYS V 241 6.62 39.52 -45.89
C CYS V 241 8.14 39.42 -46.05
N GLU V 242 8.58 38.93 -47.20
CA GLU V 242 10.01 38.84 -47.51
C GLU V 242 10.39 39.59 -48.77
N ASN V 243 9.57 39.51 -49.83
CA ASN V 243 9.67 40.40 -50.97
C ASN V 243 8.46 41.30 -51.06
N LYS V 244 8.64 42.43 -51.75
CA LYS V 244 7.70 43.56 -51.67
C LYS V 244 6.46 43.37 -52.54
N GLU V 245 6.20 42.18 -53.05
CA GLU V 245 4.94 41.87 -53.73
C GLU V 245 3.98 41.08 -52.86
N GLU V 246 4.43 40.60 -51.70
CA GLU V 246 3.64 39.73 -50.85
C GLU V 246 3.63 40.23 -49.41
N LYS V 247 3.52 41.55 -49.24
CA LYS V 247 3.29 42.10 -47.91
C LYS V 247 1.87 41.73 -47.49
N CYS V 248 1.76 40.92 -46.45
CA CYS V 248 0.45 40.47 -46.05
C CYS V 248 0.02 41.22 -44.80
N CYS V 249 -1.09 40.79 -44.24
CA CYS V 249 -1.59 41.34 -42.99
C CYS V 249 -1.77 40.26 -41.92
N ARG V 250 -1.14 39.08 -42.05
CA ARG V 250 -1.27 38.08 -41.00
C ARG V 250 -0.56 38.53 -39.72
N LYS V 251 0.70 38.92 -39.83
CA LYS V 251 1.42 39.45 -38.67
C LYS V 251 0.80 40.75 -38.21
N ASP V 252 0.36 41.56 -39.17
CA ASP V 252 -0.26 42.84 -38.89
C ASP V 252 -1.57 42.67 -38.13
N CYS V 253 -2.52 41.89 -38.68
CA CYS V 253 -3.81 41.72 -38.02
C CYS V 253 -3.69 40.93 -36.73
N LEU V 254 -2.72 40.01 -36.63
CA LEU V 254 -2.51 39.29 -35.39
C LEU V 254 -2.04 40.23 -34.29
N LYS V 255 -1.08 41.10 -34.59
CA LYS V 255 -0.66 42.10 -33.60
C LYS V 255 -1.79 43.08 -33.30
N LEU V 256 -2.66 43.36 -34.28
CA LEU V 256 -3.81 44.23 -34.05
C LEU V 256 -4.79 43.61 -33.05
N MET V 257 -5.10 42.33 -33.26
CA MET V 257 -6.01 41.61 -32.36
C MET V 257 -5.43 41.45 -30.96
N LYS V 258 -4.14 41.12 -30.87
CA LYS V 258 -3.54 40.89 -29.56
C LYS V 258 -3.38 42.20 -28.80
N TYR V 259 -3.06 43.30 -29.51
CA TYR V 259 -2.99 44.61 -28.87
C TYR V 259 -4.37 45.07 -28.43
N LEU V 260 -5.39 44.84 -29.25
CA LEU V 260 -6.76 45.22 -28.88
C LEU V 260 -7.24 44.46 -27.64
N LEU V 261 -6.95 43.16 -27.58
CA LEU V 261 -7.33 42.37 -26.40
C LEU V 261 -6.58 42.83 -25.17
N GLU V 262 -5.29 43.11 -25.30
CA GLU V 262 -4.52 43.52 -24.14
C GLU V 262 -4.81 44.95 -23.70
N GLN V 263 -5.25 45.81 -24.63
CA GLN V 263 -5.72 47.13 -24.20
C GLN V 263 -7.07 47.05 -23.50
N LEU V 264 -7.95 46.12 -23.93
CA LEU V 264 -9.18 45.90 -23.18
C LEU V 264 -8.90 45.34 -21.80
N LYS V 265 -7.95 44.40 -21.70
CA LYS V 265 -7.58 43.83 -20.41
C LYS V 265 -6.81 44.80 -19.53
N GLU V 266 -6.15 45.79 -20.11
CA GLU V 266 -5.50 46.85 -19.34
C GLU V 266 -6.51 47.89 -18.85
N ARG V 267 -7.47 48.25 -19.70
CA ARG V 267 -8.45 49.27 -19.33
C ARG V 267 -9.45 48.73 -18.32
N PHE V 268 -10.04 47.57 -18.60
CA PHE V 268 -11.12 47.02 -17.79
C PHE V 268 -10.62 45.98 -16.79
N LYS V 269 -9.43 46.28 -16.29
CA LYS V 269 -8.59 45.49 -15.39
C LYS V 269 -9.08 45.41 -13.95
N ASP V 270 -10.31 45.84 -13.71
CA ASP V 270 -10.84 45.74 -12.36
C ASP V 270 -10.67 44.28 -11.97
N LYS V 271 -10.33 44.05 -10.70
CA LYS V 271 -10.00 42.71 -10.21
C LYS V 271 -11.06 41.61 -10.31
N LYS V 272 -10.58 40.37 -10.47
CA LYS V 272 -11.45 39.19 -10.56
C LYS V 272 -12.00 38.80 -11.95
N HIS V 273 -11.65 39.53 -13.00
CA HIS V 273 -12.13 39.18 -14.34
C HIS V 273 -11.03 38.90 -15.38
N LEU V 274 -9.88 39.57 -15.21
CA LEU V 274 -8.76 39.45 -16.14
C LEU V 274 -8.07 38.09 -16.28
N ASP V 275 -7.87 37.40 -15.16
CA ASP V 275 -7.16 36.13 -15.14
C ASP V 275 -7.69 35.19 -16.24
N LYS V 276 -8.95 35.36 -16.59
CA LYS V 276 -9.59 34.52 -17.62
C LYS V 276 -9.04 34.54 -19.06
N PHE V 277 -8.60 35.69 -19.56
CA PHE V 277 -8.16 35.79 -20.96
C PHE V 277 -6.67 36.03 -21.28
N SER V 278 -6.21 35.37 -22.33
CA SER V 278 -4.81 35.47 -22.81
C SER V 278 -4.75 35.59 -24.35
N SER V 279 -3.67 36.14 -24.88
CA SER V 279 -3.53 36.33 -26.31
C SER V 279 -3.14 35.04 -27.04
N TYR V 280 -2.86 33.97 -26.29
CA TYR V 280 -2.73 32.65 -26.88
C TYR V 280 -4.06 32.17 -27.48
N HIS V 281 -5.17 32.53 -26.81
CA HIS V 281 -6.49 32.24 -27.33
C HIS V 281 -6.73 32.95 -28.66
N VAL V 282 -6.36 34.24 -28.70
CA VAL V 282 -6.48 35.05 -29.91
C VAL V 282 -5.57 34.51 -31.01
N LYS V 283 -4.40 34.00 -30.65
CA LYS V 283 -3.49 33.45 -31.64
C LYS V 283 -4.02 32.16 -32.24
N THR V 284 -4.63 31.30 -31.41
CA THR V 284 -5.25 30.07 -31.91
C THR V 284 -6.47 30.38 -32.78
N ALA V 285 -7.28 31.35 -32.36
CA ALA V 285 -8.42 31.78 -33.18
C ALA V 285 -7.95 32.39 -34.49
N PHE V 286 -6.82 33.08 -34.47
CA PHE V 286 -6.22 33.62 -35.68
C PHE V 286 -5.70 32.52 -36.61
N PHE V 287 -5.17 31.45 -36.04
CA PHE V 287 -4.77 30.29 -36.85
C PHE V 287 -5.98 29.63 -37.49
N HIS V 288 -7.11 29.59 -36.77
CA HIS V 288 -8.32 29.10 -37.41
C HIS V 288 -8.87 30.10 -38.45
N VAL V 289 -8.59 31.39 -38.30
CA VAL V 289 -8.93 32.35 -39.36
C VAL V 289 -8.05 32.10 -40.58
N CYS V 290 -6.78 31.77 -40.36
CA CYS V 290 -5.89 31.37 -41.44
C CYS V 290 -6.36 30.09 -42.11
N THR V 291 -6.97 29.19 -41.34
CA THR V 291 -7.66 28.04 -41.95
C THR V 291 -8.87 28.51 -42.75
N GLN V 292 -9.58 29.52 -42.27
CA GLN V 292 -10.73 30.07 -42.99
C GLN V 292 -10.28 30.94 -44.16
N ASN V 293 -9.12 31.58 -44.05
CA ASN V 293 -8.57 32.47 -45.09
C ASN V 293 -7.19 31.94 -45.44
N PRO V 294 -7.07 31.01 -46.39
CA PRO V 294 -5.80 30.33 -46.59
C PRO V 294 -4.87 31.04 -47.56
N GLN V 295 -5.43 31.88 -48.41
CA GLN V 295 -4.69 32.44 -49.54
C GLN V 295 -3.99 33.74 -49.13
N ASP V 296 -2.82 33.97 -49.71
CA ASP V 296 -2.14 35.25 -49.55
C ASP V 296 -2.88 36.38 -50.24
N SER V 297 -3.68 36.06 -51.26
CA SER V 297 -4.62 37.02 -51.83
C SER V 297 -5.74 37.34 -50.84
N GLN V 298 -6.09 36.39 -49.97
CA GLN V 298 -7.04 36.61 -48.90
C GLN V 298 -6.36 37.05 -47.60
N TRP V 299 -5.16 37.62 -47.68
CA TRP V 299 -4.52 38.34 -46.59
C TRP V 299 -3.76 39.56 -47.10
N ASP V 300 -4.25 40.17 -48.17
CA ASP V 300 -3.52 41.24 -48.85
C ASP V 300 -3.58 42.54 -48.02
N ARG V 301 -2.74 43.49 -48.39
CA ARG V 301 -2.70 44.79 -47.72
C ARG V 301 -3.99 45.57 -47.92
N LYS V 302 -4.66 45.42 -49.08
CA LYS V 302 -5.98 46.01 -49.24
C LYS V 302 -7.04 45.27 -48.44
N ASP V 303 -6.75 44.05 -48.00
CA ASP V 303 -7.63 43.30 -47.12
C ASP V 303 -7.21 43.40 -45.66
N LEU V 304 -6.46 44.45 -45.29
CA LEU V 304 -6.03 44.63 -43.91
C LEU V 304 -7.22 44.84 -42.98
N GLY V 305 -8.10 45.78 -43.34
CA GLY V 305 -9.32 45.97 -42.58
C GLY V 305 -10.27 44.80 -42.68
N LEU V 306 -10.33 44.14 -43.84
CA LEU V 306 -11.22 43.00 -44.01
C LEU V 306 -10.76 41.80 -43.19
N CYS V 307 -9.45 41.53 -43.17
CA CYS V 307 -8.96 40.41 -42.39
C CYS V 307 -8.97 40.72 -40.89
N PHE V 308 -8.72 41.97 -40.51
CA PHE V 308 -8.90 42.35 -39.10
C PHE V 308 -10.36 42.20 -38.67
N ASP V 309 -11.31 42.57 -39.54
CA ASP V 309 -12.72 42.37 -39.26
C ASP V 309 -13.07 40.89 -39.17
N ASN V 310 -12.48 40.07 -40.05
CA ASN V 310 -12.74 38.63 -40.02
C ASN V 310 -12.18 38.00 -38.76
N CYS V 311 -11.02 38.49 -38.29
CA CYS V 311 -10.47 38.02 -37.03
C CYS V 311 -11.32 38.45 -35.84
N VAL V 312 -11.85 39.68 -35.86
CA VAL V 312 -12.73 40.13 -34.79
C VAL V 312 -14.01 39.30 -34.76
N THR V 313 -14.62 39.09 -35.93
CA THR V 313 -15.87 38.32 -36.00
C THR V 313 -15.66 36.84 -35.68
N TYR V 314 -14.50 36.27 -36.00
CA TYR V 314 -14.30 34.88 -35.62
C TYR V 314 -13.94 34.73 -34.15
N PHE V 315 -13.26 35.72 -33.55
CA PHE V 315 -13.02 35.65 -32.11
C PHE V 315 -14.33 35.85 -31.35
N LEU V 316 -15.21 36.72 -31.86
CA LEU V 316 -16.54 36.83 -31.28
C LEU V 316 -17.38 35.60 -31.55
N GLN V 317 -17.12 34.88 -32.63
CA GLN V 317 -17.75 33.58 -32.84
C GLN V 317 -17.31 32.58 -31.79
N CYS V 318 -16.01 32.57 -31.48
CA CYS V 318 -15.50 31.69 -30.43
C CYS V 318 -15.98 32.10 -29.05
N LEU V 319 -16.23 33.39 -28.83
CA LEU V 319 -16.79 33.84 -27.56
C LEU V 319 -18.29 33.54 -27.44
N ARG V 320 -19.04 33.67 -28.53
CA ARG V 320 -20.48 33.43 -28.45
C ARG V 320 -20.80 31.93 -28.50
N THR V 321 -20.22 31.22 -29.46
CA THR V 321 -20.47 29.79 -29.58
C THR V 321 -19.69 28.96 -28.57
N GLU V 322 -18.80 29.61 -27.78
CA GLU V 322 -18.07 28.99 -26.67
C GLU V 322 -17.15 27.86 -27.13
N LYS V 323 -16.68 27.94 -28.37
CA LYS V 323 -15.88 26.87 -28.96
C LYS V 323 -14.67 27.51 -29.62
N LEU V 324 -13.53 27.40 -28.95
CA LEU V 324 -12.21 27.67 -29.51
C LEU V 324 -11.42 26.38 -29.36
N GLU V 325 -11.44 25.56 -30.41
CA GLU V 325 -10.59 24.37 -30.42
C GLU V 325 -9.14 24.81 -30.52
N ASN V 326 -8.26 24.06 -29.85
CA ASN V 326 -6.84 24.23 -30.07
C ASN V 326 -6.50 23.83 -31.49
N TYR V 327 -5.54 24.55 -32.08
CA TYR V 327 -5.13 24.28 -33.45
C TYR V 327 -4.33 23.01 -33.54
N PHE V 328 -3.79 22.56 -32.41
CA PHE V 328 -3.01 21.34 -32.28
C PHE V 328 -3.80 20.18 -31.71
N ILE V 329 -4.74 20.45 -30.79
CA ILE V 329 -5.64 19.44 -30.26
C ILE V 329 -7.05 19.80 -30.72
N PRO V 330 -7.67 19.05 -31.63
CA PRO V 330 -9.08 19.33 -31.99
C PRO V 330 -10.07 19.03 -30.88
N GLU V 331 -9.69 18.23 -29.89
CA GLU V 331 -10.58 17.83 -28.81
C GLU V 331 -10.34 18.63 -27.54
N PHE V 332 -10.01 19.92 -27.66
CA PHE V 332 -9.70 20.75 -26.50
C PHE V 332 -10.20 22.17 -26.75
N ASN V 333 -11.32 22.51 -26.13
CA ASN V 333 -11.86 23.86 -26.19
C ASN V 333 -11.19 24.71 -25.13
N LEU V 334 -10.56 25.81 -25.54
CA LEU V 334 -9.90 26.71 -24.60
C LEU V 334 -10.88 27.63 -23.89
N PHE V 335 -12.10 27.75 -24.42
CA PHE V 335 -13.12 28.65 -23.89
C PHE V 335 -14.16 27.89 -23.07
N SER V 336 -13.70 26.94 -22.24
CA SER V 336 -14.61 26.16 -21.41
C SER V 336 -15.24 27.03 -20.33
N SER V 337 -16.39 26.56 -19.84
CA SER V 337 -17.23 27.33 -18.93
C SER V 337 -16.72 27.33 -17.49
N ASN V 338 -15.71 26.53 -17.16
CA ASN V 338 -15.20 26.50 -15.80
C ASN V 338 -13.87 27.23 -15.66
N LEU V 339 -13.05 27.22 -16.71
CA LEU V 339 -11.86 28.07 -16.71
C LEU V 339 -12.25 29.54 -16.87
N ILE V 340 -13.29 29.80 -17.66
CA ILE V 340 -13.73 31.16 -17.97
C ILE V 340 -15.19 31.28 -17.57
N ASP V 341 -15.52 32.33 -16.81
CA ASP V 341 -16.88 32.56 -16.36
C ASP V 341 -17.78 32.99 -17.51
N LYS V 342 -19.07 32.71 -17.40
CA LYS V 342 -20.00 33.03 -18.48
C LYS V 342 -20.29 34.52 -18.55
N ARG V 343 -20.37 35.19 -17.39
CA ARG V 343 -20.47 36.65 -17.41
C ARG V 343 -19.19 37.28 -17.95
N SER V 344 -18.05 36.63 -17.73
CA SER V 344 -16.80 37.07 -18.32
C SER V 344 -16.82 36.94 -19.85
N LYS V 345 -17.42 35.86 -20.36
CA LYS V 345 -17.57 35.70 -21.82
C LYS V 345 -18.51 36.75 -22.39
N GLU V 346 -19.63 37.00 -21.68
CA GLU V 346 -20.56 38.04 -22.10
C GLU V 346 -19.91 39.42 -22.06
N PHE V 347 -19.08 39.68 -21.05
CA PHE V 347 -18.41 40.97 -20.92
C PHE V 347 -17.40 41.17 -22.04
N LEU V 348 -16.60 40.15 -22.36
CA LEU V 348 -15.62 40.30 -23.43
C LEU V 348 -16.30 40.38 -24.79
N THR V 349 -17.40 39.63 -24.98
CA THR V 349 -18.18 39.74 -26.22
C THR V 349 -18.77 41.14 -26.35
N LYS V 350 -19.28 41.67 -25.25
CA LYS V 350 -19.87 43.01 -25.23
C LYS V 350 -18.83 44.08 -25.50
N GLN V 351 -17.63 43.94 -24.93
CA GLN V 351 -16.60 44.95 -25.15
C GLN V 351 -16.04 44.90 -26.56
N ILE V 352 -15.90 43.70 -27.13
CA ILE V 352 -15.34 43.63 -28.48
C ILE V 352 -16.39 44.06 -29.51
N GLU V 353 -17.67 43.72 -29.28
CA GLU V 353 -18.74 44.27 -30.12
C GLU V 353 -18.87 45.78 -29.94
N TYR V 354 -18.70 46.27 -28.71
CA TYR V 354 -18.73 47.71 -28.43
C TYR V 354 -17.64 48.44 -29.19
N GLU V 355 -16.42 47.92 -29.18
CA GLU V 355 -15.34 48.55 -29.93
C GLU V 355 -15.49 48.33 -31.44
N ARG V 356 -16.13 47.24 -31.84
CA ARG V 356 -16.29 46.96 -33.27
C ARG V 356 -17.30 47.90 -33.92
N ASN V 357 -18.43 48.13 -33.25
CA ASN V 357 -19.54 48.82 -33.89
C ASN V 357 -19.43 50.34 -33.88
N ASN V 358 -18.34 50.91 -33.38
CA ASN V 358 -18.17 52.36 -33.36
C ASN V 358 -16.83 52.75 -33.97
N GLU V 359 -16.40 51.99 -34.99
CA GLU V 359 -15.22 52.26 -35.82
C GLU V 359 -13.91 52.26 -35.02
N PHE V 360 -13.89 51.61 -33.84
CA PHE V 360 -12.75 51.43 -32.96
C PHE V 360 -12.08 52.73 -32.54
N PRO V 361 -12.67 53.51 -31.62
CA PRO V 361 -12.04 54.76 -31.18
C PRO V 361 -10.84 54.56 -30.26
N VAL V 362 -10.43 53.31 -30.00
CA VAL V 362 -9.22 53.03 -29.24
C VAL V 362 -7.98 53.13 -30.13
N PHE V 363 -8.15 53.20 -31.44
CA PHE V 363 -7.03 53.14 -32.38
C PHE V 363 -6.25 54.45 -32.51
N ASP V 364 -6.62 55.49 -31.78
CA ASP V 364 -5.84 56.73 -31.82
C ASP V 364 -5.37 57.18 -30.43
#